data_8C4T
#
_entry.id   8C4T
#
_cell.length_a   1.00
_cell.length_b   1.00
_cell.length_c   1.00
_cell.angle_alpha   90.00
_cell.angle_beta   90.00
_cell.angle_gamma   90.00
#
_symmetry.space_group_name_H-M   'P 1'
#
loop_
_entity.id
_entity.type
_entity.pdbx_description
1 polymer 'RNA-directed RNA polymerase L'
2 polymer "RNA (5'-R(P*UP*AP*GP*UP*AP*GP*UP*AP*GP*AP*CP*A)-3')"
3 non-polymer 'MAGNESIUM ION'
#
loop_
_entity_poly.entity_id
_entity_poly.type
_entity_poly.pdbx_seq_one_letter_code
_entity_poly.pdbx_strand_id
1 'polypeptide(L)'
;MGHHHHHHDYDIPTTENLYFQGMDKYREIHNKLKEFSPGTLTAVECIDYLDRLYAVRHDIVDQMIKHDWSDNKDSEEAIG
KVLLFAGVPSNIITALEKKIIPNHPTGKSLKAFFKMTPANYKISGTTIEFVEVTVTADVDKGIREKKLKYEAGLTYIEQE
LHKFFLKGEIPQPYKITFNVVAVRTDGSNITTQWPSRRNDGVVQYMRLVQAEISYVREHLIKTEERAALEAMFNLKFNIS
THKSQPYYIPDYKGMEPIGANIEDLVDYSKDWLSRARNFSFFEVKGTAVFECFNSNEANHCQRYPMSRKPRNFLLIQCSL
ITSYKPATTLSDQIDSRRACSYILNLIPDTPASYLIHDMAYRYINLTREDMINYYAPRIQFKQTQNVREPGTFKLTSSML
RAESKAMLDLLNNHKSGEKHGAQIESLNIASHIVQSESVSLITKILSDLELNITEPSTQEYSTTKHTYVDTVLDKFFQNE
TQKYLIDVLKKTTAWHIGHLIRDITESLIAHSGLKRSKYWSLHSYNNGNVILFILPSKSLEVAGSFIRFITVFRIGPGLV
DKDNLDTILIDGDSQWGVSKVMSIDLNRLLALNIAFEKALIATATWFQYYTEDQGQFPLQYAIRSVFANHFLLAICQKMK
LCAIFDNLRYLIPAVTSLYSGFPSLIEKLFERPFKSSLEVYIYYNIKSLLVALAQNNKARFYSKVKLLGLTVDQSTVGAS
GVYPSFMSRIVYKHYRSLISEVTTCFFLFEKGLHGNMNEEAKIHLETVEWALKFREKEEKYGESLVENGYMMWELRANAE
LAEQQLYCQDAIELAAIELNKVLATKSSVVANSILSKNWEEPYFSQTRNISLKGMSGQVQEDGHLSSSVTIIEAIRYLSN
SRHNPSLLKLYEETREQKAMARIVRKYQRTEADRGFFITTLPTRCRLEIIEDYYDAIAKNISEEYISYGGEKKILAIQGA
LEKALRWASGESFIELSNHKFIRMKRKLMYVSADATKWSPGDNSAKFRRFTSMLHNGLPNNKLKNCVIDALKQVYKTDFF
MSRKLRNYIDSMESLDPHIKQFLDFFPDGHHGEVKGNWLQGNLNKCSSLFGVAMSLLFKQVWTNLFPELDCFFEFAHHSD
DALFIYGYLEPVDDGTDWFLFVSQQIQAGHLHWFSVNTEMWKSMFNLHEHILLLGSIKISPKKTTVSPTNAEFLSTFFEG
CAVSIPFVKILLGSLSDLPGLGYFDDLAAAQSRCVKALDLGASPQVAQLAVALCTSKVERLYGTAPGMVNHPAAYLQVKH
TDTPIPLGGNGAMSIMELATAGIGMSDKNLLKRALLGYSHKRQKSMLYILGLFKFLMKLSDETFQHERLGQFSFIGKVQW
KIFTPKSEFEFADMYTSKFLELWSSQHVTYDYIIPKGRDNLLIYLVRKLNDPSIVTAMTMQSPLQLRFRMQAKQHMKVCR
LDGEWVTFREVLAAANSFAENYSATSQDMDLFQTLTSCTFSKEYAWKDFLNGIHCDVIPTKQVQRAKVARTFTVREKDQI
IQNSIPAVIGYKFAVTVEEMSDVLDTAKFPDSLSVDLKTMKDGVYRELGLDISLPDVMKRIAPMLYKSSKSRVVIVQGNV
EGTAEAICRYWLKSMSLVKTIRVKPHKEVLQAVSIFNRKEDIGQQKDLAALKLCIEVWRWCKANSAPYRDWFQALWFEDK
TFSEWLDRFCRVGVPPIDPEIQCAALMIADIKGDYSVLQLQANRRAYSGKQYDAYCVQTYNEVTKLYEGDLRVTFNFGLD
CARLEIFWDKKAYILETSITQKHVLKIMMDEVSKELIKCGMRFNTEQVQGVRHMVLFKTESGFEWGKPNIPCIVYKNCVL
RTSLRTTQAINHKFMITIKDDGLRAIAQHDEDSPRFLLAHAFHTIRDIRYQAVDAVSNVWFIHKGVKLYLNPIISSGLLE
NFMKNLPAAIPPAAYSLIMNRAKISVDLFMFNDLLKLINPRNTLDLSGLETTGDEFSTVSSMSSRLWSEEMSLVDDDEEL
DDEFTIDLQDVDFENIDIEADIEHFLQDESSYTGDLLISTEETESKKMRGIVKILEPVRLIKSWVSRGLSIEKVYSPVNI
ILMSRYISKTFNLSTKQVSLLDPYDLTELESIVRGWGECVIDQFESLDREAQNMVVNKGICPEDVIPDSLFSFRHTMVLL
RRLFPQDSISSFY
;
A
2 'polyribonucleotide' UAGUAGUAGACACCGCAAGA C
#
# COMPACT_ATOMS: atom_id res chain seq x y z
N TYR A 248 37.94 -13.33 -6.06
CA TYR A 248 38.74 -14.02 -5.05
C TYR A 248 38.85 -13.19 -3.77
N ILE A 249 37.94 -12.22 -3.64
CA ILE A 249 37.89 -11.31 -2.49
C ILE A 249 39.24 -10.67 -2.27
N PRO A 250 39.67 -9.73 -3.13
CA PRO A 250 40.98 -9.10 -2.93
C PRO A 250 41.02 -8.28 -1.64
N ASP A 251 42.22 -8.19 -1.07
CA ASP A 251 42.41 -7.44 0.15
C ASP A 251 42.21 -5.94 -0.10
N TYR A 252 41.83 -5.23 0.95
CA TYR A 252 41.57 -3.80 0.88
C TYR A 252 42.12 -3.13 2.14
N LYS A 253 41.89 -1.83 2.25
CA LYS A 253 42.38 -1.04 3.37
C LYS A 253 41.48 -1.32 4.58
N GLY A 254 41.91 -2.27 5.41
CA GLY A 254 41.19 -2.52 6.65
C GLY A 254 41.48 -1.44 7.67
N MET A 255 40.43 -0.94 8.30
CA MET A 255 40.59 0.17 9.24
C MET A 255 41.19 -0.31 10.55
N GLU A 256 42.03 0.54 11.15
CA GLU A 256 42.74 0.24 12.38
C GLU A 256 41.94 0.72 13.58
N PRO A 257 41.68 -0.15 14.56
CA PRO A 257 40.96 0.30 15.77
C PRO A 257 41.77 1.32 16.54
N ILE A 258 41.06 2.20 17.24
CA ILE A 258 41.68 3.21 18.08
C ILE A 258 41.30 2.96 19.53
N GLY A 259 41.88 3.74 20.43
CA GLY A 259 41.67 3.56 21.85
C GLY A 259 40.39 4.18 22.36
N ALA A 260 39.26 3.56 22.05
CA ALA A 260 37.96 4.02 22.52
C ALA A 260 37.58 3.25 23.77
N ASN A 261 37.30 3.97 24.85
CA ASN A 261 37.03 3.38 26.15
C ASN A 261 35.61 3.70 26.58
N ILE A 262 34.91 2.68 27.10
CA ILE A 262 33.56 2.90 27.60
C ILE A 262 33.56 3.82 28.80
N GLU A 263 34.65 3.82 29.57
CA GLU A 263 34.73 4.70 30.74
C GLU A 263 34.73 6.17 30.34
N ASP A 264 35.34 6.49 29.19
CA ASP A 264 35.33 7.86 28.71
C ASP A 264 33.90 8.31 28.40
N LEU A 265 33.13 7.46 27.72
CA LEU A 265 31.74 7.79 27.43
C LEU A 265 30.92 7.87 28.71
N VAL A 266 31.22 7.03 29.69
CA VAL A 266 30.50 7.08 30.96
C VAL A 266 30.79 8.39 31.69
N ASP A 267 32.04 8.83 31.67
CA ASP A 267 32.37 10.12 32.29
C ASP A 267 31.69 11.27 31.56
N TYR A 268 31.66 11.22 30.22
CA TYR A 268 30.96 12.26 29.47
C TYR A 268 29.48 12.26 29.80
N SER A 269 28.90 11.06 29.94
CA SER A 269 27.48 10.96 30.31
C SER A 269 27.24 11.53 31.70
N LYS A 270 28.16 11.28 32.64
CA LYS A 270 28.04 11.87 33.98
C LYS A 270 28.02 13.39 33.89
N ASP A 271 28.99 13.95 33.16
CA ASP A 271 29.07 15.41 33.05
C ASP A 271 27.82 15.98 32.37
N TRP A 272 27.33 15.31 31.32
CA TRP A 272 26.20 15.83 30.56
C TRP A 272 24.89 15.71 31.35
N LEU A 273 24.74 14.65 32.14
CA LEU A 273 23.57 14.41 32.95
C LEU A 273 23.61 15.13 34.29
N SER A 274 24.75 15.72 34.65
CA SER A 274 24.86 16.44 35.91
C SER A 274 24.30 17.86 35.84
N ARG A 275 23.74 18.27 34.69
CA ARG A 275 23.19 19.60 34.51
C ARG A 275 21.73 19.50 34.06
N ALA A 276 21.12 20.66 33.83
CA ALA A 276 19.72 20.72 33.44
C ALA A 276 19.57 20.48 31.94
N ARG A 277 18.64 19.60 31.58
CA ARG A 277 18.39 19.25 30.19
C ARG A 277 16.94 19.57 29.82
N ASN A 278 16.74 20.00 28.57
CA ASN A 278 15.42 20.37 28.08
C ASN A 278 14.75 19.16 27.44
N PHE A 279 13.63 18.74 28.03
CA PHE A 279 12.85 17.66 27.43
C PHE A 279 12.27 18.11 26.11
N SER A 280 12.36 17.24 25.10
CA SER A 280 11.92 17.58 23.75
C SER A 280 10.43 17.33 23.52
N PHE A 281 9.71 16.86 24.54
CA PHE A 281 8.29 16.59 24.42
C PHE A 281 7.52 17.39 25.45
N PHE A 282 6.26 17.64 25.14
CA PHE A 282 5.39 18.47 25.96
C PHE A 282 4.26 17.61 26.53
N GLU A 283 3.99 17.77 27.82
CA GLU A 283 2.88 17.08 28.44
C GLU A 283 1.57 17.58 27.83
N VAL A 284 0.69 16.64 27.48
CA VAL A 284 -0.55 17.00 26.80
C VAL A 284 -1.57 17.46 27.83
N LYS A 285 -2.27 18.54 27.51
CA LYS A 285 -3.35 19.07 28.33
C LYS A 285 -4.41 19.64 27.40
N GLY A 286 -5.65 19.68 27.87
CA GLY A 286 -6.68 20.37 27.12
C GLY A 286 -6.35 21.84 26.91
N THR A 287 -5.82 22.48 27.95
CA THR A 287 -5.44 23.88 27.85
C THR A 287 -4.31 24.08 26.84
N ALA A 288 -3.31 23.20 26.87
CA ALA A 288 -2.18 23.35 25.95
C ALA A 288 -2.60 23.15 24.50
N VAL A 289 -3.42 22.13 24.23
CA VAL A 289 -3.88 21.88 22.87
C VAL A 289 -4.76 23.03 22.39
N PHE A 290 -5.66 23.51 23.25
CA PHE A 290 -6.52 24.62 22.87
C PHE A 290 -5.70 25.88 22.59
N GLU A 291 -4.69 26.15 23.42
CA GLU A 291 -3.84 27.31 23.19
C GLU A 291 -3.05 27.18 21.89
N CYS A 292 -2.55 25.98 21.59
CA CYS A 292 -1.87 25.78 20.33
C CYS A 292 -2.80 26.01 19.15
N PHE A 293 -4.04 25.51 19.24
CA PHE A 293 -5.01 25.73 18.17
C PHE A 293 -5.30 27.21 17.98
N ASN A 294 -5.49 27.94 19.10
CA ASN A 294 -5.80 29.36 19.00
C ASN A 294 -4.65 30.16 18.40
N SER A 295 -3.43 29.90 18.87
CA SER A 295 -2.27 30.62 18.34
C SER A 295 -2.06 30.33 16.87
N ASN A 296 -2.22 29.06 16.46
CA ASN A 296 -2.05 28.72 15.06
C ASN A 296 -3.16 29.32 14.20
N GLU A 297 -4.37 29.41 14.73
CA GLU A 297 -5.44 30.11 14.01
C GLU A 297 -5.08 31.58 13.81
N ALA A 298 -4.58 32.23 14.85
CA ALA A 298 -4.21 33.63 14.75
C ALA A 298 -3.11 33.83 13.71
N ASN A 299 -2.10 32.96 13.70
CA ASN A 299 -1.04 33.07 12.71
C ASN A 299 -1.56 32.79 11.30
N HIS A 300 -2.44 31.79 11.16
CA HIS A 300 -2.96 31.44 9.83
C HIS A 300 -3.85 32.53 9.27
N CYS A 301 -4.50 33.31 10.14
CA CYS A 301 -5.34 34.41 9.65
C CYS A 301 -4.56 35.36 8.77
N GLN A 302 -3.26 35.54 9.03
CA GLN A 302 -2.42 36.41 8.23
C GLN A 302 -1.43 35.66 7.35
N ARG A 303 -1.27 34.35 7.54
CA ARG A 303 -0.34 33.60 6.69
C ARG A 303 -0.78 33.58 5.24
N TYR A 304 -2.08 33.39 5.00
CA TYR A 304 -2.61 33.31 3.64
C TYR A 304 -3.59 34.44 3.38
N PRO A 305 -3.67 34.93 2.14
CA PRO A 305 -4.69 35.93 1.81
C PRO A 305 -6.09 35.37 2.01
N MET A 306 -6.99 36.22 2.49
CA MET A 306 -8.36 35.79 2.73
C MET A 306 -9.10 35.61 1.41
N SER A 307 -9.98 34.61 1.38
CA SER A 307 -10.81 34.30 0.22
C SER A 307 -12.27 34.37 0.64
N ARG A 308 -13.03 35.24 -0.01
CA ARG A 308 -14.44 35.41 0.35
C ARG A 308 -15.32 34.26 -0.16
N LYS A 309 -14.94 33.65 -1.27
CA LYS A 309 -15.75 32.63 -1.91
C LYS A 309 -15.15 31.25 -1.68
N PRO A 310 -15.76 30.38 -0.88
CA PRO A 310 -15.25 29.01 -0.73
C PRO A 310 -15.29 28.28 -2.07
N ARG A 311 -14.28 27.43 -2.29
CA ARG A 311 -14.13 26.77 -3.57
C ARG A 311 -14.88 25.44 -3.59
N ASN A 312 -14.85 24.79 -4.75
CA ASN A 312 -15.59 23.56 -4.95
C ASN A 312 -14.92 22.38 -4.25
N PHE A 313 -15.74 21.42 -3.83
CA PHE A 313 -15.22 20.19 -3.25
C PHE A 313 -15.89 18.93 -3.77
N LEU A 314 -17.04 19.01 -4.44
CA LEU A 314 -17.74 17.86 -4.97
C LEU A 314 -17.38 17.72 -6.45
N LEU A 315 -16.85 16.55 -6.82
CA LEU A 315 -16.45 16.34 -8.21
C LEU A 315 -17.67 16.15 -9.12
N ILE A 316 -18.72 15.51 -8.63
CA ILE A 316 -19.95 15.32 -9.39
C ILE A 316 -21.11 15.70 -8.48
N GLN A 317 -22.04 16.49 -9.01
CA GLN A 317 -23.23 16.92 -8.29
C GLN A 317 -24.46 16.26 -8.90
N CYS A 318 -25.28 15.63 -8.06
CA CYS A 318 -26.50 14.99 -8.52
C CYS A 318 -27.44 14.85 -7.34
N SER A 319 -28.73 14.74 -7.64
CA SER A 319 -29.76 14.65 -6.62
C SER A 319 -30.74 13.55 -6.98
N LEU A 320 -31.18 12.80 -5.97
CA LEU A 320 -32.14 11.72 -6.13
C LEU A 320 -33.25 11.88 -5.10
N ILE A 321 -34.49 11.65 -5.53
CA ILE A 321 -35.63 11.69 -4.64
C ILE A 321 -36.45 10.41 -4.67
N THR A 322 -36.30 9.56 -5.68
CA THR A 322 -36.92 8.24 -5.73
C THR A 322 -35.82 7.18 -5.83
N SER A 323 -36.24 5.92 -5.72
CA SER A 323 -35.29 4.82 -5.83
C SER A 323 -34.71 4.77 -7.24
N TYR A 324 -33.43 4.45 -7.33
CA TYR A 324 -32.71 4.44 -8.59
C TYR A 324 -32.65 3.02 -9.14
N LYS A 325 -32.99 2.87 -10.42
CA LYS A 325 -32.85 1.62 -11.13
C LYS A 325 -31.68 1.70 -12.09
N PRO A 326 -30.82 0.68 -12.15
CA PRO A 326 -29.63 0.77 -13.01
C PRO A 326 -30.01 1.04 -14.46
N ALA A 327 -29.20 1.87 -15.12
CA ALA A 327 -29.52 2.33 -16.45
C ALA A 327 -29.20 1.28 -17.50
N THR A 328 -30.08 1.16 -18.49
CA THR A 328 -29.87 0.32 -19.66
C THR A 328 -30.08 1.17 -20.91
N THR A 329 -29.80 0.57 -22.07
CA THR A 329 -29.82 1.32 -23.32
C THR A 329 -31.21 1.87 -23.60
N LEU A 330 -32.26 1.07 -23.45
CA LEU A 330 -33.61 1.54 -23.70
C LEU A 330 -33.99 2.64 -22.70
N SER A 331 -33.71 2.41 -21.42
CA SER A 331 -33.97 3.42 -20.41
C SER A 331 -33.13 4.67 -20.67
N ASP A 332 -31.88 4.48 -21.12
CA ASP A 332 -31.05 5.62 -21.43
C ASP A 332 -31.66 6.47 -22.54
N GLN A 333 -32.16 5.82 -23.60
CA GLN A 333 -32.75 6.56 -24.72
C GLN A 333 -34.02 7.29 -24.27
N ILE A 334 -34.90 6.60 -23.54
CA ILE A 334 -36.14 7.22 -23.12
C ILE A 334 -35.85 8.41 -22.19
N ASP A 335 -34.93 8.23 -21.24
CA ASP A 335 -34.58 9.30 -20.33
C ASP A 335 -33.90 10.45 -21.05
N SER A 336 -33.08 10.17 -22.07
CA SER A 336 -32.47 11.26 -22.83
C SER A 336 -33.52 12.06 -23.57
N ARG A 337 -34.50 11.40 -24.17
CA ARG A 337 -35.58 12.12 -24.84
C ARG A 337 -36.33 13.01 -23.85
N ARG A 338 -36.72 12.44 -22.71
CA ARG A 338 -37.45 13.21 -21.71
C ARG A 338 -36.62 14.39 -21.21
N ALA A 339 -35.34 14.14 -20.95
CA ALA A 339 -34.47 15.17 -20.40
C ALA A 339 -34.24 16.31 -21.38
N CYS A 340 -34.04 15.98 -22.66
CA CYS A 340 -33.88 17.03 -23.66
C CYS A 340 -35.16 17.83 -23.83
N SER A 341 -36.32 17.15 -23.79
CA SER A 341 -37.59 17.88 -23.85
C SER A 341 -37.73 18.82 -22.67
N TYR A 342 -37.33 18.38 -21.47
CA TYR A 342 -37.38 19.26 -20.30
C TYR A 342 -36.41 20.43 -20.43
N ILE A 343 -35.21 20.17 -20.93
CA ILE A 343 -34.18 21.21 -20.97
C ILE A 343 -34.53 22.28 -21.99
N LEU A 344 -35.05 21.88 -23.15
CA LEU A 344 -35.32 22.84 -24.22
C LEU A 344 -36.40 23.85 -23.82
N ASN A 345 -37.16 23.58 -22.76
CA ASN A 345 -38.16 24.50 -22.24
C ASN A 345 -37.64 25.35 -21.09
N LEU A 346 -36.34 25.64 -21.09
CA LEU A 346 -35.72 26.47 -20.06
C LEU A 346 -34.97 27.62 -20.71
N ILE A 347 -34.79 28.69 -19.95
CA ILE A 347 -34.15 29.91 -20.43
C ILE A 347 -32.69 29.89 -19.99
N PRO A 348 -31.73 29.81 -20.91
CA PRO A 348 -30.33 29.91 -20.52
C PRO A 348 -29.99 31.29 -19.98
N ASP A 349 -29.10 31.32 -19.01
CA ASP A 349 -28.66 32.55 -18.37
C ASP A 349 -27.16 32.73 -18.42
N THR A 350 -26.39 31.65 -18.27
CA THR A 350 -24.95 31.64 -18.22
C THR A 350 -24.40 30.89 -19.44
N PRO A 351 -23.10 31.06 -19.77
CA PRO A 351 -22.55 30.29 -20.88
C PRO A 351 -22.69 28.78 -20.73
N ALA A 352 -22.61 28.26 -19.50
CA ALA A 352 -22.88 26.85 -19.29
C ALA A 352 -24.30 26.49 -19.71
N SER A 353 -25.27 27.30 -19.31
CA SER A 353 -26.66 27.04 -19.70
C SER A 353 -26.84 27.15 -21.20
N TYR A 354 -26.17 28.10 -21.83
CA TYR A 354 -26.26 28.22 -23.29
C TYR A 354 -25.69 26.99 -23.98
N LEU A 355 -24.55 26.48 -23.50
CA LEU A 355 -23.97 25.29 -24.09
C LEU A 355 -24.86 24.08 -23.88
N ILE A 356 -25.44 23.94 -22.69
CA ILE A 356 -26.36 22.85 -22.41
C ILE A 356 -27.57 22.92 -23.34
N HIS A 357 -28.13 24.11 -23.51
CA HIS A 357 -29.28 24.29 -24.39
C HIS A 357 -28.91 23.94 -25.83
N ASP A 358 -27.74 24.37 -26.30
CA ASP A 358 -27.33 24.08 -27.66
C ASP A 358 -27.16 22.58 -27.86
N MET A 359 -26.54 21.88 -26.90
CA MET A 359 -26.31 20.45 -27.07
C MET A 359 -27.61 19.67 -27.00
N ALA A 360 -28.52 20.06 -26.10
CA ALA A 360 -29.81 19.40 -26.04
C ALA A 360 -30.59 19.62 -27.33
N TYR A 361 -30.56 20.83 -27.87
CA TYR A 361 -31.22 21.10 -29.14
C TYR A 361 -30.64 20.25 -30.25
N ARG A 362 -29.31 20.10 -30.29
CA ARG A 362 -28.69 19.27 -31.31
C ARG A 362 -29.10 17.81 -31.16
N TYR A 363 -29.07 17.30 -29.92
CA TYR A 363 -29.37 15.89 -29.70
C TYR A 363 -30.82 15.57 -30.07
N ILE A 364 -31.75 16.43 -29.65
CA ILE A 364 -33.16 16.16 -29.91
C ILE A 364 -33.48 16.27 -31.39
N ASN A 365 -32.60 16.88 -32.19
CA ASN A 365 -32.80 17.03 -33.62
C ASN A 365 -31.95 16.08 -34.44
N LEU A 366 -31.37 15.07 -33.80
CA LEU A 366 -30.65 14.04 -34.55
C LEU A 366 -31.64 13.19 -35.35
N THR A 367 -31.24 12.78 -36.54
CA THR A 367 -32.12 12.03 -37.42
C THR A 367 -32.36 10.63 -36.86
N ARG A 368 -33.34 9.94 -37.44
CA ARG A 368 -33.72 8.62 -36.95
C ARG A 368 -32.57 7.62 -37.10
N GLU A 369 -31.85 7.68 -38.23
CA GLU A 369 -30.72 6.79 -38.42
C GLU A 369 -29.59 7.10 -37.43
N ASP A 370 -29.39 8.37 -37.10
CA ASP A 370 -28.40 8.73 -36.10
C ASP A 370 -28.74 8.14 -34.74
N MET A 371 -30.00 8.28 -34.32
CA MET A 371 -30.42 7.75 -33.03
C MET A 371 -30.45 6.23 -33.03
N ILE A 372 -30.63 5.60 -34.20
CA ILE A 372 -30.51 4.14 -34.28
C ILE A 372 -29.06 3.72 -34.10
N ASN A 373 -28.14 4.41 -34.79
CA ASN A 373 -26.73 4.11 -34.63
C ASN A 373 -26.19 4.57 -33.28
N TYR A 374 -26.73 5.66 -32.74
CA TYR A 374 -26.54 5.97 -31.34
C TYR A 374 -27.15 4.85 -30.50
N TYR A 375 -26.50 4.53 -29.39
CA TYR A 375 -26.86 3.43 -28.49
C TYR A 375 -26.63 2.06 -29.11
N ALA A 376 -26.22 1.97 -30.37
CA ALA A 376 -26.01 0.69 -31.00
C ALA A 376 -24.70 0.07 -30.55
N PRO A 377 -24.60 -1.26 -30.53
CA PRO A 377 -23.34 -1.91 -30.19
C PRO A 377 -22.27 -1.64 -31.24
N ARG A 378 -21.02 -1.96 -30.88
CA ARG A 378 -19.89 -1.65 -31.74
C ARG A 378 -19.99 -2.41 -33.06
N ILE A 379 -20.42 -3.67 -33.02
CA ILE A 379 -20.53 -4.45 -34.25
C ILE A 379 -21.62 -3.89 -35.15
N GLN A 380 -22.77 -3.53 -34.59
CA GLN A 380 -23.90 -3.05 -35.37
C GLN A 380 -23.78 -1.58 -35.75
N PHE A 381 -22.78 -0.87 -35.24
CA PHE A 381 -22.67 0.55 -35.51
C PHE A 381 -22.22 0.82 -36.95
N LYS A 382 -22.80 1.86 -37.55
CA LYS A 382 -22.38 2.35 -38.86
C LYS A 382 -22.17 3.85 -38.78
N GLN A 383 -21.09 4.32 -39.41
CA GLN A 383 -20.77 5.74 -39.36
C GLN A 383 -21.81 6.56 -40.13
N THR A 384 -22.05 7.77 -39.62
CA THR A 384 -23.01 8.69 -40.24
C THR A 384 -22.44 10.10 -40.13
N GLN A 385 -23.12 11.05 -40.78
CA GLN A 385 -22.65 12.44 -40.76
C GLN A 385 -22.67 13.03 -39.36
N ASN A 386 -23.74 12.77 -38.61
CA ASN A 386 -23.93 13.39 -37.30
C ASN A 386 -23.42 12.51 -36.15
N VAL A 387 -23.16 11.24 -36.38
CA VAL A 387 -22.70 10.32 -35.35
C VAL A 387 -21.47 9.58 -35.88
N ARG A 388 -20.38 9.64 -35.13
CA ARG A 388 -19.14 8.99 -35.54
C ARG A 388 -18.75 7.81 -34.67
N GLU A 389 -19.25 7.74 -33.44
CA GLU A 389 -18.98 6.65 -32.52
C GLU A 389 -20.30 6.27 -31.86
N PRO A 390 -20.38 5.05 -31.29
CA PRO A 390 -21.69 4.57 -30.81
C PRO A 390 -22.36 5.48 -29.79
N GLY A 391 -21.60 6.20 -28.97
CA GLY A 391 -22.23 7.04 -27.97
C GLY A 391 -21.84 8.51 -28.04
N THR A 392 -21.70 9.05 -29.25
CA THR A 392 -21.26 10.42 -29.43
C THR A 392 -22.02 11.06 -30.59
N PHE A 393 -21.88 12.38 -30.68
CA PHE A 393 -22.34 13.15 -31.84
C PHE A 393 -21.47 14.38 -31.98
N LYS A 394 -21.45 14.94 -33.18
CA LYS A 394 -20.61 16.08 -33.49
C LYS A 394 -21.32 17.40 -33.24
N LEU A 395 -20.53 18.45 -33.05
CA LEU A 395 -21.04 19.79 -32.77
C LEU A 395 -19.98 20.80 -33.24
N THR A 396 -20.19 21.37 -34.42
CA THR A 396 -19.25 22.36 -34.92
C THR A 396 -19.64 23.75 -34.45
N SER A 397 -18.92 24.76 -34.95
CA SER A 397 -19.22 26.13 -34.59
C SER A 397 -20.52 26.63 -35.21
N SER A 398 -21.03 25.94 -36.23
CA SER A 398 -22.26 26.38 -36.89
C SER A 398 -23.45 26.31 -35.94
N MET A 399 -23.56 25.23 -35.18
CA MET A 399 -24.65 25.06 -34.23
C MET A 399 -24.26 25.47 -32.82
N LEU A 400 -23.27 26.34 -32.66
CA LEU A 400 -22.81 26.82 -31.37
C LEU A 400 -23.06 28.32 -31.26
N ARG A 401 -23.68 28.73 -30.16
CA ARG A 401 -23.96 30.13 -29.92
C ARG A 401 -22.69 30.90 -29.56
N ALA A 402 -22.82 32.22 -29.50
CA ALA A 402 -21.68 33.05 -29.14
C ALA A 402 -21.23 32.79 -27.70
N GLU A 403 -22.19 32.63 -26.78
CA GLU A 403 -21.85 32.37 -25.39
C GLU A 403 -21.19 31.00 -25.23
N SER A 404 -21.68 30.00 -25.97
CA SER A 404 -21.07 28.68 -25.91
C SER A 404 -19.63 28.71 -26.44
N LYS A 405 -19.40 29.44 -27.53
CA LYS A 405 -18.04 29.59 -28.04
C LYS A 405 -17.17 30.32 -27.03
N ALA A 406 -17.72 31.33 -26.35
CA ALA A 406 -16.97 32.05 -25.33
C ALA A 406 -16.56 31.13 -24.18
N MET A 407 -17.48 30.27 -23.73
CA MET A 407 -17.14 29.37 -22.64
C MET A 407 -16.15 28.30 -23.08
N LEU A 408 -16.26 27.83 -24.33
CA LEU A 408 -15.26 26.90 -24.85
C LEU A 408 -13.89 27.56 -24.91
N ASP A 409 -13.83 28.84 -25.30
CA ASP A 409 -12.58 29.58 -25.27
C ASP A 409 -12.05 29.71 -23.83
N LEU A 410 -12.94 29.94 -22.88
CA LEU A 410 -12.54 30.00 -21.47
C LEU A 410 -11.92 28.68 -21.03
N LEU A 411 -12.53 27.56 -21.43
CA LEU A 411 -11.97 26.25 -21.10
C LEU A 411 -10.61 26.05 -21.77
N ASN A 412 -10.49 26.43 -23.04
CA ASN A 412 -9.26 26.23 -23.82
C ASN A 412 -8.39 27.47 -23.84
N ASN A 413 -8.41 28.26 -22.77
CA ASN A 413 -7.54 29.43 -22.63
C ASN A 413 -6.07 29.10 -22.88
N GLN A 423 -0.52 33.59 -5.31
CA GLN A 423 -1.83 33.71 -5.92
C GLN A 423 -2.83 32.77 -5.23
N ILE A 424 -2.32 31.94 -4.33
CA ILE A 424 -3.18 31.00 -3.60
C ILE A 424 -3.76 31.72 -2.38
N GLU A 425 -5.01 31.37 -2.06
CA GLU A 425 -5.73 32.00 -0.97
C GLU A 425 -6.26 30.92 -0.03
N SER A 426 -6.88 31.37 1.06
CA SER A 426 -7.46 30.47 2.05
C SER A 426 -8.64 31.15 2.71
N LEU A 427 -9.54 30.33 3.25
CA LEU A 427 -10.67 30.86 3.99
C LEU A 427 -10.21 31.33 5.38
N ASN A 428 -10.95 32.28 5.93
CA ASN A 428 -10.65 32.82 7.25
C ASN A 428 -11.20 31.85 8.29
N ILE A 429 -10.42 30.80 8.58
CA ILE A 429 -10.88 29.76 9.49
C ILE A 429 -11.07 30.30 10.90
N ALA A 430 -10.31 31.33 11.27
CA ALA A 430 -10.45 31.90 12.60
C ALA A 430 -11.80 32.60 12.80
N SER A 431 -12.51 32.90 11.71
CA SER A 431 -13.80 33.57 11.81
C SER A 431 -14.90 32.56 12.11
N HIS A 432 -15.78 32.91 13.05
CA HIS A 432 -16.89 32.03 13.37
C HIS A 432 -17.91 31.96 12.24
N ILE A 433 -17.98 33.00 11.40
CA ILE A 433 -18.94 33.00 10.31
C ILE A 433 -18.61 31.92 9.29
N VAL A 434 -17.35 31.85 8.88
CA VAL A 434 -16.93 30.86 7.88
C VAL A 434 -17.14 29.45 8.42
N GLN A 435 -16.74 29.22 9.68
CA GLN A 435 -16.90 27.90 10.27
C GLN A 435 -18.37 27.52 10.36
N SER A 436 -19.23 28.46 10.79
CA SER A 436 -20.65 28.16 10.90
C SER A 436 -21.26 27.85 9.54
N GLU A 437 -20.90 28.63 8.51
CA GLU A 437 -21.45 28.36 7.18
C GLU A 437 -20.99 27.01 6.65
N SER A 438 -19.70 26.68 6.81
CA SER A 438 -19.21 25.40 6.33
C SER A 438 -19.87 24.24 7.08
N VAL A 439 -20.00 24.36 8.40
CA VAL A 439 -20.61 23.30 9.18
C VAL A 439 -22.07 23.11 8.76
N SER A 440 -22.80 24.21 8.57
CA SER A 440 -24.19 24.10 8.16
C SER A 440 -24.32 23.44 6.79
N LEU A 441 -23.47 23.83 5.84
CA LEU A 441 -23.54 23.26 4.50
C LEU A 441 -23.25 21.77 4.50
N ILE A 442 -22.16 21.38 5.17
CA ILE A 442 -21.80 19.96 5.17
C ILE A 442 -22.81 19.13 5.98
N THR A 443 -23.35 19.71 7.05
CA THR A 443 -24.38 19.00 7.80
C THR A 443 -25.63 18.80 6.96
N LYS A 444 -26.01 19.81 6.16
CA LYS A 444 -27.14 19.64 5.25
C LYS A 444 -26.87 18.55 4.23
N ILE A 445 -25.66 18.52 3.67
CA ILE A 445 -25.32 17.49 2.69
C ILE A 445 -25.40 16.10 3.32
N LEU A 446 -24.84 15.95 4.53
CA LEU A 446 -24.87 14.66 5.20
C LEU A 446 -26.29 14.25 5.56
N SER A 447 -27.11 15.19 6.00
CA SER A 447 -28.50 14.87 6.32
C SER A 447 -29.26 14.43 5.08
N ASP A 448 -28.99 15.08 3.94
CA ASP A 448 -29.61 14.64 2.69
C ASP A 448 -29.14 13.23 2.32
N LEU A 449 -27.87 12.92 2.58
CA LEU A 449 -27.35 11.60 2.25
C LEU A 449 -27.85 10.52 3.22
N GLU A 450 -28.27 10.90 4.43
CA GLU A 450 -28.80 9.95 5.40
C GLU A 450 -30.29 9.66 5.22
N LEU A 451 -30.99 10.45 4.41
CA LEU A 451 -32.43 10.33 4.29
C LEU A 451 -32.82 8.99 3.69
N ASN A 452 -34.02 8.52 4.04
CA ASN A 452 -34.56 7.29 3.50
C ASN A 452 -35.35 7.58 2.23
N ILE A 453 -35.13 6.77 1.20
CA ILE A 453 -35.86 6.88 -0.06
C ILE A 453 -37.02 5.90 -0.02
N THR A 454 -38.22 6.39 -0.30
CA THR A 454 -39.41 5.55 -0.30
C THR A 454 -40.14 5.62 -1.63
N THR A 471 -25.59 -22.47 4.18
CA THR A 471 -24.64 -22.89 5.19
C THR A 471 -24.83 -22.11 6.48
N VAL A 472 -23.97 -22.40 7.47
CA VAL A 472 -24.02 -21.65 8.73
C VAL A 472 -23.64 -20.20 8.50
N LEU A 473 -22.63 -19.96 7.66
CA LEU A 473 -22.20 -18.60 7.38
C LEU A 473 -23.32 -17.78 6.74
N ASP A 474 -24.08 -18.40 5.85
CA ASP A 474 -25.18 -17.68 5.21
C ASP A 474 -26.23 -17.24 6.23
N LYS A 475 -26.62 -18.15 7.13
CA LYS A 475 -27.62 -17.80 8.13
C LYS A 475 -27.10 -16.75 9.10
N PHE A 476 -25.82 -16.84 9.49
CA PHE A 476 -25.27 -15.84 10.40
C PHE A 476 -25.15 -14.49 9.73
N PHE A 477 -24.77 -14.46 8.45
CA PHE A 477 -24.73 -13.20 7.70
C PHE A 477 -26.11 -12.58 7.63
N GLN A 478 -27.11 -13.37 7.24
CA GLN A 478 -28.47 -12.84 7.12
C GLN A 478 -29.02 -12.40 8.47
N ASN A 479 -28.57 -13.01 9.56
CA ASN A 479 -29.07 -12.63 10.88
C ASN A 479 -28.39 -11.39 11.45
N GLU A 480 -27.08 -11.24 11.24
CA GLU A 480 -26.34 -10.16 11.86
C GLU A 480 -26.02 -9.01 10.91
N THR A 481 -25.41 -9.29 9.76
CA THR A 481 -24.95 -8.22 8.90
C THR A 481 -26.07 -7.70 8.02
N GLN A 482 -26.80 -8.59 7.35
CA GLN A 482 -27.88 -8.16 6.47
C GLN A 482 -28.96 -7.42 7.24
N LYS A 483 -29.33 -7.91 8.42
CA LYS A 483 -30.41 -7.30 9.18
C LYS A 483 -30.04 -5.91 9.66
N TYR A 484 -28.80 -5.70 10.10
CA TYR A 484 -28.43 -4.47 10.78
C TYR A 484 -27.57 -3.52 9.96
N LEU A 485 -26.97 -3.98 8.87
CA LEU A 485 -26.16 -3.10 8.02
C LEU A 485 -26.77 -2.94 6.63
N ILE A 486 -26.93 -4.02 5.88
CA ILE A 486 -27.35 -3.91 4.49
C ILE A 486 -28.81 -3.47 4.40
N ASP A 487 -29.68 -4.07 5.22
CA ASP A 487 -31.08 -3.67 5.21
C ASP A 487 -31.26 -2.22 5.65
N VAL A 488 -30.44 -1.77 6.59
CA VAL A 488 -30.53 -0.37 7.03
C VAL A 488 -30.05 0.56 5.94
N LEU A 489 -28.97 0.21 5.25
CA LEU A 489 -28.40 1.10 4.24
C LEU A 489 -29.08 0.98 2.88
N LYS A 490 -29.96 0.01 2.67
CA LYS A 490 -30.60 -0.16 1.36
C LYS A 490 -31.52 0.98 1.00
N LYS A 491 -32.02 1.73 1.99
CA LYS A 491 -33.01 2.78 1.73
C LYS A 491 -32.42 4.18 1.73
N THR A 492 -31.20 4.36 2.24
CA THR A 492 -30.61 5.69 2.30
C THR A 492 -30.35 6.23 0.90
N THR A 493 -30.50 7.55 0.75
CA THR A 493 -30.20 8.17 -0.53
C THR A 493 -28.73 8.06 -0.90
N ALA A 494 -27.86 7.83 0.08
CA ALA A 494 -26.44 7.63 -0.23
C ALA A 494 -26.25 6.37 -1.07
N TRP A 495 -27.01 5.32 -0.78
CA TRP A 495 -26.91 4.06 -1.53
C TRP A 495 -27.28 4.26 -2.99
N HIS A 496 -28.45 4.84 -3.24
CA HIS A 496 -28.91 5.04 -4.61
C HIS A 496 -28.08 6.08 -5.33
N ILE A 497 -27.59 7.10 -4.61
CA ILE A 497 -26.72 8.09 -5.22
C ILE A 497 -25.38 7.47 -5.58
N GLY A 498 -24.88 6.53 -4.78
CA GLY A 498 -23.69 5.80 -5.17
C GLY A 498 -23.89 4.98 -6.42
N HIS A 499 -25.05 4.33 -6.53
CA HIS A 499 -25.35 3.61 -7.77
C HIS A 499 -25.43 4.56 -8.97
N LEU A 500 -26.06 5.72 -8.77
CA LEU A 500 -26.16 6.71 -9.84
C LEU A 500 -24.77 7.22 -10.25
N ILE A 501 -23.90 7.45 -9.27
CA ILE A 501 -22.54 7.89 -9.57
C ILE A 501 -21.79 6.80 -10.30
N ARG A 502 -22.04 5.53 -9.96
CA ARG A 502 -21.44 4.43 -10.71
C ARG A 502 -21.87 4.46 -12.16
N ASP A 503 -23.16 4.69 -12.41
CA ASP A 503 -23.64 4.78 -13.79
C ASP A 503 -23.02 5.96 -14.53
N ILE A 504 -22.96 7.13 -13.88
CA ILE A 504 -22.40 8.32 -14.50
C ILE A 504 -20.93 8.11 -14.84
N THR A 505 -20.19 7.51 -13.91
CA THR A 505 -18.77 7.26 -14.15
C THR A 505 -18.56 6.18 -15.21
N GLU A 506 -19.45 5.20 -15.30
CA GLU A 506 -19.37 4.24 -16.40
C GLU A 506 -19.55 4.95 -17.74
N SER A 507 -20.52 5.86 -17.83
CA SER A 507 -20.70 6.63 -19.06
C SER A 507 -19.49 7.50 -19.36
N LEU A 508 -18.90 8.11 -18.32
CA LEU A 508 -17.71 8.94 -18.52
C LEU A 508 -16.52 8.12 -18.99
N ILE A 509 -16.33 6.93 -18.41
CA ILE A 509 -15.23 6.07 -18.84
C ILE A 509 -15.42 5.60 -20.27
N ALA A 510 -16.66 5.28 -20.64
CA ALA A 510 -16.94 4.87 -22.02
C ALA A 510 -16.56 5.96 -23.01
N HIS A 511 -16.77 7.23 -22.63
CA HIS A 511 -16.43 8.35 -23.49
C HIS A 511 -14.94 8.65 -23.54
N SER A 512 -14.18 8.19 -22.56
CA SER A 512 -12.76 8.53 -22.43
C SER A 512 -11.85 7.73 -23.35
N GLY A 513 -12.40 7.00 -24.31
CA GLY A 513 -11.57 6.23 -25.21
C GLY A 513 -10.77 7.13 -26.15
N LEU A 514 -9.79 6.51 -26.82
CA LEU A 514 -8.94 7.25 -27.73
C LEU A 514 -9.69 7.76 -28.95
N LYS A 515 -10.87 7.21 -29.25
CA LYS A 515 -11.66 7.61 -30.40
C LYS A 515 -12.87 8.45 -30.05
N ARG A 516 -13.53 8.16 -28.92
CA ARG A 516 -14.76 8.85 -28.56
C ARG A 516 -14.52 10.16 -27.84
N SER A 517 -13.30 10.41 -27.35
CA SER A 517 -13.08 11.56 -26.49
C SER A 517 -13.17 12.89 -27.22
N LYS A 518 -12.96 12.90 -28.54
CA LYS A 518 -12.96 14.16 -29.28
C LYS A 518 -14.36 14.65 -29.62
N TYR A 519 -15.40 13.88 -29.34
CA TYR A 519 -16.76 14.24 -29.67
C TYR A 519 -17.56 14.57 -28.41
N TRP A 520 -18.79 15.01 -28.62
CA TRP A 520 -19.71 15.35 -27.55
C TRP A 520 -20.61 14.16 -27.25
N SER A 521 -21.26 14.19 -26.09
CA SER A 521 -22.15 13.09 -25.73
C SER A 521 -23.19 13.59 -24.74
N LEU A 522 -24.33 12.91 -24.73
CA LEU A 522 -25.44 13.24 -23.84
C LEU A 522 -26.03 11.96 -23.30
N HIS A 523 -26.15 11.87 -21.97
CA HIS A 523 -26.75 10.72 -21.32
C HIS A 523 -27.71 11.19 -20.24
N SER A 524 -28.68 10.35 -19.90
CA SER A 524 -29.67 10.70 -18.89
C SER A 524 -29.94 9.50 -17.98
N TYR A 525 -30.27 9.79 -16.73
CA TYR A 525 -30.50 8.79 -15.72
C TYR A 525 -31.65 9.22 -14.81
N ASN A 526 -32.29 8.22 -14.22
CA ASN A 526 -33.37 8.40 -13.25
C ASN A 526 -34.56 9.13 -13.87
N ASN A 527 -35.12 8.52 -14.91
CA ASN A 527 -36.32 9.03 -15.58
C ASN A 527 -36.13 10.46 -16.07
N GLY A 528 -34.93 10.77 -16.54
CA GLY A 528 -34.64 12.09 -17.04
C GLY A 528 -34.36 13.13 -15.98
N ASN A 529 -34.23 12.73 -14.70
CA ASN A 529 -33.97 13.70 -13.65
C ASN A 529 -32.52 14.15 -13.65
N VAL A 530 -31.58 13.27 -13.98
CA VAL A 530 -30.16 13.59 -14.01
C VAL A 530 -29.69 13.52 -15.45
N ILE A 531 -28.89 14.49 -15.87
CA ILE A 531 -28.41 14.56 -17.25
C ILE A 531 -26.92 14.82 -17.20
N LEU A 532 -26.16 14.11 -18.03
CA LEU A 532 -24.72 14.28 -18.12
C LEU A 532 -24.37 14.69 -19.55
N PHE A 533 -23.69 15.82 -19.69
CA PHE A 533 -23.25 16.35 -20.96
C PHE A 533 -21.73 16.27 -21.01
N ILE A 534 -21.20 15.48 -21.93
CA ILE A 534 -19.76 15.25 -22.01
C ILE A 534 -19.21 16.04 -23.19
N LEU A 535 -18.34 17.00 -22.88
CA LEU A 535 -17.67 17.91 -23.80
C LEU A 535 -16.47 17.23 -24.45
N PRO A 536 -15.97 17.75 -25.57
CA PRO A 536 -14.74 17.21 -26.14
C PRO A 536 -13.59 17.31 -25.16
N SER A 537 -12.78 16.27 -25.11
CA SER A 537 -11.67 16.20 -24.17
C SER A 537 -10.59 15.30 -24.73
N LYS A 538 -9.40 15.40 -24.14
CA LYS A 538 -8.33 14.47 -24.45
C LYS A 538 -8.62 13.13 -23.79
N SER A 539 -8.32 12.05 -24.50
CA SER A 539 -8.58 10.72 -23.97
C SER A 539 -7.75 10.47 -22.72
N LEU A 540 -8.35 9.75 -21.76
CA LEU A 540 -7.67 9.46 -20.51
C LEU A 540 -6.51 8.49 -20.68
N GLU A 541 -6.38 7.87 -21.85
CA GLU A 541 -5.20 7.04 -22.11
C GLU A 541 -3.92 7.88 -22.07
N VAL A 542 -3.96 9.07 -22.65
CA VAL A 542 -2.81 9.95 -22.60
C VAL A 542 -2.62 10.47 -21.18
N ALA A 543 -1.35 10.54 -20.75
CA ALA A 543 -1.05 11.00 -19.41
C ALA A 543 -1.36 12.48 -19.25
N GLY A 544 -1.80 12.84 -18.04
CA GLY A 544 -2.14 14.22 -17.74
C GLY A 544 -3.31 14.74 -18.56
N SER A 545 -4.37 13.95 -18.66
CA SER A 545 -5.54 14.30 -19.47
C SER A 545 -6.77 14.34 -18.58
N PHE A 546 -7.67 15.27 -18.88
CA PHE A 546 -8.89 15.47 -18.12
C PHE A 546 -10.09 15.26 -19.03
N ILE A 547 -11.19 14.77 -18.47
CA ILE A 547 -12.47 14.68 -19.17
C ILE A 547 -13.38 15.75 -18.61
N ARG A 548 -13.97 16.54 -19.50
CA ARG A 548 -14.75 17.71 -19.13
C ARG A 548 -16.24 17.43 -19.36
N PHE A 549 -17.05 17.73 -18.35
CA PHE A 549 -18.47 17.39 -18.41
C PHE A 549 -19.26 18.36 -17.54
N ILE A 550 -20.55 18.43 -17.82
CA ILE A 550 -21.51 19.24 -17.06
C ILE A 550 -22.67 18.33 -16.65
N THR A 551 -23.05 18.40 -15.39
CA THR A 551 -24.17 17.60 -14.89
C THR A 551 -25.33 18.53 -14.54
N VAL A 552 -26.50 18.24 -15.10
CA VAL A 552 -27.71 19.04 -14.89
C VAL A 552 -28.73 18.16 -14.20
N PHE A 553 -29.19 18.59 -13.02
CA PHE A 553 -30.03 17.76 -12.18
C PHE A 553 -31.14 18.60 -11.58
N ARG A 554 -32.26 17.93 -11.28
CA ARG A 554 -33.33 18.56 -10.55
C ARG A 554 -32.90 18.78 -9.10
N ILE A 555 -33.18 19.97 -8.57
CA ILE A 555 -32.69 20.34 -7.25
C ILE A 555 -33.46 19.55 -6.19
N GLY A 556 -32.72 18.89 -5.31
CA GLY A 556 -33.31 18.11 -4.24
C GLY A 556 -32.23 17.58 -3.31
N PRO A 557 -32.62 16.67 -2.41
CA PRO A 557 -31.63 16.05 -1.53
C PRO A 557 -30.56 15.31 -2.31
N GLY A 558 -29.33 15.42 -1.86
CA GLY A 558 -28.23 14.73 -2.50
C GLY A 558 -26.96 15.57 -2.44
N LEU A 559 -26.06 15.29 -3.39
CA LEU A 559 -24.78 15.99 -3.48
C LEU A 559 -24.96 17.31 -4.24
N VAL A 560 -25.63 18.24 -3.56
CA VAL A 560 -25.94 19.55 -4.13
C VAL A 560 -25.20 20.62 -3.34
N ASP A 561 -24.46 21.46 -4.04
CA ASP A 561 -23.76 22.61 -3.47
C ASP A 561 -24.26 23.84 -4.21
N LYS A 562 -25.21 24.56 -3.59
CA LYS A 562 -25.86 25.67 -4.28
C LYS A 562 -24.87 26.77 -4.62
N ASP A 563 -23.92 27.05 -3.73
CA ASP A 563 -22.96 28.13 -3.97
C ASP A 563 -22.06 27.80 -5.16
N ASN A 564 -21.66 26.54 -5.30
CA ASN A 564 -20.75 26.12 -6.36
C ASN A 564 -21.47 25.62 -7.60
N LEU A 565 -22.81 25.67 -7.61
CA LEU A 565 -23.55 25.40 -8.83
C LEU A 565 -23.35 26.52 -9.82
N ASP A 566 -23.20 26.17 -11.09
CA ASP A 566 -23.03 27.20 -12.12
C ASP A 566 -24.28 28.06 -12.25
N THR A 567 -25.46 27.43 -12.24
CA THR A 567 -26.72 28.17 -12.32
C THR A 567 -27.82 27.29 -11.76
N ILE A 568 -28.94 27.91 -11.44
CA ILE A 568 -30.15 27.20 -11.01
C ILE A 568 -31.30 27.75 -11.86
N LEU A 569 -31.60 27.08 -12.96
CA LEU A 569 -32.70 27.49 -13.82
C LEU A 569 -34.04 27.20 -13.13
N ILE A 570 -35.01 28.07 -13.36
CA ILE A 570 -36.29 28.03 -12.69
C ILE A 570 -37.33 27.54 -13.69
N ASP A 571 -37.73 26.28 -13.56
CA ASP A 571 -38.84 25.72 -14.32
C ASP A 571 -40.12 25.86 -13.50
N GLY A 572 -41.25 25.60 -14.15
CA GLY A 572 -42.53 25.73 -13.49
C GLY A 572 -42.64 24.87 -12.24
N ASP A 573 -42.56 25.52 -11.08
CA ASP A 573 -42.56 24.84 -9.78
C ASP A 573 -41.46 23.76 -9.77
N SER A 574 -40.27 24.17 -10.18
CA SER A 574 -39.13 23.25 -10.20
C SER A 574 -37.85 24.05 -10.37
N GLN A 575 -36.74 23.46 -9.94
CA GLN A 575 -35.42 24.06 -10.10
C GLN A 575 -34.48 23.03 -10.70
N TRP A 576 -33.74 23.44 -11.73
CA TRP A 576 -32.77 22.59 -12.41
C TRP A 576 -31.38 23.16 -12.14
N GLY A 577 -30.57 22.40 -11.42
CA GLY A 577 -29.21 22.84 -11.13
C GLY A 577 -28.23 22.47 -12.22
N VAL A 578 -27.60 23.46 -12.83
CA VAL A 578 -26.56 23.25 -13.82
C VAL A 578 -25.21 23.48 -13.13
N SER A 579 -24.35 22.49 -13.16
CA SER A 579 -23.09 22.54 -12.45
C SER A 579 -21.98 23.13 -13.32
N LYS A 580 -20.83 23.36 -12.70
CA LYS A 580 -19.68 23.87 -13.40
C LYS A 580 -19.08 22.78 -14.30
N VAL A 581 -18.32 23.22 -15.30
CA VAL A 581 -17.65 22.28 -16.18
C VAL A 581 -16.51 21.63 -15.40
N MET A 582 -16.70 20.37 -15.01
CA MET A 582 -15.74 19.68 -14.17
C MET A 582 -14.75 18.91 -15.03
N SER A 583 -13.47 19.06 -14.74
CA SER A 583 -12.41 18.32 -15.39
C SER A 583 -11.87 17.30 -14.39
N ILE A 584 -11.95 16.02 -14.75
CA ILE A 584 -11.59 14.92 -13.85
C ILE A 584 -10.55 14.06 -14.54
N ASP A 585 -9.47 13.73 -13.84
CA ASP A 585 -8.44 12.88 -14.38
C ASP A 585 -8.82 11.41 -14.19
N LEU A 586 -7.98 10.51 -14.70
CA LEU A 586 -8.28 9.09 -14.66
C LEU A 586 -8.33 8.56 -13.23
N ASN A 587 -7.40 9.02 -12.38
CA ASN A 587 -7.35 8.55 -11.00
C ASN A 587 -8.66 8.84 -10.28
N ARG A 588 -9.12 10.10 -10.36
CA ARG A 588 -10.35 10.48 -9.65
C ARG A 588 -11.57 9.85 -10.29
N LEU A 589 -11.58 9.65 -11.61
CA LEU A 589 -12.71 9.00 -12.25
C LEU A 589 -12.84 7.55 -11.79
N LEU A 590 -11.72 6.82 -11.74
CA LEU A 590 -11.76 5.46 -11.24
C LEU A 590 -12.08 5.41 -9.76
N ALA A 591 -11.66 6.43 -9.00
CA ALA A 591 -12.04 6.50 -7.58
C ALA A 591 -13.55 6.69 -7.43
N LEU A 592 -14.14 7.53 -8.28
CA LEU A 592 -15.58 7.77 -8.21
C LEU A 592 -16.38 6.58 -8.70
N ASN A 593 -15.81 5.79 -9.62
CA ASN A 593 -16.52 4.62 -10.13
C ASN A 593 -16.79 3.61 -9.02
N ILE A 594 -15.80 3.33 -8.19
CA ILE A 594 -15.90 2.30 -7.13
C ILE A 594 -16.09 2.95 -5.80
N ALA A 595 -16.90 3.96 -5.64
CA ALA A 595 -16.95 4.67 -4.36
C ALA A 595 -18.13 4.27 -3.54
N PHE A 596 -19.10 3.57 -4.10
CA PHE A 596 -20.22 3.02 -3.32
C PHE A 596 -19.67 1.90 -2.51
N GLU A 597 -18.74 1.14 -3.06
CA GLU A 597 -18.15 -0.05 -2.43
C GLU A 597 -17.12 0.37 -1.43
N LYS A 598 -16.30 1.34 -1.74
CA LYS A 598 -15.35 1.89 -0.77
C LYS A 598 -16.13 2.47 0.38
N ALA A 599 -17.28 3.03 0.15
CA ALA A 599 -18.07 3.49 1.29
C ALA A 599 -18.70 2.31 2.03
N LEU A 600 -19.22 1.33 1.28
CA LEU A 600 -19.84 0.17 1.91
C LEU A 600 -18.82 -0.65 2.69
N ILE A 601 -17.62 -0.85 2.12
CA ILE A 601 -16.60 -1.62 2.82
C ILE A 601 -16.14 -0.88 4.07
N ALA A 602 -15.96 0.44 3.98
CA ALA A 602 -15.56 1.20 5.15
C ALA A 602 -16.64 1.14 6.23
N THR A 603 -17.92 1.21 5.83
CA THR A 603 -19.00 1.12 6.80
C THR A 603 -19.06 -0.26 7.45
N ALA A 604 -18.81 -1.31 6.67
CA ALA A 604 -18.77 -2.66 7.24
C ALA A 604 -17.62 -2.81 8.24
N THR A 605 -16.46 -2.26 7.90
CA THR A 605 -15.33 -2.30 8.82
C THR A 605 -15.65 -1.54 10.11
N TRP A 606 -16.25 -0.35 9.98
CA TRP A 606 -16.64 0.41 11.16
C TRP A 606 -17.69 -0.34 11.97
N PHE A 607 -18.60 -1.04 11.30
CA PHE A 607 -19.62 -1.82 11.97
C PHE A 607 -18.99 -2.94 12.80
N GLN A 608 -18.03 -3.66 12.21
CA GLN A 608 -17.35 -4.72 12.94
C GLN A 608 -16.55 -4.16 14.11
N TYR A 609 -15.88 -3.02 13.90
CA TYR A 609 -15.10 -2.43 14.99
C TYR A 609 -16.00 -1.95 16.13
N TYR A 610 -17.16 -1.37 15.80
CA TYR A 610 -18.11 -0.98 16.82
C TYR A 610 -18.62 -2.19 17.59
N THR A 611 -18.89 -3.29 16.88
CA THR A 611 -19.32 -4.51 17.56
C THR A 611 -18.23 -5.03 18.50
N GLU A 612 -16.98 -4.96 18.07
CA GLU A 612 -15.86 -5.38 18.92
C GLU A 612 -15.75 -4.47 20.14
N ASP A 613 -15.97 -3.17 19.96
CA ASP A 613 -15.74 -2.20 21.03
C ASP A 613 -16.87 -2.21 22.05
N GLN A 614 -18.09 -1.88 21.62
CA GLN A 614 -19.20 -1.73 22.55
C GLN A 614 -19.96 -3.04 22.81
N GLY A 615 -19.66 -4.10 22.07
CA GLY A 615 -20.28 -5.38 22.31
C GLY A 615 -21.69 -5.54 21.81
N GLN A 616 -22.24 -4.54 21.12
CA GLN A 616 -23.60 -4.59 20.62
C GLN A 616 -23.64 -3.98 19.22
N PHE A 617 -24.80 -4.06 18.59
CA PHE A 617 -24.93 -3.58 17.23
C PHE A 617 -25.17 -2.08 17.20
N PRO A 618 -24.66 -1.40 16.18
CA PRO A 618 -24.96 0.03 16.03
C PRO A 618 -26.43 0.27 15.75
N LEU A 619 -26.92 1.42 16.18
CA LEU A 619 -28.29 1.82 15.87
C LEU A 619 -28.37 2.30 14.42
N GLN A 620 -29.61 2.45 13.95
CA GLN A 620 -29.82 2.79 12.54
C GLN A 620 -29.25 4.17 12.20
N TYR A 621 -29.51 5.17 13.05
CA TYR A 621 -29.05 6.52 12.74
C TYR A 621 -27.53 6.60 12.72
N ALA A 622 -26.86 5.92 13.65
CA ALA A 622 -25.41 5.96 13.71
C ALA A 622 -24.78 5.36 12.46
N ILE A 623 -25.26 4.19 12.05
CA ILE A 623 -24.70 3.54 10.87
C ILE A 623 -25.05 4.33 9.61
N ARG A 624 -26.23 4.94 9.56
CA ARG A 624 -26.59 5.77 8.42
C ARG A 624 -25.68 6.98 8.30
N SER A 625 -25.41 7.65 9.43
CA SER A 625 -24.51 8.80 9.41
C SER A 625 -23.09 8.39 9.04
N VAL A 626 -22.63 7.25 9.55
CA VAL A 626 -21.30 6.77 9.20
C VAL A 626 -21.20 6.48 7.70
N PHE A 627 -22.22 5.84 7.14
CA PHE A 627 -22.21 5.56 5.71
C PHE A 627 -22.23 6.84 4.90
N ALA A 628 -23.02 7.82 5.32
CA ALA A 628 -23.07 9.10 4.61
C ALA A 628 -21.72 9.80 4.64
N ASN A 629 -21.07 9.83 5.81
CA ASN A 629 -19.75 10.44 5.92
C ASN A 629 -18.72 9.72 5.06
N HIS A 630 -18.73 8.39 5.07
CA HIS A 630 -17.78 7.64 4.26
C HIS A 630 -18.02 7.85 2.78
N PHE A 631 -19.29 7.90 2.36
CA PHE A 631 -19.59 8.17 0.95
C PHE A 631 -19.14 9.57 0.55
N LEU A 632 -19.35 10.56 1.42
CA LEU A 632 -18.91 11.92 1.11
C LEU A 632 -17.39 11.99 0.99
N LEU A 633 -16.68 11.29 1.87
CA LEU A 633 -15.22 11.27 1.77
C LEU A 633 -14.77 10.56 0.49
N ALA A 634 -15.44 9.47 0.12
CA ALA A 634 -15.07 8.75 -1.10
C ALA A 634 -15.39 9.55 -2.35
N ILE A 635 -16.38 10.43 -2.29
CA ILE A 635 -16.74 11.25 -3.44
C ILE A 635 -15.77 12.41 -3.61
N CYS A 636 -15.49 13.13 -2.51
CA CYS A 636 -14.62 14.30 -2.56
C CYS A 636 -13.16 13.85 -2.48
N GLN A 637 -12.68 13.30 -3.60
CA GLN A 637 -11.29 12.87 -3.71
C GLN A 637 -10.43 14.10 -3.97
N LYS A 638 -10.11 14.80 -2.89
CA LYS A 638 -9.31 16.01 -2.94
C LYS A 638 -8.04 15.82 -2.13
N MET A 639 -6.95 16.42 -2.60
CA MET A 639 -5.67 16.25 -1.93
C MET A 639 -5.62 16.94 -0.58
N LYS A 640 -6.34 18.06 -0.43
CA LYS A 640 -6.32 18.77 0.85
C LYS A 640 -6.92 17.91 1.96
N LEU A 641 -8.03 17.23 1.68
CA LEU A 641 -8.62 16.32 2.67
C LEU A 641 -7.70 15.15 2.97
N CYS A 642 -7.02 14.62 1.95
CA CYS A 642 -6.07 13.54 2.18
C CYS A 642 -4.96 13.99 3.10
N ALA A 643 -4.43 15.20 2.89
CA ALA A 643 -3.39 15.73 3.77
C ALA A 643 -3.90 15.94 5.18
N ILE A 644 -5.14 16.43 5.31
CA ILE A 644 -5.70 16.66 6.64
C ILE A 644 -5.84 15.34 7.40
N PHE A 645 -6.30 14.29 6.73
CA PHE A 645 -6.43 13.00 7.39
C PHE A 645 -5.07 12.36 7.67
N ASP A 646 -4.10 12.59 6.79
CA ASP A 646 -2.74 12.13 7.06
C ASP A 646 -2.18 12.78 8.32
N ASN A 647 -2.43 14.08 8.50
CA ASN A 647 -2.01 14.74 9.73
C ASN A 647 -2.79 14.22 10.93
N LEU A 648 -4.09 13.98 10.76
CA LEU A 648 -4.93 13.57 11.89
C LEU A 648 -4.55 12.18 12.40
N ARG A 649 -4.15 11.28 11.51
CA ARG A 649 -3.79 9.93 11.92
C ARG A 649 -2.56 9.92 12.82
N TYR A 650 -1.74 10.96 12.79
CA TYR A 650 -0.64 11.13 13.73
C TYR A 650 -1.00 12.05 14.89
N LEU A 651 -1.93 12.99 14.68
CA LEU A 651 -2.34 13.88 15.74
C LEU A 651 -3.07 13.14 16.85
N ILE A 652 -3.92 12.18 16.48
CA ILE A 652 -4.70 11.46 17.51
C ILE A 652 -3.81 10.69 18.48
N PRO A 653 -2.79 9.94 18.05
CA PRO A 653 -1.90 9.31 19.04
C PRO A 653 -1.16 10.30 19.91
N ALA A 654 -0.96 11.53 19.43
CA ALA A 654 -0.17 12.50 20.19
C ALA A 654 -0.95 13.06 21.38
N VAL A 655 -2.27 13.21 21.26
CA VAL A 655 -3.05 13.82 22.32
C VAL A 655 -3.53 12.81 23.36
N THR A 656 -3.47 11.51 23.07
CA THR A 656 -3.84 10.47 24.01
C THR A 656 -2.62 9.90 24.74
N SER A 657 -1.46 10.50 24.55
CA SER A 657 -0.21 10.05 25.15
C SER A 657 0.16 10.97 26.29
N LEU A 658 1.02 10.47 27.18
CA LEU A 658 1.43 11.29 28.32
C LEU A 658 2.28 12.48 27.88
N TYR A 659 3.28 12.23 27.05
CA TYR A 659 4.12 13.29 26.49
C TYR A 659 4.25 13.06 24.99
N SER A 660 4.08 14.12 24.21
CA SER A 660 4.21 14.01 22.77
C SER A 660 4.53 15.39 22.21
N GLY A 661 5.00 15.39 20.96
CA GLY A 661 5.28 16.63 20.27
C GLY A 661 4.10 17.14 19.48
N PHE A 662 2.96 17.28 20.14
CA PHE A 662 1.72 17.71 19.49
C PHE A 662 1.74 19.17 19.02
N PRO A 663 2.48 20.11 19.65
CA PRO A 663 2.53 21.46 19.07
C PRO A 663 3.07 21.48 17.65
N SER A 664 4.09 20.67 17.37
CA SER A 664 4.63 20.61 16.02
C SER A 664 3.61 20.03 15.05
N LEU A 665 2.87 19.00 15.48
CA LEU A 665 1.87 18.40 14.61
C LEU A 665 0.73 19.37 14.31
N ILE A 666 0.30 20.13 15.31
CA ILE A 666 -0.75 21.13 15.09
C ILE A 666 -0.25 22.23 14.16
N GLU A 667 1.00 22.67 14.35
CA GLU A 667 1.58 23.67 13.46
C GLU A 667 1.63 23.16 12.03
N LYS A 668 2.02 21.89 11.84
CA LYS A 668 2.02 21.31 10.51
C LYS A 668 0.61 21.19 9.95
N LEU A 669 -0.38 20.94 10.81
CA LEU A 669 -1.77 20.92 10.37
C LEU A 669 -2.19 22.26 9.83
N PHE A 670 -1.79 23.35 10.48
CA PHE A 670 -2.16 24.70 10.07
C PHE A 670 -1.30 25.25 8.94
N GLU A 671 -0.51 24.41 8.27
CA GLU A 671 0.29 24.86 7.14
C GLU A 671 -0.41 24.67 5.79
N ARG A 672 -1.73 24.63 5.76
CA ARG A 672 -2.41 24.46 4.49
C ARG A 672 -3.50 25.52 4.31
N PRO A 673 -3.82 25.88 3.06
CA PRO A 673 -4.97 26.76 2.83
C PRO A 673 -6.26 25.96 2.86
N PHE A 674 -7.24 26.46 3.60
CA PHE A 674 -8.53 25.79 3.73
C PHE A 674 -9.53 26.38 2.73
N LYS A 675 -9.27 26.08 1.46
CA LYS A 675 -10.04 26.69 0.38
C LYS A 675 -11.47 26.17 0.33
N SER A 676 -11.64 24.85 0.41
CA SER A 676 -12.97 24.26 0.28
C SER A 676 -13.76 24.42 1.58
N SER A 677 -15.07 24.26 1.46
CA SER A 677 -15.93 24.30 2.63
C SER A 677 -16.00 22.96 3.37
N LEU A 678 -15.54 21.88 2.73
CA LEU A 678 -15.42 20.61 3.43
C LEU A 678 -14.21 20.60 4.35
N GLU A 679 -13.11 21.23 3.92
CA GLU A 679 -11.91 21.27 4.73
C GLU A 679 -12.14 22.04 6.03
N VAL A 680 -12.95 23.10 5.98
CA VAL A 680 -13.28 23.83 7.21
C VAL A 680 -14.10 22.96 8.15
N TYR A 681 -15.05 22.21 7.62
CA TYR A 681 -15.87 21.31 8.45
C TYR A 681 -15.00 20.25 9.11
N ILE A 682 -14.11 19.63 8.35
CA ILE A 682 -13.26 18.58 8.89
C ILE A 682 -12.27 19.17 9.89
N TYR A 683 -11.76 20.36 9.61
CA TYR A 683 -10.84 21.00 10.55
C TYR A 683 -11.55 21.30 11.87
N TYR A 684 -12.78 21.80 11.81
CA TYR A 684 -13.55 22.05 13.02
C TYR A 684 -13.78 20.75 13.79
N ASN A 685 -14.11 19.68 13.08
CA ASN A 685 -14.34 18.39 13.72
C ASN A 685 -13.08 17.89 14.41
N ILE A 686 -11.93 17.95 13.73
CA ILE A 686 -10.70 17.45 14.32
C ILE A 686 -10.26 18.32 15.48
N LYS A 687 -10.48 19.64 15.39
CA LYS A 687 -10.13 20.51 16.51
C LYS A 687 -10.95 20.14 17.74
N SER A 688 -12.26 19.99 17.58
CA SER A 688 -13.09 19.61 18.71
C SER A 688 -12.69 18.24 19.26
N LEU A 689 -12.43 17.28 18.36
CA LEU A 689 -12.08 15.93 18.80
C LEU A 689 -10.76 15.92 19.57
N LEU A 690 -9.76 16.64 19.08
CA LEU A 690 -8.46 16.65 19.74
C LEU A 690 -8.53 17.38 21.08
N VAL A 691 -9.29 18.48 21.15
CA VAL A 691 -9.43 19.17 22.42
C VAL A 691 -10.15 18.28 23.43
N ALA A 692 -11.16 17.55 22.99
CA ALA A 692 -11.83 16.61 23.91
C ALA A 692 -10.91 15.48 24.34
N LEU A 693 -10.12 14.95 23.40
CA LEU A 693 -9.23 13.84 23.72
C LEU A 693 -8.16 14.24 24.72
N ALA A 694 -7.57 15.43 24.54
CA ALA A 694 -6.52 15.88 25.46
C ALA A 694 -7.08 16.13 26.86
N GLN A 695 -8.34 16.54 26.96
CA GLN A 695 -8.92 16.84 28.26
C GLN A 695 -9.16 15.60 29.10
N ASN A 696 -9.17 14.42 28.49
CA ASN A 696 -9.41 13.18 29.22
C ASN A 696 -8.11 12.45 29.51
N VAL A 722 -12.70 6.38 27.79
CA VAL A 722 -13.74 6.95 26.94
C VAL A 722 -13.11 7.80 25.84
N TYR A 723 -13.32 7.39 24.60
CA TYR A 723 -12.73 8.06 23.45
C TYR A 723 -13.84 8.51 22.50
N PRO A 724 -14.08 9.80 22.33
CA PRO A 724 -15.14 10.26 21.42
C PRO A 724 -14.87 9.84 19.99
N SER A 725 -15.94 9.54 19.26
CA SER A 725 -15.83 9.17 17.87
C SER A 725 -15.63 10.43 17.02
N PHE A 726 -15.19 10.21 15.78
CA PHE A 726 -14.90 11.31 14.86
C PHE A 726 -16.05 11.60 13.91
N MET A 727 -16.84 10.60 13.52
CA MET A 727 -17.94 10.77 12.59
C MET A 727 -19.28 10.32 13.18
N SER A 728 -19.38 10.35 14.51
CA SER A 728 -20.62 9.97 15.19
C SER A 728 -20.63 10.64 16.56
N ARG A 729 -21.75 10.50 17.26
CA ARG A 729 -21.90 11.01 18.61
C ARG A 729 -21.60 9.95 19.67
N ILE A 730 -21.13 8.77 19.26
CA ILE A 730 -20.82 7.71 20.19
C ILE A 730 -19.45 7.95 20.82
N VAL A 731 -19.21 7.31 21.95
CA VAL A 731 -17.92 7.33 22.63
C VAL A 731 -17.42 5.90 22.76
N TYR A 732 -16.20 5.66 22.30
CA TYR A 732 -15.63 4.32 22.32
C TYR A 732 -15.07 3.98 23.69
N LYS A 733 -14.93 2.68 23.95
CA LYS A 733 -14.29 2.20 25.16
C LYS A 733 -12.81 1.90 24.97
N HIS A 734 -12.33 1.85 23.73
CA HIS A 734 -10.94 1.50 23.44
C HIS A 734 -10.38 2.47 22.42
N TYR A 735 -9.10 2.83 22.61
CA TYR A 735 -8.44 3.74 21.68
C TYR A 735 -8.24 3.11 20.31
N ARG A 736 -8.16 1.78 20.26
CA ARG A 736 -7.93 1.10 18.98
C ARG A 736 -9.09 1.34 18.03
N SER A 737 -10.32 1.38 18.54
CA SER A 737 -11.47 1.62 17.68
C SER A 737 -11.40 2.99 17.04
N LEU A 738 -11.06 4.03 17.83
CA LEU A 738 -10.98 5.38 17.28
C LEU A 738 -9.85 5.51 16.27
N ILE A 739 -8.68 4.94 16.58
CA ILE A 739 -7.56 5.06 15.65
C ILE A 739 -7.85 4.27 14.37
N SER A 740 -8.52 3.12 14.48
CA SER A 740 -8.91 2.38 13.30
C SER A 740 -9.95 3.12 12.49
N GLU A 741 -10.85 3.84 13.14
CA GLU A 741 -11.85 4.63 12.43
C GLU A 741 -11.20 5.73 11.61
N VAL A 742 -10.27 6.48 12.22
CA VAL A 742 -9.64 7.54 11.45
C VAL A 742 -8.71 6.97 10.37
N THR A 743 -8.10 5.80 10.63
CA THR A 743 -7.31 5.15 9.58
C THR A 743 -8.19 4.73 8.41
N THR A 744 -9.37 4.21 8.69
CA THR A 744 -10.31 3.84 7.64
C THR A 744 -10.74 5.07 6.84
N CYS A 745 -10.99 6.19 7.52
CA CYS A 745 -11.30 7.42 6.81
C CYS A 745 -10.12 7.86 5.93
N PHE A 746 -8.90 7.66 6.43
CA PHE A 746 -7.72 8.03 5.64
C PHE A 746 -7.53 7.14 4.42
N PHE A 747 -7.90 5.87 4.52
CA PHE A 747 -7.69 4.94 3.42
C PHE A 747 -8.69 5.08 2.29
N LEU A 748 -9.74 5.89 2.47
CA LEU A 748 -10.71 6.12 1.40
C LEU A 748 -10.17 7.00 0.29
N PHE A 749 -9.00 7.61 0.47
CA PHE A 749 -8.41 8.49 -0.52
C PHE A 749 -7.39 7.72 -1.34
N GLU A 750 -7.51 7.82 -2.66
CA GLU A 750 -6.62 7.08 -3.55
C GLU A 750 -5.20 7.63 -3.51
N LYS A 751 -4.24 6.76 -3.77
CA LYS A 751 -2.85 7.17 -3.83
C LYS A 751 -2.60 7.94 -5.12
N GLY A 752 -1.93 9.09 -5.01
CA GLY A 752 -1.58 9.86 -6.19
C GLY A 752 -2.52 11.02 -6.45
N LEU A 753 -2.97 11.68 -5.39
CA LEU A 753 -3.81 12.86 -5.51
C LEU A 753 -3.00 14.15 -5.57
N HIS A 754 -1.67 14.06 -5.57
CA HIS A 754 -0.84 15.24 -5.62
C HIS A 754 -0.92 15.90 -7.00
N GLY A 755 -0.43 17.14 -7.06
CA GLY A 755 -0.23 17.79 -8.34
C GLY A 755 0.78 17.03 -9.17
N ASN A 756 0.45 16.77 -10.44
CA ASN A 756 1.33 15.98 -11.28
C ASN A 756 2.68 16.67 -11.49
N MET A 757 2.67 18.01 -11.50
CA MET A 757 3.88 18.76 -11.80
C MET A 757 4.57 19.32 -10.57
N ASN A 758 3.83 19.85 -9.62
CA ASN A 758 4.45 20.41 -8.41
C ASN A 758 4.59 19.36 -7.32
N GLU A 759 5.11 18.20 -7.70
CA GLU A 759 5.59 17.18 -6.76
C GLU A 759 6.94 16.61 -7.12
N GLU A 760 7.31 16.61 -8.40
CA GLU A 760 8.65 16.21 -8.81
C GLU A 760 9.70 17.17 -8.26
N ALA A 761 9.35 18.43 -8.08
CA ALA A 761 10.24 19.37 -7.41
C ALA A 761 10.27 19.14 -5.91
N LYS A 762 9.12 18.83 -5.31
CA LYS A 762 9.05 18.62 -3.88
C LYS A 762 9.90 17.42 -3.46
N ILE A 763 9.89 16.35 -4.26
CA ILE A 763 10.68 15.18 -3.92
C ILE A 763 12.17 15.44 -4.08
N HIS A 764 12.57 16.43 -4.91
CA HIS A 764 13.97 16.78 -5.06
C HIS A 764 14.46 17.74 -3.98
N LEU A 765 13.54 18.56 -3.44
CA LEU A 765 13.95 19.63 -2.54
C LEU A 765 14.62 19.08 -1.28
N GLU A 766 14.09 18.02 -0.71
CA GLU A 766 14.64 17.49 0.54
C GLU A 766 16.08 17.01 0.35
N THR A 767 16.31 16.23 -0.71
CA THR A 767 17.66 15.74 -0.98
C THR A 767 18.62 16.89 -1.25
N VAL A 768 18.19 17.88 -2.06
CA VAL A 768 19.08 18.99 -2.36
C VAL A 768 19.40 19.78 -1.10
N GLU A 769 18.39 20.04 -0.26
CA GLU A 769 18.61 20.81 0.95
C GLU A 769 19.56 20.10 1.91
N TRP A 770 19.40 18.79 2.07
CA TRP A 770 20.27 18.10 3.00
C TRP A 770 21.69 17.94 2.43
N ALA A 771 21.82 17.82 1.10
CA ALA A 771 23.15 17.84 0.51
C ALA A 771 23.84 19.18 0.74
N LEU A 772 23.09 20.28 0.63
CA LEU A 772 23.65 21.60 0.90
C LEU A 772 24.06 21.72 2.37
N LYS A 773 23.25 21.18 3.28
CA LYS A 773 23.63 21.19 4.70
C LYS A 773 24.90 20.38 4.93
N PHE A 774 25.03 19.24 4.25
CA PHE A 774 26.25 18.44 4.36
C PHE A 774 27.46 19.21 3.86
N ARG A 775 27.32 19.92 2.73
CA ARG A 775 28.41 20.73 2.23
C ARG A 775 28.79 21.84 3.21
N GLU A 776 27.78 22.47 3.83
CA GLU A 776 28.05 23.50 4.81
C GLU A 776 28.82 22.94 6.00
N LYS A 777 28.42 21.76 6.48
CA LYS A 777 29.14 21.14 7.59
C LYS A 777 30.57 20.78 7.19
N GLU A 778 30.74 20.30 5.96
CA GLU A 778 32.08 19.97 5.47
C GLU A 778 32.98 21.21 5.43
N GLU A 779 32.42 22.33 4.95
CA GLU A 779 33.22 23.56 4.90
C GLU A 779 33.52 24.09 6.29
N LYS A 780 32.57 23.94 7.22
CA LYS A 780 32.75 24.48 8.57
C LYS A 780 33.77 23.67 9.36
N TYR A 781 33.66 22.34 9.32
CA TYR A 781 34.49 21.48 10.16
C TYR A 781 35.64 20.82 9.41
N GLY A 782 35.67 20.88 8.10
CA GLY A 782 36.69 20.18 7.35
C GLY A 782 36.19 18.87 6.79
N GLU A 783 36.73 18.48 5.63
CA GLU A 783 36.29 17.26 4.98
C GLU A 783 36.62 16.02 5.81
N SER A 784 37.81 16.00 6.42
CA SER A 784 38.23 14.81 7.15
C SER A 784 37.36 14.58 8.37
N LEU A 785 37.01 15.64 9.11
CA LEU A 785 36.23 15.46 10.34
C LEU A 785 34.86 14.88 10.04
N VAL A 786 34.19 15.38 9.00
CA VAL A 786 32.85 14.90 8.68
C VAL A 786 32.90 13.46 8.17
N GLU A 787 33.88 13.15 7.30
CA GLU A 787 33.95 11.82 6.71
C GLU A 787 34.35 10.77 7.74
N ASN A 788 35.33 11.07 8.58
CA ASN A 788 35.86 10.10 9.54
C ASN A 788 35.22 10.20 10.91
N GLY A 789 34.49 11.26 11.19
CA GLY A 789 33.91 11.41 12.52
C GLY A 789 34.82 12.16 13.46
N TYR A 790 34.20 12.79 14.45
CA TYR A 790 34.94 13.58 15.44
C TYR A 790 35.29 12.73 16.66
N MET A 791 36.46 13.02 17.23
CA MET A 791 36.92 12.31 18.41
C MET A 791 36.08 12.71 19.62
N MET A 792 36.21 11.92 20.70
CA MET A 792 35.44 12.20 21.90
C MET A 792 35.87 13.50 22.55
N TRP A 793 37.18 13.78 22.57
CA TRP A 793 37.64 15.03 23.15
C TRP A 793 37.17 16.24 22.35
N GLU A 794 37.03 16.09 21.03
CA GLU A 794 36.47 17.17 20.23
C GLU A 794 35.03 17.46 20.64
N LEU A 795 34.25 16.41 20.90
CA LEU A 795 32.89 16.61 21.39
C LEU A 795 32.89 17.26 22.77
N ARG A 796 33.79 16.83 23.64
CA ARG A 796 33.85 17.41 24.98
C ARG A 796 34.25 18.87 24.96
N ALA A 797 35.07 19.28 23.98
CA ALA A 797 35.50 20.67 23.90
C ALA A 797 34.45 21.54 23.22
N ASN A 798 33.93 21.08 22.08
CA ASN A 798 33.04 21.92 21.28
C ASN A 798 31.59 21.83 21.76
N ALA A 799 31.08 20.62 21.90
CA ALA A 799 29.72 20.29 22.34
C ALA A 799 28.66 20.69 21.32
N GLU A 800 29.03 21.34 20.22
CA GLU A 800 28.14 21.59 19.11
C GLU A 800 28.30 20.58 17.99
N LEU A 801 29.22 19.61 18.15
CA LEU A 801 29.42 18.58 17.14
C LEU A 801 28.34 17.53 17.20
N ALA A 802 27.69 17.35 18.34
CA ALA A 802 26.67 16.32 18.53
C ALA A 802 25.40 16.74 17.81
N GLU A 803 25.36 16.49 16.50
CA GLU A 803 24.20 16.79 15.68
C GLU A 803 24.11 15.75 14.58
N GLN A 804 23.10 15.91 13.72
CA GLN A 804 22.95 15.01 12.59
C GLN A 804 24.05 15.27 11.56
N GLN A 805 24.30 14.25 10.73
CA GLN A 805 25.34 14.22 9.71
C GLN A 805 26.74 14.24 10.29
N LEU A 806 26.89 14.18 11.61
CA LEU A 806 28.18 14.08 12.27
C LEU A 806 28.10 12.98 13.32
N TYR A 807 29.09 12.10 13.34
CA TYR A 807 29.11 10.96 14.25
C TYR A 807 30.42 10.95 15.02
N CYS A 808 30.39 10.32 16.19
CA CYS A 808 31.55 10.22 17.06
C CYS A 808 32.15 8.82 16.94
N GLN A 809 33.45 8.76 16.64
CA GLN A 809 34.11 7.48 16.42
C GLN A 809 34.03 6.58 17.64
N ASP A 810 34.21 7.17 18.84
CA ASP A 810 34.12 6.38 20.06
C ASP A 810 32.73 5.78 20.24
N ALA A 811 31.69 6.55 19.90
CA ALA A 811 30.33 6.02 20.01
C ALA A 811 30.12 4.85 19.06
N ILE A 812 30.61 4.96 17.82
CA ILE A 812 30.47 3.87 16.86
C ILE A 812 31.20 2.63 17.35
N GLU A 813 32.42 2.81 17.84
CA GLU A 813 33.22 1.67 18.28
C GLU A 813 32.60 0.98 19.48
N LEU A 814 32.14 1.76 20.46
CA LEU A 814 31.51 1.15 21.63
C LEU A 814 30.18 0.49 21.27
N ALA A 815 29.42 1.06 20.34
CA ALA A 815 28.21 0.39 19.89
C ALA A 815 28.53 -0.95 19.23
N ALA A 816 29.57 -0.97 18.41
CA ALA A 816 29.99 -2.22 17.78
C ALA A 816 30.45 -3.23 18.83
N ILE A 817 31.14 -2.75 19.87
CA ILE A 817 31.58 -3.64 20.94
C ILE A 817 30.37 -4.23 21.67
N GLU A 818 29.38 -3.41 21.98
CA GLU A 818 28.20 -3.90 22.67
C GLU A 818 27.42 -4.89 21.82
N LEU A 819 27.40 -4.69 20.50
CA LEU A 819 26.71 -5.66 19.65
C LEU A 819 27.50 -6.95 19.49
N ASN A 820 28.83 -6.87 19.34
CA ASN A 820 29.61 -8.08 19.19
C ASN A 820 29.74 -8.86 20.50
N LYS A 821 29.47 -8.22 21.64
CA LYS A 821 29.37 -8.97 22.88
C LYS A 821 28.25 -10.01 22.79
N VAL A 822 27.10 -9.62 22.23
CA VAL A 822 26.03 -10.59 21.99
C VAL A 822 26.41 -11.52 20.85
N LEU A 823 27.05 -10.98 19.80
CA LEU A 823 27.40 -11.80 18.64
C LEU A 823 28.44 -12.88 18.95
N ALA A 824 29.20 -12.73 20.04
CA ALA A 824 30.19 -13.74 20.39
C ALA A 824 29.55 -15.06 20.78
N THR A 825 28.31 -15.02 21.25
CA THR A 825 27.62 -16.24 21.64
C THR A 825 27.18 -17.06 20.43
N LYS A 826 26.89 -16.40 19.32
CA LYS A 826 26.42 -17.07 18.11
C LYS A 826 27.31 -16.78 16.91
N SER A 827 28.60 -16.57 17.16
CA SER A 827 29.56 -16.37 16.08
C SER A 827 29.50 -17.47 15.02
N SER A 828 29.32 -18.72 15.43
CA SER A 828 29.26 -19.82 14.47
C SER A 828 28.07 -19.67 13.53
N VAL A 829 26.89 -19.38 14.10
CA VAL A 829 25.71 -19.17 13.27
C VAL A 829 25.86 -17.93 12.41
N VAL A 830 26.53 -16.90 12.93
CA VAL A 830 26.76 -15.68 12.17
C VAL A 830 27.60 -15.99 10.94
N ALA A 831 28.69 -16.74 11.12
CA ALA A 831 29.53 -17.12 9.99
C ALA A 831 28.77 -17.99 9.00
N ASN A 832 27.96 -18.92 9.51
CA ASN A 832 27.19 -19.79 8.61
C ASN A 832 26.21 -18.96 7.77
N SER A 833 25.52 -18.01 8.40
CA SER A 833 24.57 -17.18 7.65
C SER A 833 25.29 -16.26 6.67
N ILE A 834 26.45 -15.73 7.06
CA ILE A 834 27.20 -14.86 6.17
C ILE A 834 27.65 -15.63 4.93
N LEU A 835 28.18 -16.84 5.12
CA LEU A 835 28.62 -17.64 3.99
C LEU A 835 27.44 -18.24 3.22
N SER A 836 26.24 -18.28 3.82
CA SER A 836 25.09 -18.84 3.13
C SER A 836 24.61 -17.93 2.00
N LYS A 837 24.99 -16.66 2.02
CA LYS A 837 24.57 -15.74 0.97
C LYS A 837 25.30 -16.07 -0.34
N ASN A 838 24.85 -15.42 -1.41
CA ASN A 838 25.40 -15.69 -2.74
C ASN A 838 26.65 -14.83 -3.00
N TRP A 839 27.70 -15.12 -2.23
CA TRP A 839 28.96 -14.41 -2.42
C TRP A 839 29.69 -14.89 -3.67
N GLU A 840 29.71 -16.20 -3.90
CA GLU A 840 30.39 -16.78 -5.05
C GLU A 840 29.44 -17.24 -6.15
N GLU A 841 28.14 -17.19 -5.91
CA GLU A 841 27.16 -17.54 -6.91
C GLU A 841 27.10 -16.47 -7.99
N PRO A 842 26.70 -16.83 -9.21
CA PRO A 842 26.58 -15.83 -10.28
C PRO A 842 25.63 -14.71 -9.89
N TYR A 843 25.97 -13.49 -10.31
CA TYR A 843 25.20 -12.32 -9.89
C TYR A 843 23.84 -12.27 -10.58
N PHE A 844 23.80 -12.53 -11.88
CA PHE A 844 22.58 -12.33 -12.66
C PHE A 844 21.69 -13.56 -12.70
N SER A 845 22.05 -14.61 -11.97
CA SER A 845 21.22 -15.80 -11.87
C SER A 845 20.24 -15.73 -10.70
N GLN A 846 20.22 -14.60 -9.99
CA GLN A 846 19.28 -14.38 -8.90
C GLN A 846 18.01 -13.71 -9.41
N THR A 847 16.92 -13.92 -8.68
CA THR A 847 15.62 -13.40 -9.13
C THR A 847 15.58 -11.89 -9.12
N ARG A 848 16.23 -11.26 -8.12
CA ARG A 848 16.15 -9.81 -8.01
C ARG A 848 16.80 -9.11 -9.19
N ASN A 849 17.94 -9.63 -9.66
CA ASN A 849 18.62 -9.00 -10.79
C ASN A 849 17.90 -9.28 -12.09
N ILE A 850 16.92 -10.19 -12.07
CA ILE A 850 16.17 -10.53 -13.27
C ILE A 850 14.89 -9.70 -13.35
N SER A 851 14.41 -9.20 -12.22
CA SER A 851 13.10 -8.58 -12.12
C SER A 851 13.01 -7.31 -12.97
N LEU A 852 11.79 -6.74 -13.01
CA LEU A 852 11.49 -5.56 -13.80
C LEU A 852 11.29 -4.32 -12.95
N LYS A 853 11.96 -4.26 -11.78
CA LYS A 853 11.69 -3.20 -10.83
C LYS A 853 12.05 -1.83 -11.39
N GLY A 854 13.19 -1.73 -12.08
CA GLY A 854 13.59 -0.46 -12.65
C GLY A 854 14.92 0.04 -12.16
N MET A 855 15.79 0.42 -13.09
CA MET A 855 17.13 0.89 -12.78
C MET A 855 17.50 2.00 -13.75
N SER A 856 18.66 2.60 -13.51
CA SER A 856 19.14 3.65 -14.39
C SER A 856 19.97 3.05 -15.53
N GLY A 857 20.32 3.90 -16.48
CA GLY A 857 21.14 3.48 -17.59
C GLY A 857 22.37 4.34 -17.75
N GLN A 858 23.02 4.26 -18.92
CA GLN A 858 24.18 5.09 -19.18
C GLN A 858 23.75 6.55 -19.35
N VAL A 859 24.69 7.45 -19.07
CA VAL A 859 24.44 8.87 -19.31
C VAL A 859 24.40 9.13 -20.80
N GLN A 860 23.33 9.77 -21.26
CA GLN A 860 23.14 10.03 -22.68
C GLN A 860 23.63 11.44 -23.03
N GLU A 861 23.48 11.79 -24.31
CA GLU A 861 23.97 13.08 -24.78
C GLU A 861 23.20 14.24 -24.17
N ASP A 862 21.94 14.01 -23.78
CA ASP A 862 21.15 15.07 -23.15
C ASP A 862 21.67 15.43 -21.77
N GLY A 863 22.55 14.61 -21.20
CA GLY A 863 23.04 14.81 -19.86
C GLY A 863 22.18 14.21 -18.78
N HIS A 864 21.06 13.59 -19.12
CA HIS A 864 20.18 12.96 -18.16
C HIS A 864 20.49 11.48 -18.02
N LEU A 865 19.94 10.87 -16.99
CA LEU A 865 20.15 9.46 -16.69
C LEU A 865 18.97 8.66 -17.23
N SER A 866 19.26 7.70 -18.11
CA SER A 866 18.22 6.90 -18.72
C SER A 866 17.50 6.05 -17.67
N SER A 867 16.24 5.74 -17.96
CA SER A 867 15.41 4.92 -17.07
C SER A 867 15.07 3.63 -17.80
N SER A 868 15.73 2.54 -17.40
CA SER A 868 15.50 1.22 -17.99
C SER A 868 15.02 0.28 -16.88
N VAL A 869 14.94 -1.00 -17.20
CA VAL A 869 14.59 -2.01 -16.22
C VAL A 869 15.85 -2.83 -15.91
N THR A 870 15.78 -3.57 -14.80
CA THR A 870 16.94 -4.35 -14.36
C THR A 870 17.33 -5.39 -15.40
N ILE A 871 16.34 -6.04 -16.02
CA ILE A 871 16.61 -7.10 -16.97
C ILE A 871 17.36 -6.54 -18.19
N ILE A 872 17.00 -5.33 -18.62
CA ILE A 872 17.65 -4.75 -19.77
C ILE A 872 19.13 -4.48 -19.49
N GLU A 873 19.43 -3.92 -18.31
CA GLU A 873 20.82 -3.69 -17.95
C GLU A 873 21.59 -4.99 -17.82
N ALA A 874 20.94 -6.02 -17.26
CA ALA A 874 21.56 -7.33 -17.19
C ALA A 874 21.90 -7.86 -18.58
N ILE A 875 20.96 -7.76 -19.50
CA ILE A 875 21.18 -8.23 -20.86
C ILE A 875 22.31 -7.44 -21.52
N ARG A 876 22.32 -6.12 -21.33
CA ARG A 876 23.37 -5.31 -21.92
C ARG A 876 24.74 -5.71 -21.40
N TYR A 877 24.89 -5.81 -20.08
CA TYR A 877 26.19 -6.13 -19.52
C TYR A 877 26.63 -7.54 -19.94
N LEU A 878 25.69 -8.50 -19.95
CA LEU A 878 26.03 -9.85 -20.38
C LEU A 878 26.47 -9.86 -21.84
N SER A 879 25.80 -9.07 -22.69
CA SER A 879 26.19 -9.01 -24.09
C SER A 879 27.59 -8.43 -24.26
N ASN A 880 27.91 -7.38 -23.50
CA ASN A 880 29.27 -6.83 -23.60
C ASN A 880 30.30 -7.70 -22.88
N SER A 881 29.91 -8.36 -21.79
CA SER A 881 30.86 -9.17 -21.05
C SER A 881 31.02 -10.55 -21.71
N ARG A 882 32.06 -11.27 -21.26
CA ARG A 882 32.35 -12.60 -21.77
C ARG A 882 31.92 -13.71 -20.81
N HIS A 883 31.48 -13.36 -19.60
CA HIS A 883 31.07 -14.36 -18.62
C HIS A 883 30.12 -13.70 -17.63
N ASN A 884 29.42 -14.54 -16.86
CA ASN A 884 28.50 -14.09 -15.84
C ASN A 884 29.22 -14.06 -14.51
N PRO A 885 29.72 -12.92 -14.04
CA PRO A 885 30.53 -12.89 -12.82
C PRO A 885 29.69 -12.95 -11.57
N SER A 886 30.35 -13.30 -10.47
CA SER A 886 29.70 -13.35 -9.17
C SER A 886 29.52 -11.93 -8.64
N LEU A 887 28.98 -11.84 -7.41
CA LEU A 887 28.74 -10.54 -6.81
C LEU A 887 30.05 -9.79 -6.58
N LEU A 888 31.02 -10.44 -5.95
CA LEU A 888 32.29 -9.78 -5.65
C LEU A 888 33.07 -9.46 -6.92
N LYS A 889 33.06 -10.37 -7.90
CA LYS A 889 33.76 -10.10 -9.14
C LYS A 889 33.14 -8.91 -9.87
N LEU A 890 31.81 -8.83 -9.89
CA LEU A 890 31.14 -7.69 -10.51
C LEU A 890 31.47 -6.40 -9.76
N TYR A 891 31.50 -6.45 -8.43
CA TYR A 891 31.85 -5.26 -7.67
C TYR A 891 33.27 -4.80 -7.97
N GLU A 892 34.20 -5.75 -8.09
CA GLU A 892 35.56 -5.40 -8.45
C GLU A 892 35.62 -4.80 -9.86
N GLU A 893 34.84 -5.35 -10.79
CA GLU A 893 34.82 -4.81 -12.15
C GLU A 893 34.30 -3.38 -12.18
N THR A 894 33.22 -3.11 -11.43
CA THR A 894 32.56 -1.81 -11.44
C THR A 894 32.89 -0.97 -10.20
N ARG A 895 34.06 -1.19 -9.61
CA ARG A 895 34.42 -0.46 -8.40
C ARG A 895 34.76 1.00 -8.70
N GLU A 896 35.35 1.28 -9.85
CA GLU A 896 35.83 2.62 -10.17
C GLU A 896 34.75 3.54 -10.72
N GLN A 897 33.53 3.05 -10.92
CA GLN A 897 32.46 3.86 -11.48
C GLN A 897 31.74 4.63 -10.38
N LYS A 898 31.46 5.90 -10.65
CA LYS A 898 30.73 6.73 -9.70
C LYS A 898 29.29 6.24 -9.56
N ALA A 899 28.77 6.30 -8.34
CA ALA A 899 27.39 5.91 -8.09
C ALA A 899 26.46 7.00 -8.62
N MET A 900 25.52 6.62 -9.46
CA MET A 900 24.54 7.53 -10.02
C MET A 900 23.13 7.12 -9.57
N ALA A 901 22.23 8.09 -9.52
CA ALA A 901 20.88 7.81 -9.06
C ALA A 901 19.92 8.87 -9.59
N ARG A 902 18.64 8.50 -9.60
CA ARG A 902 17.54 9.40 -9.87
C ARG A 902 16.54 9.27 -8.73
N ILE A 903 15.42 9.97 -8.83
CA ILE A 903 14.33 9.84 -7.86
C ILE A 903 13.01 9.86 -8.63
N VAL A 904 12.11 8.94 -8.27
CA VAL A 904 10.79 8.88 -8.90
C VAL A 904 9.74 8.73 -7.79
N ARG A 905 8.55 9.23 -8.09
CA ARG A 905 7.48 9.29 -7.10
C ARG A 905 7.04 7.90 -6.67
N LYS A 906 6.78 7.73 -5.38
CA LYS A 906 6.20 6.49 -4.88
C LYS A 906 4.69 6.45 -5.05
N TYR A 907 4.06 7.59 -5.33
CA TYR A 907 2.62 7.69 -5.51
C TYR A 907 1.88 7.18 -4.27
N GLN A 908 2.08 7.89 -3.16
CA GLN A 908 1.46 7.55 -1.88
C GLN A 908 0.28 8.48 -1.62
N ARG A 909 -0.37 8.27 -0.47
CA ARG A 909 -1.46 9.12 -0.02
C ARG A 909 -1.08 9.97 1.18
N THR A 910 0.21 10.21 1.37
CA THR A 910 0.66 11.08 2.45
C THR A 910 0.55 12.54 2.02
N GLU A 911 0.68 13.44 2.99
CA GLU A 911 0.60 14.86 2.70
C GLU A 911 1.70 15.30 1.74
N ALA A 912 2.92 14.85 1.97
CA ALA A 912 4.04 15.10 1.07
C ALA A 912 4.48 13.77 0.48
N ASP A 913 4.47 13.68 -0.84
CA ASP A 913 4.83 12.44 -1.51
C ASP A 913 6.31 12.14 -1.30
N ARG A 914 6.60 10.93 -0.86
CA ARG A 914 7.97 10.45 -0.78
C ARG A 914 8.40 9.89 -2.13
N GLY A 915 9.63 10.19 -2.51
CA GLY A 915 10.19 9.68 -3.75
C GLY A 915 11.27 8.66 -3.44
N PHE A 916 11.27 7.57 -4.18
CA PHE A 916 12.27 6.52 -4.00
C PHE A 916 13.26 6.55 -5.16
N PHE A 917 14.48 6.12 -4.88
CA PHE A 917 15.60 6.41 -5.76
C PHE A 917 15.86 5.24 -6.71
N ILE A 918 16.15 5.57 -7.96
CA ILE A 918 16.48 4.59 -8.98
C ILE A 918 17.99 4.66 -9.19
N THR A 919 18.71 3.65 -8.71
CA THR A 919 20.15 3.62 -8.77
C THR A 919 20.64 2.75 -9.92
N THR A 920 21.84 3.04 -10.39
CA THR A 920 22.42 2.34 -11.54
C THR A 920 22.92 0.96 -11.09
N LEU A 921 23.60 0.26 -12.00
CA LEU A 921 23.96 -1.13 -11.73
C LEU A 921 25.11 -1.26 -10.73
N PRO A 922 26.25 -0.57 -10.88
CA PRO A 922 27.30 -0.69 -9.84
C PRO A 922 26.82 -0.29 -8.46
N THR A 923 25.98 0.75 -8.38
CA THR A 923 25.40 1.12 -7.10
C THR A 923 24.56 -0.01 -6.53
N ARG A 924 23.77 -0.67 -7.38
CA ARG A 924 22.98 -1.81 -6.92
C ARG A 924 23.87 -2.93 -6.41
N CYS A 925 24.99 -3.18 -7.09
CA CYS A 925 25.91 -4.22 -6.66
C CYS A 925 26.49 -3.91 -5.29
N ARG A 926 26.94 -2.67 -5.09
CA ARG A 926 27.53 -2.30 -3.80
C ARG A 926 26.49 -2.38 -2.68
N LEU A 927 25.29 -1.86 -2.93
CA LEU A 927 24.25 -1.90 -1.91
C LEU A 927 23.84 -3.32 -1.61
N GLU A 928 23.83 -4.20 -2.62
CA GLU A 928 23.51 -5.60 -2.37
C GLU A 928 24.59 -6.27 -1.53
N ILE A 929 25.86 -5.94 -1.77
CA ILE A 929 26.94 -6.49 -0.94
C ILE A 929 26.72 -6.09 0.52
N ILE A 930 26.51 -4.79 0.76
CA ILE A 930 26.36 -4.32 2.14
C ILE A 930 25.11 -4.91 2.78
N GLU A 931 24.00 -4.93 2.04
CA GLU A 931 22.74 -5.42 2.58
C GLU A 931 22.82 -6.91 2.88
N ASP A 932 23.45 -7.70 2.00
CA ASP A 932 23.59 -9.12 2.25
C ASP A 932 24.43 -9.37 3.50
N TYR A 933 25.55 -8.65 3.63
CA TYR A 933 26.40 -8.83 4.81
C TYR A 933 25.63 -8.52 6.09
N TYR A 934 24.98 -7.35 6.13
CA TYR A 934 24.34 -6.95 7.38
C TYR A 934 23.06 -7.72 7.64
N ASP A 935 22.35 -8.14 6.60
CA ASP A 935 21.17 -9.00 6.78
C ASP A 935 21.59 -10.34 7.34
N ALA A 936 22.70 -10.90 6.84
CA ALA A 936 23.22 -12.14 7.42
C ALA A 936 23.57 -11.93 8.88
N ILE A 937 24.17 -10.79 9.22
CA ILE A 937 24.43 -10.51 10.63
C ILE A 937 23.13 -10.17 11.37
N ALA A 938 22.18 -9.52 10.69
CA ALA A 938 20.98 -9.04 11.36
C ALA A 938 20.11 -10.17 11.90
N LYS A 939 20.04 -11.28 11.19
CA LYS A 939 19.12 -12.35 11.58
C LYS A 939 19.50 -12.96 12.93
N ASN A 940 20.80 -13.10 13.18
CA ASN A 940 21.26 -13.74 14.41
C ASN A 940 21.20 -12.83 15.63
N ILE A 941 20.65 -11.62 15.50
CA ILE A 941 20.47 -10.72 16.63
C ILE A 941 19.03 -10.27 16.67
N SER A 942 18.41 -10.35 17.83
CA SER A 942 17.04 -9.90 18.02
C SER A 942 17.03 -8.38 18.16
N GLU A 943 15.90 -7.82 18.58
CA GLU A 943 15.67 -6.40 18.80
C GLU A 943 15.71 -5.60 17.51
N GLU A 944 15.88 -6.23 16.36
CA GLU A 944 15.78 -5.58 15.05
C GLU A 944 14.77 -6.37 14.23
N TYR A 945 13.67 -5.72 13.86
CA TYR A 945 12.52 -6.42 13.29
C TYR A 945 12.38 -6.19 11.79
N ILE A 946 13.47 -5.84 11.10
CA ILE A 946 13.41 -5.78 9.66
C ILE A 946 14.00 -7.04 9.02
N SER A 947 14.99 -7.65 9.67
CA SER A 947 15.53 -8.93 9.18
C SER A 947 14.47 -10.02 9.20
N TYR A 948 13.51 -9.91 10.11
CA TYR A 948 12.41 -10.86 10.18
C TYR A 948 11.55 -10.76 8.92
N GLY A 949 10.81 -11.83 8.65
CA GLY A 949 9.90 -11.83 7.53
C GLY A 949 8.75 -10.88 7.74
N GLY A 950 8.04 -10.58 6.65
CA GLY A 950 6.92 -9.67 6.72
C GLY A 950 5.81 -10.15 7.62
N GLU A 951 5.81 -11.44 7.93
CA GLU A 951 4.75 -12.04 8.73
C GLU A 951 5.14 -12.30 10.19
N LYS A 952 6.43 -12.51 10.47
CA LYS A 952 6.88 -12.81 11.83
C LYS A 952 7.10 -11.56 12.68
N LYS A 953 7.03 -10.37 12.07
CA LYS A 953 7.31 -9.15 12.82
C LYS A 953 6.30 -8.93 13.94
N ILE A 954 5.01 -9.15 13.65
CA ILE A 954 3.98 -8.94 14.66
C ILE A 954 4.15 -9.92 15.81
N LEU A 955 4.43 -11.18 15.49
CA LEU A 955 4.67 -12.17 16.54
C LEU A 955 5.86 -11.78 17.40
N ALA A 956 6.94 -11.33 16.77
CA ALA A 956 8.14 -10.97 17.53
C ALA A 956 7.87 -9.78 18.45
N ILE A 957 7.22 -8.73 17.94
CA ILE A 957 6.97 -7.56 18.76
C ILE A 957 5.98 -7.88 19.87
N GLN A 958 4.99 -8.74 19.60
CA GLN A 958 4.07 -9.18 20.64
C GLN A 958 4.80 -9.96 21.72
N GLY A 959 5.74 -10.82 21.33
CA GLY A 959 6.53 -11.53 22.32
C GLY A 959 7.38 -10.60 23.16
N ALA A 960 7.97 -9.58 22.54
CA ALA A 960 8.74 -8.59 23.29
C ALA A 960 7.86 -7.84 24.28
N LEU A 961 6.66 -7.44 23.85
CA LEU A 961 5.75 -6.75 24.75
C LEU A 961 5.30 -7.66 25.90
N GLU A 962 5.07 -8.94 25.60
CA GLU A 962 4.71 -9.88 26.65
C GLU A 962 5.86 -10.07 27.64
N LYS A 963 7.10 -10.08 27.16
CA LYS A 963 8.24 -10.15 28.07
C LYS A 963 8.29 -8.91 28.96
N ALA A 964 8.04 -7.74 28.38
CA ALA A 964 8.01 -6.51 29.17
C ALA A 964 6.92 -6.57 30.23
N LEU A 965 5.73 -7.07 29.87
CA LEU A 965 4.65 -7.19 30.83
C LEU A 965 4.99 -8.18 31.93
N ARG A 966 5.64 -9.29 31.58
CA ARG A 966 6.04 -10.27 32.58
C ARG A 966 7.06 -9.69 33.56
N TRP A 967 8.01 -8.90 33.05
CA TRP A 967 8.97 -8.28 33.96
C TRP A 967 8.30 -7.26 34.87
N ALA A 968 7.29 -6.54 34.36
CA ALA A 968 6.61 -5.53 35.17
C ALA A 968 5.94 -6.15 36.39
N SER A 969 5.59 -7.44 36.32
CA SER A 969 5.02 -8.11 37.48
C SER A 969 6.06 -8.21 38.59
N GLY A 970 5.62 -7.95 39.82
CA GLY A 970 6.52 -7.95 40.95
C GLY A 970 7.18 -6.61 41.16
N GLU A 971 8.00 -6.57 42.21
CA GLU A 971 8.72 -5.36 42.60
C GLU A 971 10.22 -5.62 42.55
N SER A 972 10.99 -4.60 42.93
CA SER A 972 12.44 -4.70 43.00
C SER A 972 12.91 -4.25 44.38
N PHE A 973 14.10 -4.70 44.75
CA PHE A 973 14.66 -4.41 46.07
C PHE A 973 16.02 -3.75 45.89
N ILE A 974 16.17 -2.56 46.46
CA ILE A 974 17.40 -1.77 46.35
C ILE A 974 18.12 -1.82 47.68
N GLU A 975 19.41 -2.17 47.66
CA GLU A 975 20.19 -2.26 48.88
C GLU A 975 20.42 -0.87 49.48
N LEU A 976 20.05 -0.71 50.75
CA LEU A 976 20.22 0.58 51.41
C LEU A 976 21.69 0.94 51.55
N SER A 977 22.53 -0.04 51.90
CA SER A 977 23.97 0.17 52.08
C SER A 977 24.26 1.26 53.09
N PHE A 981 16.64 -3.75 52.91
CA PHE A 981 16.54 -3.11 51.61
C PHE A 981 15.34 -2.19 51.54
N ILE A 982 15.14 -1.56 50.39
CA ILE A 982 13.97 -0.74 50.14
C ILE A 982 13.21 -1.33 48.95
N ARG A 983 11.88 -1.31 49.06
CA ARG A 983 11.00 -1.88 48.05
C ARG A 983 10.65 -0.82 47.03
N MET A 984 10.63 -1.22 45.75
CA MET A 984 10.42 -0.27 44.67
C MET A 984 9.47 -0.89 43.64
N LYS A 985 8.53 -0.08 43.16
CA LYS A 985 7.54 -0.55 42.20
C LYS A 985 8.11 -0.46 40.79
N ARG A 986 7.85 -1.50 39.99
CA ARG A 986 8.37 -1.57 38.63
C ARG A 986 7.34 -0.99 37.67
N LYS A 987 7.70 0.09 36.99
CA LYS A 987 6.82 0.74 36.03
C LYS A 987 7.16 0.28 34.61
N LEU A 988 6.40 0.79 33.65
CA LEU A 988 6.50 0.32 32.27
C LEU A 988 6.01 1.44 31.36
N MET A 989 6.94 2.13 30.71
CA MET A 989 6.63 3.25 29.82
C MET A 989 7.11 2.92 28.41
N TYR A 990 6.19 2.91 27.45
CA TYR A 990 6.54 2.69 26.07
C TYR A 990 6.79 4.02 25.37
N VAL A 991 7.71 4.01 24.43
CA VAL A 991 8.04 5.20 23.63
C VAL A 991 7.98 4.76 22.16
N SER A 992 6.93 5.15 21.47
CA SER A 992 6.86 4.95 20.03
C SER A 992 7.64 6.07 19.35
N ALA A 993 8.80 5.71 18.81
CA ALA A 993 9.76 6.70 18.32
C ALA A 993 9.92 6.59 16.82
N ASP A 994 10.15 7.73 16.19
CA ASP A 994 10.44 7.81 14.77
C ASP A 994 11.60 8.77 14.57
N ALA A 995 12.37 8.55 13.51
CA ALA A 995 13.51 9.40 13.20
C ALA A 995 13.08 10.55 12.29
N THR A 996 13.71 11.70 12.50
CA THR A 996 13.37 12.88 11.71
C THR A 996 13.66 12.66 10.24
N LYS A 997 14.93 12.46 9.89
CA LYS A 997 15.36 12.23 8.51
C LYS A 997 16.30 11.02 8.54
N TRP A 998 15.72 9.83 8.34
CA TRP A 998 16.48 8.59 8.42
C TRP A 998 17.61 8.58 7.39
N SER A 999 17.25 8.63 6.11
CA SER A 999 18.28 8.65 5.07
C SER A 999 18.88 10.03 4.88
N PRO A 1000 18.09 11.09 4.60
CA PRO A 1000 18.71 12.37 4.20
C PRO A 1000 19.65 12.98 5.23
N GLY A 1001 19.33 12.84 6.51
CA GLY A 1001 20.09 13.49 7.55
C GLY A 1001 21.06 12.58 8.27
N ASP A 1002 21.73 11.70 7.52
CA ASP A 1002 22.66 10.75 8.13
C ASP A 1002 23.98 10.79 7.39
N ASN A 1003 24.98 10.13 7.98
CA ASN A 1003 26.31 9.99 7.42
C ASN A 1003 26.57 8.50 7.26
N SER A 1004 26.59 8.02 6.01
CA SER A 1004 26.78 6.59 5.78
C SER A 1004 28.16 6.13 6.22
N ALA A 1005 29.14 7.04 6.24
CA ALA A 1005 30.52 6.66 6.55
C ALA A 1005 30.64 6.01 7.93
N LYS A 1006 29.74 6.34 8.85
CA LYS A 1006 29.80 5.72 10.18
C LYS A 1006 29.76 4.22 10.07
N PHE A 1007 28.96 3.68 9.15
CA PHE A 1007 28.86 2.23 9.00
C PHE A 1007 30.22 1.62 8.76
N ARG A 1008 31.09 2.31 8.01
CA ARG A 1008 32.47 1.86 7.83
C ARG A 1008 33.07 1.44 9.16
N ARG A 1009 33.14 2.37 10.11
CA ARG A 1009 33.74 2.04 11.40
C ARG A 1009 32.99 0.91 12.06
N PHE A 1010 31.66 0.93 11.97
CA PHE A 1010 30.85 -0.17 12.47
C PHE A 1010 31.31 -1.49 11.87
N THR A 1011 31.40 -1.55 10.54
CA THR A 1011 31.81 -2.78 9.89
C THR A 1011 33.25 -3.14 10.25
N SER A 1012 34.06 -2.15 10.61
CA SER A 1012 35.44 -2.45 10.97
C SER A 1012 35.55 -3.08 12.35
N MET A 1013 34.51 -2.95 13.18
CA MET A 1013 34.57 -3.48 14.53
C MET A 1013 33.53 -4.56 14.80
N LEU A 1014 32.52 -4.69 13.95
CA LEU A 1014 31.55 -5.77 14.10
C LEU A 1014 32.25 -7.12 13.96
N HIS A 1015 32.00 -8.01 14.91
CA HIS A 1015 32.67 -9.30 14.97
C HIS A 1015 31.78 -10.35 14.33
N ASN A 1016 32.27 -10.96 13.25
CA ASN A 1016 31.63 -12.11 12.64
C ASN A 1016 32.44 -13.36 12.93
N GLY A 1017 31.93 -14.51 12.50
CA GLY A 1017 32.61 -15.76 12.73
C GLY A 1017 33.67 -16.11 11.71
N LEU A 1018 33.92 -15.24 10.74
CA LEU A 1018 34.91 -15.53 9.71
C LEU A 1018 36.31 -15.48 10.30
N PRO A 1019 37.24 -16.30 9.77
CA PRO A 1019 38.60 -16.30 10.29
C PRO A 1019 39.44 -15.14 9.78
N ASN A 1020 39.11 -14.66 8.58
CA ASN A 1020 39.84 -13.56 7.96
C ASN A 1020 38.90 -12.37 7.75
N ASN A 1021 39.51 -11.23 7.43
CA ASN A 1021 38.78 -9.97 7.29
C ASN A 1021 38.54 -9.60 5.82
N LYS A 1022 38.71 -10.55 4.91
CA LYS A 1022 38.57 -10.23 3.49
C LYS A 1022 37.16 -9.78 3.14
N LEU A 1023 36.15 -10.50 3.64
CA LEU A 1023 34.78 -10.11 3.36
C LEU A 1023 34.41 -8.81 4.07
N LYS A 1024 34.88 -8.65 5.32
CA LYS A 1024 34.63 -7.42 6.05
C LYS A 1024 35.30 -6.23 5.34
N ASN A 1025 36.52 -6.43 4.85
CA ASN A 1025 37.18 -5.36 4.10
C ASN A 1025 36.46 -5.06 2.79
N CYS A 1026 35.90 -6.08 2.14
CA CYS A 1026 35.12 -5.84 0.93
C CYS A 1026 33.87 -5.02 1.24
N VAL A 1027 33.21 -5.32 2.34
CA VAL A 1027 32.03 -4.54 2.73
C VAL A 1027 32.42 -3.11 3.06
N ILE A 1028 33.56 -2.93 3.74
CA ILE A 1028 34.03 -1.58 4.07
C ILE A 1028 34.33 -0.80 2.80
N ASP A 1029 34.98 -1.45 1.82
CA ASP A 1029 35.25 -0.76 0.55
C ASP A 1029 33.97 -0.42 -0.19
N ALA A 1030 32.97 -1.32 -0.14
CA ALA A 1030 31.69 -1.03 -0.76
C ALA A 1030 31.02 0.16 -0.10
N LEU A 1031 31.14 0.27 1.23
CA LEU A 1031 30.63 1.44 1.94
C LEU A 1031 31.37 2.71 1.51
N LYS A 1032 32.69 2.59 1.32
CA LYS A 1032 33.47 3.74 0.88
C LYS A 1032 33.05 4.21 -0.51
N GLN A 1033 32.77 3.27 -1.41
CA GLN A 1033 32.43 3.62 -2.78
C GLN A 1033 31.00 4.11 -2.94
N VAL A 1034 30.16 3.98 -1.92
CA VAL A 1034 28.79 4.47 -1.96
C VAL A 1034 28.65 5.80 -1.21
N TYR A 1035 29.78 6.39 -0.78
CA TYR A 1035 29.73 7.65 -0.03
C TYR A 1035 29.21 8.79 -0.91
N LYS A 1036 29.77 8.94 -2.10
CA LYS A 1036 29.42 10.03 -2.99
C LYS A 1036 28.58 9.50 -4.15
N THR A 1037 27.47 10.16 -4.43
CA THR A 1037 26.58 9.77 -5.51
C THR A 1037 26.28 10.97 -6.39
N ASP A 1038 25.87 10.71 -7.62
CA ASP A 1038 25.51 11.76 -8.57
C ASP A 1038 23.99 11.78 -8.69
N PHE A 1039 23.36 12.68 -7.93
CA PHE A 1039 21.91 12.80 -7.95
C PHE A 1039 21.48 13.54 -9.21
N PHE A 1040 20.69 12.87 -10.05
CA PHE A 1040 20.23 13.43 -11.31
C PHE A 1040 18.79 13.92 -11.16
N MET A 1041 18.53 15.13 -11.64
CA MET A 1041 17.16 15.63 -11.70
C MET A 1041 16.44 15.03 -12.90
N SER A 1042 15.14 14.81 -12.74
CA SER A 1042 14.36 14.15 -13.77
C SER A 1042 14.16 15.08 -14.97
N ARG A 1043 13.74 14.49 -16.08
CA ARG A 1043 13.47 15.27 -17.29
C ARG A 1043 12.28 16.18 -17.10
N LYS A 1044 11.26 15.75 -16.34
CA LYS A 1044 10.10 16.60 -16.09
C LYS A 1044 10.50 17.86 -15.35
N LEU A 1045 11.36 17.73 -14.33
CA LEU A 1045 11.80 18.91 -13.58
C LEU A 1045 12.65 19.81 -14.45
N ARG A 1046 13.50 19.24 -15.31
CA ARG A 1046 14.30 20.04 -16.21
C ARG A 1046 13.42 20.83 -17.18
N ASN A 1047 12.38 20.20 -17.73
CA ASN A 1047 11.47 20.90 -18.61
C ASN A 1047 10.70 21.99 -17.85
N TYR A 1048 10.31 21.70 -16.61
CA TYR A 1048 9.64 22.70 -15.79
C TYR A 1048 10.52 23.92 -15.56
N ILE A 1049 11.81 23.69 -15.28
CA ILE A 1049 12.74 24.81 -15.10
C ILE A 1049 12.91 25.57 -16.42
N ASP A 1050 13.05 24.83 -17.53
CA ASP A 1050 13.29 25.48 -18.82
C ASP A 1050 12.12 26.36 -19.23
N SER A 1051 10.89 25.88 -19.03
CA SER A 1051 9.71 26.66 -19.42
C SER A 1051 9.49 27.89 -18.57
N MET A 1052 10.22 28.02 -17.45
CA MET A 1052 9.97 29.13 -16.52
C MET A 1052 10.33 30.47 -17.14
N GLU A 1053 11.52 30.57 -17.74
CA GLU A 1053 12.07 31.77 -18.36
C GLU A 1053 12.40 32.87 -17.36
N SER A 1054 12.09 32.68 -16.08
CA SER A 1054 12.43 33.64 -15.03
C SER A 1054 12.33 32.91 -13.70
N LEU A 1055 13.42 32.90 -12.94
CA LEU A 1055 13.55 32.04 -11.77
C LEU A 1055 13.28 32.81 -10.49
N ASP A 1056 12.45 32.24 -9.62
CA ASP A 1056 12.30 32.75 -8.27
C ASP A 1056 13.58 32.48 -7.49
N PRO A 1057 13.82 33.23 -6.41
CA PRO A 1057 15.07 33.03 -5.66
C PRO A 1057 15.27 31.62 -5.16
N HIS A 1058 14.22 30.96 -4.65
CA HIS A 1058 14.39 29.61 -4.15
C HIS A 1058 14.57 28.59 -5.26
N ILE A 1059 13.96 28.83 -6.43
CA ILE A 1059 14.22 27.96 -7.57
C ILE A 1059 15.67 28.13 -8.04
N LYS A 1060 16.20 29.35 -7.98
CA LYS A 1060 17.60 29.57 -8.31
C LYS A 1060 18.52 28.86 -7.31
N GLN A 1061 18.18 28.92 -6.03
CA GLN A 1061 18.98 28.22 -5.03
C GLN A 1061 18.92 26.71 -5.24
N PHE A 1062 17.77 26.18 -5.65
CA PHE A 1062 17.69 24.77 -5.98
C PHE A 1062 18.53 24.44 -7.20
N LEU A 1063 18.50 25.31 -8.21
CA LEU A 1063 19.17 25.01 -9.47
C LEU A 1063 20.69 25.12 -9.37
N ASP A 1064 21.20 26.01 -8.52
CA ASP A 1064 22.65 26.15 -8.43
C ASP A 1064 23.31 24.92 -7.80
N PHE A 1065 22.53 24.03 -7.19
CA PHE A 1065 23.08 22.78 -6.69
C PHE A 1065 23.63 21.92 -7.82
N PHE A 1066 22.94 21.93 -8.97
CA PHE A 1066 23.42 21.21 -10.15
C PHE A 1066 24.28 22.16 -10.96
N PRO A 1067 25.59 21.95 -11.04
CA PRO A 1067 26.44 22.89 -11.80
C PRO A 1067 26.15 22.89 -13.29
N ASP A 1068 26.09 21.72 -13.91
CA ASP A 1068 25.76 21.60 -15.32
C ASP A 1068 24.26 21.58 -15.59
N GLY A 1069 23.45 21.66 -14.53
CA GLY A 1069 22.01 21.67 -14.68
C GLY A 1069 21.34 20.31 -14.74
N HIS A 1070 22.11 19.22 -14.67
CA HIS A 1070 21.54 17.89 -14.72
C HIS A 1070 21.81 17.07 -13.46
N HIS A 1071 23.07 16.98 -13.02
CA HIS A 1071 23.45 16.14 -11.90
C HIS A 1071 24.27 16.93 -10.88
N GLY A 1072 24.03 16.64 -9.61
CA GLY A 1072 24.79 17.24 -8.53
C GLY A 1072 25.30 16.20 -7.55
N GLU A 1073 26.45 16.45 -6.94
CA GLU A 1073 27.04 15.48 -6.03
C GLU A 1073 26.34 15.51 -4.68
N VAL A 1074 25.99 14.33 -4.17
CA VAL A 1074 25.40 14.16 -2.85
C VAL A 1074 26.32 13.27 -2.04
N LYS A 1075 26.72 13.73 -0.86
CA LYS A 1075 27.69 13.05 -0.03
C LYS A 1075 27.05 12.59 1.27
N GLY A 1076 27.55 11.48 1.80
CA GLY A 1076 27.18 11.01 3.12
C GLY A 1076 25.76 10.53 3.28
N ASN A 1077 24.88 10.79 2.32
CA ASN A 1077 23.48 10.41 2.41
C ASN A 1077 23.27 9.18 1.54
N TRP A 1078 23.19 8.01 2.17
CA TRP A 1078 22.75 6.84 1.45
C TRP A 1078 21.29 7.02 1.07
N LEU A 1079 20.94 6.69 -0.17
CA LEU A 1079 19.62 7.01 -0.67
C LEU A 1079 18.58 6.10 -0.04
N GLN A 1080 17.36 6.61 0.06
CA GLN A 1080 16.32 5.96 0.87
C GLN A 1080 16.04 4.55 0.39
N GLY A 1081 15.97 3.62 1.35
CA GLY A 1081 15.71 2.23 1.06
C GLY A 1081 16.92 1.41 0.69
N ASN A 1082 18.07 2.03 0.43
CA ASN A 1082 19.24 1.28 0.02
C ASN A 1082 19.89 0.55 1.20
N LEU A 1083 20.00 1.21 2.35
CA LEU A 1083 20.64 0.65 3.54
C LEU A 1083 19.63 0.68 4.67
N ASN A 1084 18.85 -0.39 4.80
CA ASN A 1084 17.86 -0.51 5.87
C ASN A 1084 18.24 -1.52 6.93
N LYS A 1085 18.73 -2.70 6.54
CA LYS A 1085 19.21 -3.67 7.52
C LYS A 1085 20.41 -3.11 8.28
N CYS A 1086 21.36 -2.49 7.56
CA CYS A 1086 22.52 -1.91 8.22
C CYS A 1086 22.12 -0.80 9.17
N SER A 1087 21.21 0.07 8.76
CA SER A 1087 20.77 1.17 9.62
C SER A 1087 20.04 0.66 10.85
N SER A 1088 19.19 -0.35 10.68
CA SER A 1088 18.51 -0.93 11.83
C SER A 1088 19.50 -1.57 12.81
N LEU A 1089 20.49 -2.29 12.28
CA LEU A 1089 21.50 -2.89 13.13
C LEU A 1089 22.30 -1.82 13.88
N PHE A 1090 22.65 -0.74 13.19
CA PHE A 1090 23.38 0.34 13.85
C PHE A 1090 22.53 1.00 14.93
N GLY A 1091 21.24 1.20 14.68
CA GLY A 1091 20.38 1.74 15.70
C GLY A 1091 20.27 0.83 16.92
N VAL A 1092 20.16 -0.48 16.69
CA VAL A 1092 20.12 -1.42 17.80
C VAL A 1092 21.43 -1.37 18.58
N ALA A 1093 22.56 -1.26 17.89
CA ALA A 1093 23.85 -1.17 18.57
C ALA A 1093 23.94 0.10 19.41
N MET A 1094 23.46 1.22 18.88
CA MET A 1094 23.46 2.46 19.65
C MET A 1094 22.58 2.34 20.89
N SER A 1095 21.41 1.71 20.75
CA SER A 1095 20.54 1.51 21.90
C SER A 1095 21.19 0.62 22.95
N LEU A 1096 21.88 -0.43 22.51
CA LEU A 1096 22.59 -1.30 23.45
C LEU A 1096 23.73 -0.55 24.14
N LEU A 1097 24.42 0.32 23.40
CA LEU A 1097 25.46 1.14 24.02
C LEU A 1097 24.87 2.05 25.08
N PHE A 1098 23.72 2.66 24.80
CA PHE A 1098 23.05 3.46 25.81
C PHE A 1098 22.68 2.63 27.03
N LYS A 1099 22.19 1.41 26.80
CA LYS A 1099 21.81 0.55 27.92
C LYS A 1099 23.03 0.21 28.78
N GLN A 1100 24.15 -0.11 28.14
CA GLN A 1100 25.37 -0.41 28.88
C GLN A 1100 25.86 0.80 29.66
N VAL A 1101 25.81 1.99 29.04
CA VAL A 1101 26.23 3.20 29.73
C VAL A 1101 25.33 3.46 30.94
N TRP A 1102 24.02 3.27 30.78
CA TRP A 1102 23.10 3.48 31.88
C TRP A 1102 23.37 2.49 33.01
N THR A 1103 23.60 1.22 32.67
CA THR A 1103 23.88 0.22 33.69
C THR A 1103 25.17 0.54 34.44
N ASN A 1104 26.20 0.98 33.72
CA ASN A 1104 27.45 1.38 34.38
C ASN A 1104 27.25 2.65 35.21
N LEU A 1105 26.28 3.48 34.84
CA LEU A 1105 26.05 4.73 35.56
C LEU A 1105 25.42 4.48 36.92
N PHE A 1106 24.40 3.63 36.98
CA PHE A 1106 23.65 3.35 38.20
C PHE A 1106 23.53 1.83 38.38
N PRO A 1107 24.61 1.18 38.83
CA PRO A 1107 24.54 -0.28 39.03
C PRO A 1107 23.58 -0.70 40.13
N GLU A 1108 23.21 0.21 41.04
CA GLU A 1108 22.34 -0.15 42.16
C GLU A 1108 20.88 -0.30 41.74
N LEU A 1109 20.50 0.18 40.57
CA LEU A 1109 19.13 0.09 40.07
C LEU A 1109 19.08 -0.96 38.97
N ASP A 1110 18.20 -1.94 39.12
CA ASP A 1110 17.99 -2.98 38.12
C ASP A 1110 16.83 -2.55 37.23
N CYS A 1111 17.14 -1.69 36.24
CA CYS A 1111 16.15 -1.19 35.30
C CYS A 1111 16.09 -2.11 34.09
N PHE A 1112 14.98 -2.05 33.37
CA PHE A 1112 14.68 -2.99 32.29
C PHE A 1112 14.55 -2.20 30.99
N PHE A 1113 15.10 -2.73 29.90
CA PHE A 1113 15.09 -2.03 28.62
C PHE A 1113 14.84 -3.02 27.50
N GLU A 1114 13.95 -2.66 26.58
CA GLU A 1114 13.90 -3.33 25.28
C GLU A 1114 13.83 -2.31 24.17
N PHE A 1115 14.37 -2.69 23.01
CA PHE A 1115 14.41 -1.83 21.85
C PHE A 1115 13.98 -2.64 20.63
N ALA A 1116 13.13 -2.04 19.81
CA ALA A 1116 12.73 -2.63 18.54
C ALA A 1116 12.99 -1.61 17.45
N HIS A 1117 13.68 -2.03 16.40
CA HIS A 1117 14.14 -1.12 15.34
C HIS A 1117 13.78 -1.69 13.98
N HIS A 1118 12.69 -1.19 13.39
CA HIS A 1118 12.38 -1.45 11.99
C HIS A 1118 12.73 -0.20 11.19
N SER A 1119 14.02 -0.06 10.87
CA SER A 1119 14.57 1.08 10.14
C SER A 1119 14.30 2.33 10.98
N ASP A 1120 13.63 3.36 10.44
CA ASP A 1120 13.39 4.57 11.22
C ASP A 1120 12.39 4.30 12.34
N ASP A 1121 11.37 3.50 12.07
CA ASP A 1121 10.39 3.17 13.10
C ASP A 1121 11.04 2.38 14.23
N ALA A 1122 10.61 2.66 15.44
CA ALA A 1122 11.24 2.04 16.62
C ALA A 1122 10.24 2.04 17.78
N LEU A 1123 10.58 1.24 18.78
CA LEU A 1123 9.79 1.14 20.00
C LEU A 1123 10.75 0.93 21.15
N PHE A 1124 10.73 1.82 22.13
CA PHE A 1124 11.60 1.73 23.30
C PHE A 1124 10.75 1.45 24.53
N ILE A 1125 10.92 0.27 25.10
CA ILE A 1125 10.22 -0.11 26.32
C ILE A 1125 11.16 0.15 27.50
N TYR A 1126 10.75 1.05 28.40
CA TYR A 1126 11.54 1.47 29.54
C TYR A 1126 10.82 1.00 30.81
N GLY A 1127 11.41 0.03 31.51
CA GLY A 1127 10.92 -0.34 32.81
C GLY A 1127 11.77 0.28 33.91
N TYR A 1128 11.28 1.35 34.52
CA TYR A 1128 11.98 2.08 35.55
C TYR A 1128 11.39 1.75 36.92
N LEU A 1129 11.92 2.41 37.94
CA LEU A 1129 11.53 2.14 39.32
C LEU A 1129 10.92 3.38 39.95
N GLU A 1130 9.76 3.20 40.58
CA GLU A 1130 9.05 4.28 41.24
C GLU A 1130 8.88 3.98 42.72
N PRO A 1131 9.13 4.96 43.59
CA PRO A 1131 8.94 4.74 45.03
C PRO A 1131 7.48 4.50 45.38
N VAL A 1132 7.27 3.73 46.44
CA VAL A 1132 5.92 3.43 46.92
C VAL A 1132 5.47 4.47 47.93
N ASP A 1137 12.18 7.38 51.50
CA ASP A 1137 13.49 6.76 51.59
C ASP A 1137 14.26 6.93 50.28
N TRP A 1138 13.53 6.97 49.16
CA TRP A 1138 14.16 7.14 47.86
C TRP A 1138 14.84 8.50 47.75
N PHE A 1139 14.19 9.55 48.23
CA PHE A 1139 14.80 10.87 48.17
C PHE A 1139 16.01 10.96 49.10
N LEU A 1140 15.95 10.30 50.25
CA LEU A 1140 17.12 10.23 51.13
C LEU A 1140 18.27 9.51 50.46
N PHE A 1141 17.97 8.40 49.77
CA PHE A 1141 19.01 7.67 49.05
C PHE A 1141 19.62 8.53 47.95
N VAL A 1142 18.80 9.27 47.21
CA VAL A 1142 19.30 10.13 46.16
C VAL A 1142 20.17 11.23 46.73
N SER A 1143 19.75 11.83 47.85
CA SER A 1143 20.55 12.88 48.49
C SER A 1143 21.88 12.33 48.98
N GLN A 1144 21.88 11.13 49.56
CA GLN A 1144 23.12 10.52 50.00
C GLN A 1144 24.05 10.24 48.83
N GLN A 1145 23.49 9.75 47.72
CA GLN A 1145 24.31 9.51 46.52
C GLN A 1145 24.90 10.80 45.99
N ILE A 1146 24.12 11.89 45.99
CA ILE A 1146 24.62 13.19 45.55
C ILE A 1146 25.76 13.65 46.45
N GLN A 1147 25.56 13.52 47.77
CA GLN A 1147 26.59 13.93 48.71
C GLN A 1147 27.81 13.02 48.67
N ALA A 1148 27.69 11.83 48.09
CA ALA A 1148 28.81 10.90 47.97
C ALA A 1148 29.69 11.20 46.76
N GLY A 1149 29.37 12.20 45.96
CA GLY A 1149 30.14 12.56 44.79
C GLY A 1149 29.58 12.12 43.47
N HIS A 1150 28.37 11.55 43.45
CA HIS A 1150 27.73 11.13 42.21
C HIS A 1150 26.75 12.22 41.78
N LEU A 1151 27.31 13.29 41.21
CA LEU A 1151 26.50 14.44 40.82
C LEU A 1151 25.48 14.11 39.74
N HIS A 1152 25.66 12.99 39.03
CA HIS A 1152 24.72 12.58 38.00
C HIS A 1152 23.52 11.82 38.56
N TRP A 1153 23.46 11.61 39.87
CA TRP A 1153 22.35 10.88 40.48
C TRP A 1153 21.10 11.73 40.64
N PHE A 1154 21.21 13.06 40.55
CA PHE A 1154 20.06 13.92 40.77
C PHE A 1154 19.08 13.90 39.61
N SER A 1155 19.47 13.36 38.46
CA SER A 1155 18.56 13.23 37.33
C SER A 1155 17.56 12.10 37.52
N VAL A 1156 17.71 11.28 38.55
CA VAL A 1156 16.86 10.11 38.75
C VAL A 1156 15.88 10.31 39.90
N ASN A 1157 16.01 11.40 40.66
CA ASN A 1157 15.21 11.58 41.88
C ASN A 1157 13.71 11.59 41.58
N THR A 1158 13.30 12.31 40.53
CA THR A 1158 11.91 12.38 40.15
C THR A 1158 11.79 12.22 38.64
N GLU A 1159 10.91 11.32 38.21
CA GLU A 1159 10.68 11.05 36.79
C GLU A 1159 11.98 10.63 36.11
N MET A 1160 12.50 9.48 36.55
CA MET A 1160 13.78 9.01 36.04
C MET A 1160 13.71 8.67 34.56
N TRP A 1161 12.53 8.28 34.07
CA TRP A 1161 12.41 7.94 32.65
C TRP A 1161 12.70 9.15 31.76
N LYS A 1162 12.45 10.36 32.27
CA LYS A 1162 12.83 11.57 31.53
C LYS A 1162 14.33 11.59 31.28
N SER A 1163 15.13 11.36 32.32
CA SER A 1163 16.58 11.37 32.16
C SER A 1163 17.04 10.18 31.35
N MET A 1164 16.39 9.04 31.50
CA MET A 1164 16.73 7.88 30.68
C MET A 1164 16.55 8.17 29.20
N PHE A 1165 15.41 8.79 28.84
CA PHE A 1165 15.19 9.12 27.44
C PHE A 1165 16.12 10.22 26.96
N ASN A 1166 16.43 11.20 27.83
CA ASN A 1166 17.37 12.23 27.45
C ASN A 1166 18.73 11.64 27.11
N LEU A 1167 19.24 10.76 27.97
CA LEU A 1167 20.52 10.12 27.70
C LEU A 1167 20.44 9.22 26.46
N HIS A 1168 19.34 8.49 26.30
CA HIS A 1168 19.22 7.63 25.12
C HIS A 1168 19.23 8.45 23.83
N GLU A 1169 18.48 9.56 23.81
CA GLU A 1169 18.46 10.42 22.63
C GLU A 1169 19.84 11.03 22.36
N HIS A 1170 20.54 11.45 23.41
CA HIS A 1170 21.86 12.02 23.21
C HIS A 1170 22.85 10.97 22.69
N ILE A 1171 22.81 9.76 23.22
CA ILE A 1171 23.70 8.71 22.75
C ILE A 1171 23.37 8.34 21.31
N LEU A 1172 22.08 8.37 20.94
CA LEU A 1172 21.71 8.15 19.55
C LEU A 1172 22.25 9.27 18.66
N LEU A 1173 22.19 10.51 19.15
CA LEU A 1173 22.79 11.62 18.39
C LEU A 1173 24.30 11.48 18.29
N LEU A 1174 24.93 10.79 19.23
CA LEU A 1174 26.36 10.52 19.11
C LEU A 1174 26.68 9.71 17.86
N GLY A 1175 25.69 9.00 17.32
CA GLY A 1175 25.75 8.50 15.96
C GLY A 1175 25.20 9.58 15.03
N SER A 1176 24.15 9.26 14.28
CA SER A 1176 23.46 10.28 13.51
C SER A 1176 21.96 10.08 13.56
N ILE A 1177 21.46 9.43 14.59
CA ILE A 1177 20.04 9.12 14.72
C ILE A 1177 19.40 10.20 15.59
N LYS A 1178 18.54 11.02 14.98
CA LYS A 1178 17.80 12.04 15.68
C LYS A 1178 16.36 11.57 15.83
N ILE A 1179 15.93 11.37 17.08
CA ILE A 1179 14.54 10.98 17.33
C ILE A 1179 13.64 12.18 17.05
N SER A 1180 12.64 11.97 16.20
CA SER A 1180 11.80 13.08 15.76
C SER A 1180 10.96 13.61 16.92
N PRO A 1181 11.06 14.89 17.26
CA PRO A 1181 10.19 15.43 18.31
C PRO A 1181 8.72 15.35 17.96
N LYS A 1182 8.38 15.36 16.68
CA LYS A 1182 6.98 15.42 16.27
C LYS A 1182 6.27 14.08 16.48
N LYS A 1183 6.73 13.04 15.80
CA LYS A 1183 6.01 11.78 15.70
C LYS A 1183 6.47 10.74 16.72
N THR A 1184 7.02 11.17 17.85
CA THR A 1184 7.40 10.27 18.93
C THR A 1184 6.50 10.52 20.13
N THR A 1185 5.85 9.47 20.62
CA THR A 1185 4.90 9.59 21.72
C THR A 1185 5.24 8.59 22.82
N VAL A 1186 5.20 9.06 24.07
CA VAL A 1186 5.44 8.20 25.22
C VAL A 1186 4.11 7.97 25.92
N SER A 1187 3.93 6.76 26.45
CA SER A 1187 2.67 6.42 27.10
C SER A 1187 2.90 5.22 28.01
N PRO A 1188 2.20 5.12 29.14
CA PRO A 1188 2.36 3.95 30.01
C PRO A 1188 1.45 2.78 29.69
N THR A 1189 0.60 2.88 28.67
CA THR A 1189 -0.36 1.82 28.36
C THR A 1189 -0.44 1.42 26.89
N ASN A 1190 -0.05 2.29 25.96
CA ASN A 1190 -0.24 2.03 24.54
C ASN A 1190 1.08 2.15 23.78
N ALA A 1191 1.12 1.52 22.60
CA ALA A 1191 2.30 1.59 21.75
C ALA A 1191 1.86 1.51 20.29
N GLU A 1192 2.73 1.99 19.40
CA GLU A 1192 2.48 1.96 17.97
C GLU A 1192 3.76 1.55 17.26
N PHE A 1193 3.67 0.51 16.43
CA PHE A 1193 4.84 0.01 15.73
C PHE A 1193 4.39 -0.79 14.52
N LEU A 1194 5.15 -0.66 13.43
CA LEU A 1194 4.88 -1.38 12.18
C LEU A 1194 3.48 -1.11 11.65
N SER A 1195 3.01 0.13 11.82
CA SER A 1195 1.67 0.55 11.42
C SER A 1195 0.57 -0.23 12.15
N THR A 1196 0.87 -0.78 13.31
CA THR A 1196 -0.10 -1.50 14.13
C THR A 1196 -0.08 -0.91 15.53
N PHE A 1197 -1.18 -1.13 16.25
CA PHE A 1197 -1.39 -0.56 17.58
C PHE A 1197 -1.40 -1.68 18.62
N PHE A 1198 -0.63 -1.48 19.69
CA PHE A 1198 -0.50 -2.46 20.75
C PHE A 1198 -1.06 -1.89 22.05
N GLU A 1199 -2.00 -2.62 22.64
CA GLU A 1199 -2.44 -2.38 24.02
C GLU A 1199 -1.82 -3.48 24.87
N GLY A 1200 -0.59 -3.24 25.32
CA GLY A 1200 0.17 -4.27 26.00
C GLY A 1200 0.41 -5.46 25.09
N CYS A 1201 -0.28 -6.56 25.37
CA CYS A 1201 -0.18 -7.73 24.50
C CYS A 1201 -1.15 -7.67 23.33
N ALA A 1202 -2.25 -6.93 23.47
CA ALA A 1202 -3.26 -6.88 22.41
C ALA A 1202 -2.72 -6.17 21.17
N VAL A 1203 -3.07 -6.71 20.01
CA VAL A 1203 -2.61 -6.21 18.72
C VAL A 1203 -3.81 -5.88 17.86
N SER A 1204 -3.77 -4.70 17.21
CA SER A 1204 -4.88 -4.30 16.29
C SER A 1204 -4.26 -3.95 14.94
N ILE A 1205 -4.28 -4.89 13.99
CA ILE A 1205 -3.69 -4.65 12.64
C ILE A 1205 -4.80 -4.13 11.73
N PRO A 1206 -4.64 -2.96 11.08
CA PRO A 1206 -5.65 -2.49 10.13
C PRO A 1206 -5.69 -3.48 8.96
N PHE A 1207 -6.90 -3.88 8.55
CA PHE A 1207 -7.06 -4.83 7.42
C PHE A 1207 -7.84 -4.12 6.33
N VAL A 1208 -8.14 -2.83 6.56
CA VAL A 1208 -8.93 -2.07 5.59
C VAL A 1208 -8.12 -1.83 4.32
N LYS A 1209 -6.80 -1.72 4.45
CA LYS A 1209 -5.97 -1.36 3.30
C LYS A 1209 -6.05 -2.39 2.19
N ILE A 1210 -6.16 -3.67 2.52
CA ILE A 1210 -6.27 -4.70 1.49
C ILE A 1210 -7.71 -4.95 1.09
N LEU A 1211 -8.66 -4.72 2.00
CA LEU A 1211 -10.07 -4.81 1.63
C LEU A 1211 -10.44 -3.74 0.61
N LEU A 1212 -10.00 -2.51 0.83
CA LEU A 1212 -10.26 -1.45 -0.14
C LEU A 1212 -9.41 -1.61 -1.39
N GLY A 1213 -8.24 -2.23 -1.26
CA GLY A 1213 -7.39 -2.45 -2.41
C GLY A 1213 -7.80 -3.59 -3.31
N SER A 1214 -8.77 -4.41 -2.88
CA SER A 1214 -9.24 -5.51 -3.71
C SER A 1214 -9.91 -4.99 -4.98
N LEU A 1215 -10.71 -3.93 -4.86
CA LEU A 1215 -11.38 -3.35 -6.02
C LEU A 1215 -10.48 -2.40 -6.79
N SER A 1216 -9.61 -1.67 -6.10
CA SER A 1216 -8.78 -0.66 -6.74
C SER A 1216 -7.54 -1.22 -7.39
N ASP A 1217 -7.16 -2.47 -7.10
CA ASP A 1217 -5.90 -3.02 -7.62
C ASP A 1217 -6.21 -4.41 -8.19
N LEU A 1218 -6.53 -4.45 -9.48
CA LEU A 1218 -6.76 -5.71 -10.15
C LEU A 1218 -5.56 -6.06 -11.02
N PRO A 1219 -5.02 -7.28 -10.90
CA PRO A 1219 -3.80 -7.62 -11.66
C PRO A 1219 -3.99 -7.58 -13.16
N GLY A 1220 -5.12 -8.06 -13.67
CA GLY A 1220 -5.38 -8.03 -15.10
C GLY A 1220 -4.80 -9.18 -15.90
N LEU A 1221 -4.30 -10.23 -15.22
CA LEU A 1221 -3.77 -11.38 -15.95
C LEU A 1221 -4.87 -12.07 -16.76
N GLY A 1222 -6.03 -12.27 -16.14
CA GLY A 1222 -7.15 -12.90 -16.80
C GLY A 1222 -8.31 -12.99 -15.83
N TYR A 1223 -9.49 -13.27 -16.39
CA TYR A 1223 -10.71 -13.26 -15.58
C TYR A 1223 -10.58 -14.17 -14.37
N PHE A 1224 -10.19 -15.44 -14.60
CA PHE A 1224 -9.99 -16.35 -13.47
C PHE A 1224 -8.87 -15.86 -12.57
N ASP A 1225 -7.76 -15.40 -13.17
CA ASP A 1225 -6.60 -14.99 -12.38
C ASP A 1225 -6.93 -13.80 -11.49
N ASP A 1226 -7.52 -12.74 -12.06
CA ASP A 1226 -7.82 -11.56 -11.25
C ASP A 1226 -8.97 -11.82 -10.29
N LEU A 1227 -9.93 -12.67 -10.67
CA LEU A 1227 -10.98 -13.04 -9.73
C LEU A 1227 -10.40 -13.76 -8.51
N ALA A 1228 -9.46 -14.69 -8.75
CA ALA A 1228 -8.81 -15.38 -7.65
C ALA A 1228 -7.98 -14.42 -6.81
N ALA A 1229 -7.28 -13.48 -7.46
CA ALA A 1229 -6.47 -12.52 -6.73
C ALA A 1229 -7.33 -11.63 -5.84
N ALA A 1230 -8.45 -11.13 -6.39
CA ALA A 1230 -9.37 -10.34 -5.58
C ALA A 1230 -9.95 -11.16 -4.44
N GLN A 1231 -10.29 -12.42 -4.71
CA GLN A 1231 -10.74 -13.30 -3.64
C GLN A 1231 -9.63 -13.61 -2.65
N SER A 1232 -8.37 -13.56 -3.10
CA SER A 1232 -7.26 -13.85 -2.19
C SER A 1232 -7.05 -12.72 -1.21
N ARG A 1233 -7.21 -11.46 -1.65
CA ARG A 1233 -7.03 -10.33 -0.75
C ARG A 1233 -8.11 -10.30 0.33
N CYS A 1234 -9.27 -10.87 0.06
CA CYS A 1234 -10.28 -11.02 1.10
C CYS A 1234 -9.87 -12.07 2.13
N VAL A 1235 -9.16 -13.11 1.70
CA VAL A 1235 -8.62 -14.09 2.64
C VAL A 1235 -7.57 -13.45 3.54
N LYS A 1236 -6.69 -12.62 2.96
CA LYS A 1236 -5.68 -11.95 3.77
C LYS A 1236 -6.31 -11.06 4.82
N ALA A 1237 -7.36 -10.33 4.45
CA ALA A 1237 -8.08 -9.51 5.42
C ALA A 1237 -8.71 -10.37 6.51
N LEU A 1238 -9.27 -11.53 6.12
CA LEU A 1238 -9.82 -12.44 7.11
C LEU A 1238 -8.74 -12.94 8.05
N ASP A 1239 -7.50 -13.06 7.57
CA ASP A 1239 -6.40 -13.42 8.44
C ASP A 1239 -6.05 -12.28 9.40
N LEU A 1240 -5.99 -11.05 8.88
CA LEU A 1240 -5.51 -9.92 9.67
C LEU A 1240 -6.52 -9.41 10.69
N GLY A 1241 -7.75 -9.89 10.67
CA GLY A 1241 -8.70 -9.50 11.71
C GLY A 1241 -10.12 -9.28 11.25
N ALA A 1242 -10.35 -9.22 9.94
CA ALA A 1242 -11.70 -9.03 9.43
C ALA A 1242 -12.59 -10.19 9.82
N SER A 1243 -13.79 -9.88 10.30
CA SER A 1243 -14.73 -10.91 10.66
C SER A 1243 -15.21 -11.65 9.41
N PRO A 1244 -15.66 -12.89 9.56
CA PRO A 1244 -16.13 -13.64 8.38
C PRO A 1244 -17.26 -12.95 7.62
N GLN A 1245 -18.15 -12.25 8.33
CA GLN A 1245 -19.23 -11.54 7.64
C GLN A 1245 -18.69 -10.39 6.82
N VAL A 1246 -17.75 -9.61 7.37
CA VAL A 1246 -17.16 -8.50 6.64
C VAL A 1246 -16.40 -9.01 5.42
N ALA A 1247 -15.64 -10.09 5.59
CA ALA A 1247 -14.92 -10.66 4.46
C ALA A 1247 -15.87 -11.18 3.40
N GLN A 1248 -16.99 -11.80 3.82
CA GLN A 1248 -17.97 -12.27 2.85
C GLN A 1248 -18.61 -11.12 2.09
N LEU A 1249 -18.96 -10.04 2.78
CA LEU A 1249 -19.53 -8.87 2.11
C LEU A 1249 -18.54 -8.29 1.10
N ALA A 1250 -17.28 -8.13 1.53
CA ALA A 1250 -16.27 -7.57 0.65
C ALA A 1250 -16.02 -8.47 -0.56
N VAL A 1251 -16.00 -9.79 -0.34
CA VAL A 1251 -15.76 -10.70 -1.45
C VAL A 1251 -16.93 -10.68 -2.43
N ALA A 1252 -18.16 -10.57 -1.92
CA ALA A 1252 -19.30 -10.42 -2.80
C ALA A 1252 -19.18 -9.15 -3.63
N LEU A 1253 -18.76 -8.05 -2.99
CA LEU A 1253 -18.61 -6.79 -3.71
C LEU A 1253 -17.57 -6.91 -4.82
N CYS A 1254 -16.41 -7.51 -4.52
CA CYS A 1254 -15.37 -7.52 -5.55
C CYS A 1254 -15.68 -8.51 -6.66
N THR A 1255 -16.28 -9.67 -6.36
CA THR A 1255 -16.68 -10.54 -7.45
C THR A 1255 -17.80 -9.93 -8.29
N SER A 1256 -18.70 -9.16 -7.68
CA SER A 1256 -19.68 -8.43 -8.47
C SER A 1256 -18.98 -7.43 -9.39
N LYS A 1257 -17.96 -6.74 -8.87
CA LYS A 1257 -17.20 -5.80 -9.69
C LYS A 1257 -16.53 -6.48 -10.87
N VAL A 1258 -15.90 -7.64 -10.63
CA VAL A 1258 -15.23 -8.36 -11.71
C VAL A 1258 -16.25 -8.88 -12.73
N GLU A 1259 -17.40 -9.37 -12.25
CA GLU A 1259 -18.44 -9.82 -13.17
C GLU A 1259 -18.94 -8.68 -14.04
N ARG A 1260 -19.17 -7.51 -13.44
CA ARG A 1260 -19.62 -6.36 -14.21
C ARG A 1260 -18.57 -5.91 -15.21
N LEU A 1261 -17.29 -5.93 -14.82
CA LEU A 1261 -16.23 -5.44 -15.69
C LEU A 1261 -16.04 -6.35 -16.90
N TYR A 1262 -16.11 -7.66 -16.70
CA TYR A 1262 -15.88 -8.63 -17.77
C TYR A 1262 -17.15 -9.05 -18.47
N GLY A 1263 -18.32 -8.55 -18.04
CA GLY A 1263 -19.56 -8.93 -18.66
C GLY A 1263 -20.12 -10.26 -18.21
N THR A 1264 -19.47 -10.95 -17.28
CA THR A 1264 -19.94 -12.23 -16.81
C THR A 1264 -21.26 -12.13 -16.06
N ALA A 1265 -21.58 -10.96 -15.51
CA ALA A 1265 -22.79 -10.80 -14.73
C ALA A 1265 -24.03 -11.15 -15.58
N PRO A 1266 -25.05 -11.74 -14.97
CA PRO A 1266 -26.19 -12.21 -15.77
C PRO A 1266 -26.95 -11.06 -16.40
N GLY A 1267 -27.44 -11.30 -17.62
CA GLY A 1267 -28.14 -10.31 -18.40
C GLY A 1267 -27.27 -9.47 -19.30
N MET A 1268 -25.95 -9.54 -19.15
CA MET A 1268 -25.02 -8.77 -19.98
C MET A 1268 -24.53 -9.62 -21.15
N VAL A 1269 -23.52 -9.09 -21.85
CA VAL A 1269 -23.09 -9.68 -23.12
C VAL A 1269 -22.48 -11.06 -22.90
N ASN A 1270 -21.56 -11.18 -21.95
CA ASN A 1270 -20.78 -12.40 -21.77
C ASN A 1270 -21.36 -13.32 -20.70
N HIS A 1271 -22.67 -13.36 -20.56
CA HIS A 1271 -23.29 -14.29 -19.63
C HIS A 1271 -23.22 -15.70 -20.20
N PRO A 1272 -22.58 -16.66 -19.52
CA PRO A 1272 -22.43 -18.01 -20.10
C PRO A 1272 -23.72 -18.79 -20.15
N ALA A 1273 -24.79 -18.36 -19.47
CA ALA A 1273 -26.02 -19.13 -19.44
C ALA A 1273 -26.65 -19.21 -20.82
N ALA A 1274 -26.60 -18.13 -21.59
CA ALA A 1274 -27.26 -18.07 -22.88
C ALA A 1274 -26.48 -18.75 -24.00
N TYR A 1275 -25.24 -19.17 -23.75
CA TYR A 1275 -24.42 -19.77 -24.80
C TYR A 1275 -23.75 -21.08 -24.41
N LEU A 1276 -23.96 -21.58 -23.19
CA LEU A 1276 -23.31 -22.81 -22.75
C LEU A 1276 -24.30 -23.84 -22.22
N GLN A 1277 -25.60 -23.60 -22.35
CA GLN A 1277 -26.62 -24.57 -21.97
C GLN A 1277 -26.47 -25.04 -20.52
N VAL A 1278 -26.16 -24.10 -19.63
CA VAL A 1278 -25.96 -24.37 -18.22
C VAL A 1278 -26.74 -23.34 -17.40
N LYS A 1279 -26.62 -23.44 -16.08
CA LYS A 1279 -27.37 -22.60 -15.16
C LYS A 1279 -26.52 -21.48 -14.56
N HIS A 1280 -25.33 -21.25 -15.10
CA HIS A 1280 -24.35 -20.26 -14.64
C HIS A 1280 -23.75 -20.62 -13.29
N THR A 1281 -24.24 -21.68 -12.63
CA THR A 1281 -23.62 -22.20 -11.42
C THR A 1281 -22.80 -23.46 -11.69
N ASP A 1282 -23.08 -24.16 -12.78
CA ASP A 1282 -22.32 -25.33 -13.19
C ASP A 1282 -21.29 -24.99 -14.26
N THR A 1283 -21.04 -23.70 -14.48
CA THR A 1283 -20.07 -23.23 -15.46
C THR A 1283 -18.70 -23.10 -14.82
N PRO A 1284 -17.66 -23.65 -15.45
CA PRO A 1284 -16.30 -23.45 -14.92
C PRO A 1284 -15.94 -21.97 -14.87
N ILE A 1285 -15.18 -21.61 -13.84
CA ILE A 1285 -14.82 -20.20 -13.64
C ILE A 1285 -14.04 -19.62 -14.81
N PRO A 1286 -13.02 -20.27 -15.36
CA PRO A 1286 -12.32 -19.68 -16.52
C PRO A 1286 -13.19 -19.48 -17.75
N LEU A 1287 -14.44 -19.95 -17.74
CA LEU A 1287 -15.37 -19.74 -18.84
C LEU A 1287 -16.63 -19.07 -18.27
N GLY A 1288 -16.42 -18.14 -17.34
CA GLY A 1288 -17.53 -17.49 -16.67
C GLY A 1288 -17.68 -17.95 -15.24
N GLY A 1289 -18.77 -18.67 -14.96
CA GLY A 1289 -18.98 -19.20 -13.62
C GLY A 1289 -19.51 -18.17 -12.65
N ASN A 1290 -20.27 -18.62 -11.65
CA ASN A 1290 -20.84 -17.69 -10.67
C ASN A 1290 -19.76 -16.98 -9.88
N GLY A 1291 -18.74 -17.71 -9.44
CA GLY A 1291 -17.70 -17.13 -8.61
C GLY A 1291 -18.12 -16.83 -7.18
N ALA A 1292 -19.37 -17.14 -6.81
CA ALA A 1292 -19.85 -16.93 -5.45
C ALA A 1292 -19.45 -18.12 -4.60
N MET A 1293 -18.46 -17.92 -3.74
CA MET A 1293 -17.91 -19.00 -2.94
C MET A 1293 -17.78 -18.51 -1.51
N SER A 1294 -18.18 -19.36 -0.55
CA SER A 1294 -18.14 -18.96 0.86
C SER A 1294 -16.71 -18.64 1.28
N ILE A 1295 -16.53 -17.52 1.98
CA ILE A 1295 -15.20 -17.07 2.36
C ILE A 1295 -14.50 -18.09 3.25
N MET A 1296 -15.28 -18.89 3.99
CA MET A 1296 -14.68 -19.95 4.81
C MET A 1296 -13.96 -20.96 3.94
N GLU A 1297 -14.56 -21.35 2.82
CA GLU A 1297 -13.94 -22.34 1.95
C GLU A 1297 -12.69 -21.79 1.28
N LEU A 1298 -12.73 -20.54 0.83
CA LEU A 1298 -11.54 -19.93 0.26
C LEU A 1298 -10.43 -19.81 1.29
N ALA A 1299 -10.78 -19.45 2.53
CA ALA A 1299 -9.76 -19.31 3.57
C ALA A 1299 -9.13 -20.65 3.90
N THR A 1300 -9.94 -21.69 4.07
CA THR A 1300 -9.43 -22.98 4.52
C THR A 1300 -9.11 -23.92 3.36
N ALA A 1301 -10.11 -24.26 2.56
CA ALA A 1301 -9.93 -25.29 1.53
C ALA A 1301 -9.01 -24.81 0.42
N GLY A 1302 -9.26 -23.62 -0.11
CA GLY A 1302 -8.49 -23.10 -1.22
C GLY A 1302 -9.34 -22.22 -2.10
N ILE A 1303 -8.68 -21.59 -3.07
CA ILE A 1303 -9.34 -20.64 -3.96
C ILE A 1303 -9.97 -21.34 -5.16
N GLY A 1304 -9.27 -22.29 -5.77
CA GLY A 1304 -9.78 -22.99 -6.92
C GLY A 1304 -10.82 -24.06 -6.64
N MET A 1305 -11.20 -24.23 -5.36
CA MET A 1305 -12.12 -25.28 -4.98
C MET A 1305 -13.43 -25.20 -5.75
N SER A 1306 -13.91 -23.99 -6.02
CA SER A 1306 -15.17 -23.82 -6.74
C SER A 1306 -15.16 -24.54 -8.08
N ASP A 1307 -13.98 -24.67 -8.70
CA ASP A 1307 -13.87 -25.51 -9.88
C ASP A 1307 -13.83 -26.98 -9.51
N LYS A 1308 -12.91 -27.35 -8.61
CA LYS A 1308 -12.69 -28.75 -8.28
C LYS A 1308 -13.94 -29.40 -7.74
N ASN A 1309 -14.63 -28.71 -6.82
CA ASN A 1309 -15.90 -29.21 -6.30
C ASN A 1309 -16.84 -29.56 -7.44
N LEU A 1310 -16.96 -28.65 -8.43
CA LEU A 1310 -17.81 -28.91 -9.58
C LEU A 1310 -17.42 -30.23 -10.25
N LEU A 1311 -16.12 -30.45 -10.43
CA LEU A 1311 -15.65 -31.70 -11.02
C LEU A 1311 -16.24 -32.89 -10.28
N LYS A 1312 -16.18 -32.86 -8.95
CA LYS A 1312 -16.79 -33.93 -8.17
C LYS A 1312 -18.27 -34.04 -8.48
N ARG A 1313 -18.99 -32.92 -8.39
CA ARG A 1313 -20.42 -32.94 -8.68
C ARG A 1313 -20.68 -33.30 -10.13
N ALA A 1314 -19.67 -33.21 -10.99
CA ALA A 1314 -19.80 -33.73 -12.34
C ALA A 1314 -19.62 -35.24 -12.35
N LEU A 1315 -18.54 -35.72 -11.73
CA LEU A 1315 -18.22 -37.15 -11.81
C LEU A 1315 -19.29 -37.99 -11.15
N LEU A 1316 -19.76 -37.58 -9.97
CA LEU A 1316 -20.87 -38.27 -9.32
C LEU A 1316 -22.10 -38.28 -10.22
N GLY A 1317 -22.31 -37.21 -10.99
CA GLY A 1317 -23.38 -37.22 -11.97
C GLY A 1317 -23.11 -38.19 -13.11
N TYR A 1318 -21.85 -38.26 -13.56
CA TYR A 1318 -21.52 -39.09 -14.70
C TYR A 1318 -21.47 -40.57 -14.35
N SER A 1319 -21.03 -40.91 -13.13
CA SER A 1319 -20.92 -42.31 -12.74
C SER A 1319 -22.29 -42.89 -12.38
N HIS A 1320 -22.99 -42.24 -11.45
CA HIS A 1320 -24.26 -42.80 -10.97
C HIS A 1320 -25.38 -42.61 -11.99
N LYS A 1321 -25.44 -41.43 -12.62
CA LYS A 1321 -26.55 -41.11 -13.51
C LYS A 1321 -26.21 -41.15 -14.99
N ARG A 1322 -24.94 -40.94 -15.36
CA ARG A 1322 -24.52 -40.87 -16.76
C ARG A 1322 -25.29 -39.80 -17.51
N GLN A 1323 -25.53 -38.67 -16.85
CA GLN A 1323 -26.31 -37.59 -17.45
C GLN A 1323 -25.51 -36.91 -18.56
N LYS A 1324 -26.24 -36.37 -19.55
CA LYS A 1324 -25.59 -35.70 -20.66
C LYS A 1324 -25.07 -34.33 -20.27
N SER A 1325 -25.72 -33.65 -19.31
CA SER A 1325 -25.20 -32.38 -18.83
C SER A 1325 -23.87 -32.56 -18.13
N MET A 1326 -23.71 -33.66 -17.39
CA MET A 1326 -22.42 -33.97 -16.78
C MET A 1326 -21.36 -34.20 -17.84
N LEU A 1327 -21.73 -34.86 -18.93
CA LEU A 1327 -20.80 -35.03 -20.05
C LEU A 1327 -20.43 -33.69 -20.67
N TYR A 1328 -21.39 -32.77 -20.72
CA TYR A 1328 -21.12 -31.43 -21.23
C TYR A 1328 -20.12 -30.69 -20.35
N ILE A 1329 -20.31 -30.77 -19.03
CA ILE A 1329 -19.38 -30.14 -18.10
C ILE A 1329 -18.00 -30.79 -18.22
N LEU A 1330 -17.97 -32.11 -18.41
CA LEU A 1330 -16.72 -32.82 -18.61
C LEU A 1330 -16.02 -32.32 -19.87
N GLY A 1331 -16.79 -32.08 -20.93
CA GLY A 1331 -16.20 -31.54 -22.15
C GLY A 1331 -15.65 -30.13 -21.95
N LEU A 1332 -16.34 -29.32 -21.15
CA LEU A 1332 -15.81 -28.00 -20.82
C LEU A 1332 -14.49 -28.11 -20.08
N PHE A 1333 -14.42 -29.03 -19.12
CA PHE A 1333 -13.17 -29.25 -18.39
C PHE A 1333 -12.06 -29.74 -19.32
N LYS A 1334 -12.41 -30.62 -20.27
CA LYS A 1334 -11.43 -31.06 -21.26
C LYS A 1334 -10.96 -29.93 -22.15
N PHE A 1335 -11.85 -29.00 -22.51
CA PHE A 1335 -11.42 -27.85 -23.28
C PHE A 1335 -10.42 -27.01 -22.49
N LEU A 1336 -10.72 -26.79 -21.20
CA LEU A 1336 -9.78 -26.07 -20.35
C LEU A 1336 -8.44 -26.81 -20.28
N MET A 1337 -8.48 -28.13 -20.15
CA MET A 1337 -7.25 -28.93 -20.08
C MET A 1337 -6.45 -28.79 -21.37
N LYS A 1338 -7.14 -28.85 -22.52
CA LYS A 1338 -6.47 -28.73 -23.80
C LYS A 1338 -5.84 -27.35 -23.97
N LEU A 1339 -6.54 -26.30 -23.56
CA LEU A 1339 -5.97 -24.95 -23.65
C LEU A 1339 -4.76 -24.81 -22.74
N SER A 1340 -4.83 -25.38 -21.53
CA SER A 1340 -3.68 -25.33 -20.62
C SER A 1340 -2.49 -26.07 -21.21
N ASP A 1341 -2.72 -27.22 -21.84
CA ASP A 1341 -1.63 -27.95 -22.49
C ASP A 1341 -1.06 -27.16 -23.66
N GLU A 1342 -1.93 -26.52 -24.46
CA GLU A 1342 -1.47 -25.80 -25.64
C GLU A 1342 -0.64 -24.58 -25.25
N THR A 1343 -1.10 -23.80 -24.27
CA THR A 1343 -0.47 -22.55 -23.90
C THR A 1343 0.43 -22.79 -22.68
N PHE A 1344 1.72 -22.58 -22.86
CA PHE A 1344 2.69 -22.77 -21.78
C PHE A 1344 3.96 -21.96 -22.03
N GLN A 1351 -3.21 -17.96 -10.48
CA GLN A 1351 -3.31 -18.99 -9.47
C GLN A 1351 -2.95 -20.36 -10.06
N PHE A 1352 -3.08 -21.41 -9.27
CA PHE A 1352 -2.71 -22.76 -9.68
C PHE A 1352 -3.97 -23.50 -10.12
N SER A 1353 -4.28 -23.39 -11.42
CA SER A 1353 -5.40 -24.09 -12.03
C SER A 1353 -5.33 -23.90 -13.54
N PHE A 1354 -6.07 -24.74 -14.26
CA PHE A 1354 -6.15 -24.59 -15.70
C PHE A 1354 -7.03 -23.38 -16.06
N ILE A 1355 -6.57 -22.57 -17.00
CA ILE A 1355 -7.22 -21.32 -17.36
C ILE A 1355 -7.48 -21.32 -18.85
N GLY A 1356 -8.47 -20.52 -19.25
CA GLY A 1356 -8.81 -20.37 -20.65
C GLY A 1356 -8.80 -18.93 -21.13
N GLU A 1368 9.75 -4.66 -29.57
CA GLU A 1368 9.54 -3.25 -29.28
C GLU A 1368 10.72 -2.64 -28.52
N PHE A 1369 11.24 -3.39 -27.56
CA PHE A 1369 12.22 -2.85 -26.62
C PHE A 1369 13.62 -2.96 -27.22
N GLU A 1370 14.64 -2.69 -26.41
CA GLU A 1370 16.01 -2.59 -26.94
C GLU A 1370 16.54 -3.94 -27.39
N PHE A 1371 16.42 -4.97 -26.55
CA PHE A 1371 17.06 -6.25 -26.81
C PHE A 1371 16.06 -7.39 -27.03
N ALA A 1372 14.78 -7.07 -27.18
CA ALA A 1372 13.78 -8.12 -27.40
C ALA A 1372 13.87 -8.72 -28.80
N ASP A 1373 14.58 -8.08 -29.73
CA ASP A 1373 14.65 -8.54 -31.11
C ASP A 1373 15.99 -9.16 -31.46
N MET A 1374 16.85 -9.42 -30.46
CA MET A 1374 18.17 -9.95 -30.75
C MET A 1374 18.12 -11.39 -31.22
N TYR A 1375 17.14 -12.17 -30.76
CA TYR A 1375 16.95 -13.55 -31.18
C TYR A 1375 15.54 -13.72 -31.77
N THR A 1376 15.46 -14.55 -32.81
CA THR A 1376 14.18 -14.81 -33.46
C THR A 1376 13.24 -15.58 -32.54
N SER A 1377 11.93 -15.35 -32.71
CA SER A 1377 10.94 -16.00 -31.87
C SER A 1377 10.94 -17.52 -32.07
N LYS A 1378 11.08 -17.97 -33.32
CA LYS A 1378 11.14 -19.41 -33.57
C LYS A 1378 12.38 -20.02 -32.94
N PHE A 1379 13.50 -19.26 -32.91
CA PHE A 1379 14.69 -19.74 -32.22
C PHE A 1379 14.40 -19.89 -30.73
N LEU A 1380 13.67 -18.94 -30.15
CA LEU A 1380 13.29 -19.07 -28.74
C LEU A 1380 12.40 -20.28 -28.51
N GLU A 1381 11.45 -20.54 -29.41
CA GLU A 1381 10.59 -21.70 -29.25
C GLU A 1381 11.39 -23.01 -29.32
N LEU A 1382 12.29 -23.10 -30.30
CA LEU A 1382 13.12 -24.30 -30.41
C LEU A 1382 14.01 -24.47 -29.19
N TRP A 1383 14.60 -23.38 -28.71
CA TRP A 1383 15.46 -23.45 -27.53
C TRP A 1383 14.67 -23.86 -26.29
N SER A 1384 13.45 -23.33 -26.13
CA SER A 1384 12.63 -23.71 -24.99
C SER A 1384 12.24 -25.17 -25.05
N SER A 1385 11.92 -25.66 -26.25
CA SER A 1385 11.59 -27.08 -26.40
C SER A 1385 12.80 -27.96 -26.09
N GLN A 1386 13.99 -27.54 -26.54
CA GLN A 1386 15.18 -28.35 -26.33
C GLN A 1386 15.60 -28.37 -24.86
N HIS A 1387 15.66 -27.19 -24.23
CA HIS A 1387 16.12 -27.08 -22.84
C HIS A 1387 14.90 -26.94 -21.94
N VAL A 1388 14.30 -28.08 -21.60
CA VAL A 1388 13.08 -28.08 -20.80
C VAL A 1388 13.39 -27.66 -19.36
N THR A 1389 14.53 -28.10 -18.82
CA THR A 1389 14.83 -27.86 -17.41
C THR A 1389 14.91 -26.37 -17.08
N TYR A 1390 15.27 -25.55 -18.05
CA TYR A 1390 15.41 -24.11 -17.80
C TYR A 1390 14.08 -23.42 -17.54
N ASP A 1391 12.96 -24.10 -17.78
CA ASP A 1391 11.67 -23.54 -17.40
C ASP A 1391 11.51 -23.46 -15.89
N TYR A 1392 12.30 -24.21 -15.13
CA TYR A 1392 12.19 -24.25 -13.68
C TYR A 1392 13.39 -23.66 -12.95
N ILE A 1393 14.55 -23.60 -13.60
CA ILE A 1393 15.75 -23.05 -12.99
C ILE A 1393 16.34 -22.00 -13.93
N ILE A 1394 17.06 -21.05 -13.35
CA ILE A 1394 17.70 -19.98 -14.11
C ILE A 1394 19.10 -20.44 -14.51
N PRO A 1395 19.50 -20.28 -15.77
CA PRO A 1395 20.83 -20.74 -16.20
C PRO A 1395 21.93 -19.98 -15.47
N LYS A 1396 23.16 -20.48 -15.65
CA LYS A 1396 24.33 -19.88 -15.05
C LYS A 1396 25.37 -19.43 -16.07
N GLY A 1397 25.46 -20.09 -17.22
CA GLY A 1397 26.36 -19.64 -18.26
C GLY A 1397 25.90 -18.34 -18.89
N ARG A 1398 26.84 -17.63 -19.52
CA ARG A 1398 26.53 -16.32 -20.06
C ARG A 1398 25.53 -16.42 -21.22
N ASP A 1399 25.80 -17.30 -22.19
CA ASP A 1399 24.96 -17.38 -23.37
C ASP A 1399 23.59 -17.96 -23.05
N ASN A 1400 23.55 -19.02 -22.24
CA ASN A 1400 22.26 -19.61 -21.88
C ASN A 1400 21.41 -18.64 -21.08
N LEU A 1401 22.03 -17.91 -20.13
CA LEU A 1401 21.28 -16.91 -19.37
C LEU A 1401 20.82 -15.77 -20.27
N LEU A 1402 21.65 -15.40 -21.25
CA LEU A 1402 21.27 -14.33 -22.17
C LEU A 1402 20.05 -14.75 -23.00
N ILE A 1403 20.05 -15.98 -23.51
CA ILE A 1403 18.91 -16.46 -24.28
C ILE A 1403 17.67 -16.57 -23.38
N TYR A 1404 17.85 -17.02 -22.14
CA TYR A 1404 16.75 -17.10 -21.20
C TYR A 1404 16.16 -15.72 -20.94
N LEU A 1405 17.01 -14.70 -20.82
CA LEU A 1405 16.53 -13.35 -20.58
C LEU A 1405 15.84 -12.78 -21.80
N VAL A 1406 16.36 -13.05 -23.00
CA VAL A 1406 15.70 -12.60 -24.22
C VAL A 1406 14.32 -13.22 -24.32
N ARG A 1407 14.21 -14.52 -24.01
CA ARG A 1407 12.91 -15.17 -24.00
C ARG A 1407 12.00 -14.57 -22.94
N LYS A 1408 12.57 -14.22 -21.78
CA LYS A 1408 11.77 -13.62 -20.71
C LYS A 1408 11.23 -12.25 -21.12
N LEU A 1409 11.97 -11.52 -21.95
CA LEU A 1409 11.50 -10.22 -22.41
C LEU A 1409 10.26 -10.36 -23.31
N ASN A 1410 10.18 -11.44 -24.07
CA ASN A 1410 9.10 -11.64 -25.04
C ASN A 1410 7.91 -12.37 -24.47
N ASP A 1411 7.92 -12.74 -23.20
CA ASP A 1411 6.75 -13.40 -22.60
C ASP A 1411 5.60 -12.42 -22.54
N PRO A 1412 4.38 -12.83 -22.95
CA PRO A 1412 3.25 -11.90 -22.93
C PRO A 1412 2.95 -11.33 -21.55
N SER A 1413 3.10 -12.14 -20.50
CA SER A 1413 2.87 -11.64 -19.15
C SER A 1413 3.91 -10.59 -18.78
N ILE A 1414 5.16 -10.78 -19.18
CA ILE A 1414 6.20 -9.80 -18.90
C ILE A 1414 5.93 -8.51 -19.65
N VAL A 1415 5.56 -8.62 -20.93
CA VAL A 1415 5.30 -7.41 -21.73
C VAL A 1415 4.11 -6.65 -21.17
N THR A 1416 3.04 -7.36 -20.81
CA THR A 1416 1.87 -6.70 -20.25
C THR A 1416 2.19 -6.05 -18.91
N ALA A 1417 3.00 -6.71 -18.08
CA ALA A 1417 3.38 -6.15 -16.79
C ALA A 1417 4.34 -4.97 -16.92
N MET A 1418 4.96 -4.79 -18.09
CA MET A 1418 5.87 -3.67 -18.30
C MET A 1418 5.39 -2.80 -19.46
N LEU A 1424 -5.43 3.24 -12.29
CA LEU A 1424 -4.54 2.43 -13.11
C LEU A 1424 -4.96 2.46 -14.58
N GLN A 1425 -3.97 2.48 -15.47
CA GLN A 1425 -4.27 2.50 -16.91
C GLN A 1425 -4.95 1.21 -17.35
N LEU A 1426 -4.50 0.07 -16.82
CA LEU A 1426 -5.12 -1.21 -17.18
C LEU A 1426 -6.57 -1.27 -16.73
N ARG A 1427 -6.87 -0.74 -15.55
CA ARG A 1427 -8.25 -0.72 -15.05
C ARG A 1427 -9.16 0.04 -16.01
N PHE A 1428 -8.69 1.19 -16.51
CA PHE A 1428 -9.48 1.97 -17.46
C PHE A 1428 -9.60 1.26 -18.80
N ARG A 1429 -8.48 0.75 -19.32
CA ARG A 1429 -8.46 0.16 -20.65
C ARG A 1429 -9.18 -1.19 -20.72
N MET A 1430 -9.45 -1.83 -19.57
CA MET A 1430 -10.18 -3.09 -19.61
C MET A 1430 -11.59 -2.93 -20.17
N GLN A 1431 -12.18 -1.74 -20.02
CA GLN A 1431 -13.51 -1.50 -20.57
C GLN A 1431 -13.52 -1.68 -22.08
N ALA A 1432 -12.50 -1.16 -22.76
CA ALA A 1432 -12.37 -1.39 -24.20
C ALA A 1432 -11.85 -2.78 -24.51
N LYS A 1433 -10.96 -3.32 -23.67
CA LYS A 1433 -10.39 -4.65 -23.91
C LYS A 1433 -11.43 -5.76 -23.78
N GLN A 1434 -12.57 -5.48 -23.14
CA GLN A 1434 -13.59 -6.50 -22.95
C GLN A 1434 -14.04 -7.09 -24.27
N HIS A 1435 -14.29 -6.24 -25.27
CA HIS A 1435 -14.81 -6.69 -26.55
C HIS A 1435 -13.71 -7.01 -27.57
N MET A 1436 -12.45 -6.92 -27.18
CA MET A 1436 -11.34 -7.20 -28.08
C MET A 1436 -10.78 -8.60 -27.82
N LYS A 1437 -9.86 -9.01 -28.69
CA LYS A 1437 -9.27 -10.34 -28.62
C LYS A 1437 -8.15 -10.35 -27.60
N VAL A 1438 -8.38 -11.00 -26.46
CA VAL A 1438 -7.36 -11.09 -25.41
C VAL A 1438 -7.10 -12.54 -25.05
N CYS A 1439 -8.09 -13.41 -25.27
CA CYS A 1439 -7.92 -14.82 -24.95
C CYS A 1439 -7.12 -15.53 -26.04
N ARG A 1440 -6.60 -16.71 -25.69
CA ARG A 1440 -5.79 -17.50 -26.59
C ARG A 1440 -6.54 -18.77 -26.96
N LEU A 1441 -6.70 -19.01 -28.26
CA LEU A 1441 -7.41 -20.17 -28.79
C LEU A 1441 -6.61 -20.75 -29.94
N ASP A 1442 -6.11 -21.97 -29.77
CA ASP A 1442 -5.37 -22.68 -30.81
C ASP A 1442 -4.20 -21.84 -31.33
N GLY A 1443 -3.54 -21.13 -30.41
CA GLY A 1443 -2.43 -20.29 -30.79
C GLY A 1443 -2.79 -19.01 -31.50
N GLU A 1444 -4.03 -18.54 -31.34
CA GLU A 1444 -4.48 -17.31 -31.98
C GLU A 1444 -5.20 -16.43 -30.96
N TRP A 1445 -5.04 -15.12 -31.13
CA TRP A 1445 -5.69 -14.17 -30.23
C TRP A 1445 -7.15 -14.01 -30.64
N VAL A 1446 -8.07 -14.41 -29.75
CA VAL A 1446 -9.50 -14.36 -30.02
C VAL A 1446 -10.22 -13.83 -28.79
N THR A 1447 -11.47 -13.42 -28.99
CA THR A 1447 -12.28 -12.86 -27.93
C THR A 1447 -12.82 -13.96 -27.02
N PHE A 1448 -13.48 -13.55 -25.95
CA PHE A 1448 -14.04 -14.48 -24.97
C PHE A 1448 -15.33 -15.12 -25.48
N ARG A 1449 -16.15 -14.38 -26.22
CA ARG A 1449 -17.40 -14.93 -26.73
C ARG A 1449 -17.13 -16.07 -27.71
N GLU A 1450 -16.14 -15.90 -28.58
CA GLU A 1450 -15.76 -16.98 -29.48
C GLU A 1450 -15.23 -18.18 -28.71
N VAL A 1451 -14.52 -17.95 -27.61
CA VAL A 1451 -14.05 -19.05 -26.78
C VAL A 1451 -15.24 -19.80 -26.19
N LEU A 1452 -16.25 -19.09 -25.72
CA LEU A 1452 -17.43 -19.75 -25.17
C LEU A 1452 -18.18 -20.54 -26.25
N ALA A 1453 -18.29 -19.97 -27.45
CA ALA A 1453 -18.95 -20.69 -28.53
C ALA A 1453 -18.19 -21.96 -28.90
N ALA A 1454 -16.85 -21.88 -28.95
CA ALA A 1454 -16.04 -23.05 -29.19
C ALA A 1454 -16.20 -24.08 -28.08
N ALA A 1455 -16.35 -23.61 -26.84
CA ALA A 1455 -16.59 -24.52 -25.73
C ALA A 1455 -17.91 -25.26 -25.91
N ASN A 1456 -18.96 -24.54 -26.30
CA ASN A 1456 -20.25 -25.17 -26.55
C ASN A 1456 -20.12 -26.23 -27.64
N SER A 1457 -19.48 -25.87 -28.76
CA SER A 1457 -19.37 -26.81 -29.88
C SER A 1457 -18.56 -28.04 -29.49
N PHE A 1458 -17.42 -27.83 -28.82
CA PHE A 1458 -16.54 -28.94 -28.48
C PHE A 1458 -17.19 -29.86 -27.45
N ALA A 1459 -17.88 -29.29 -26.45
CA ALA A 1459 -18.57 -30.10 -25.47
C ALA A 1459 -19.71 -30.89 -26.12
N GLU A 1460 -20.43 -30.27 -27.07
CA GLU A 1460 -21.48 -31.00 -27.77
C GLU A 1460 -20.89 -32.12 -28.62
N ASN A 1461 -19.68 -31.94 -29.14
CA ASN A 1461 -19.02 -32.97 -29.94
C ASN A 1461 -18.04 -33.82 -29.14
N TYR A 1462 -17.97 -33.64 -27.82
CA TYR A 1462 -17.01 -34.38 -27.01
C TYR A 1462 -17.55 -35.76 -26.67
N SER A 1463 -16.65 -36.74 -26.63
CA SER A 1463 -16.97 -38.11 -26.23
C SER A 1463 -15.96 -38.58 -25.20
N ALA A 1464 -16.44 -39.31 -24.20
CA ALA A 1464 -15.59 -39.71 -23.09
C ALA A 1464 -14.54 -40.73 -23.53
N THR A 1465 -13.36 -40.63 -22.92
CA THR A 1465 -12.27 -41.57 -23.15
C THR A 1465 -11.80 -42.13 -21.81
N SER A 1466 -11.11 -43.27 -21.88
CA SER A 1466 -10.66 -43.96 -20.67
C SER A 1466 -9.65 -43.13 -19.89
N GLN A 1467 -8.69 -42.52 -20.59
CA GLN A 1467 -7.64 -41.77 -19.91
C GLN A 1467 -8.21 -40.56 -19.17
N ASP A 1468 -9.15 -39.85 -19.79
CA ASP A 1468 -9.77 -38.71 -19.13
C ASP A 1468 -10.53 -39.14 -17.89
N MET A 1469 -11.26 -40.26 -17.97
CA MET A 1469 -11.98 -40.77 -16.82
C MET A 1469 -11.03 -41.14 -15.70
N ASP A 1470 -9.92 -41.81 -16.03
CA ASP A 1470 -8.95 -42.18 -15.01
C ASP A 1470 -8.34 -40.95 -14.35
N LEU A 1471 -8.01 -39.93 -15.15
CA LEU A 1471 -7.48 -38.69 -14.59
C LEU A 1471 -8.48 -38.04 -13.65
N PHE A 1472 -9.76 -38.02 -14.04
CA PHE A 1472 -10.77 -37.42 -13.18
C PHE A 1472 -10.94 -38.17 -11.88
N GLN A 1473 -10.96 -39.51 -11.93
CA GLN A 1473 -11.05 -40.28 -10.69
C GLN A 1473 -9.85 -40.02 -9.79
N THR A 1474 -8.65 -39.98 -10.37
CA THR A 1474 -7.47 -39.71 -9.56
C THR A 1474 -7.53 -38.33 -8.92
N LEU A 1475 -7.92 -37.32 -9.70
CA LEU A 1475 -7.99 -35.96 -9.16
C LEU A 1475 -9.02 -35.86 -8.05
N THR A 1476 -10.21 -36.43 -8.26
CA THR A 1476 -11.26 -36.36 -7.25
C THR A 1476 -10.89 -37.14 -5.99
N SER A 1477 -10.17 -38.25 -6.14
CA SER A 1477 -9.78 -39.03 -4.96
C SER A 1477 -8.63 -38.40 -4.20
N CYS A 1478 -7.71 -37.73 -4.90
CA CYS A 1478 -6.52 -37.21 -4.24
C CYS A 1478 -6.68 -35.77 -3.76
N THR A 1479 -7.61 -35.01 -4.35
CA THR A 1479 -7.82 -33.63 -3.93
C THR A 1479 -8.64 -33.57 -2.64
N ALA A 1485 -12.62 -31.71 0.19
CA ALA A 1485 -12.74 -32.54 1.38
C ALA A 1485 -12.95 -31.69 2.62
N TRP A 1486 -12.38 -30.48 2.60
CA TRP A 1486 -12.52 -29.58 3.74
C TRP A 1486 -13.91 -28.95 3.81
N LYS A 1487 -14.66 -28.97 2.71
CA LYS A 1487 -16.01 -28.43 2.73
C LYS A 1487 -16.92 -29.21 3.66
N ASP A 1488 -16.79 -30.54 3.68
CA ASP A 1488 -17.65 -31.37 4.51
C ASP A 1488 -17.46 -31.05 5.99
N PHE A 1489 -16.22 -30.83 6.41
CA PHE A 1489 -15.96 -30.51 7.81
C PHE A 1489 -16.54 -29.16 8.18
N LEU A 1490 -16.51 -28.19 7.25
CA LEU A 1490 -17.00 -26.85 7.55
C LEU A 1490 -18.49 -26.86 7.87
N ASN A 1491 -19.29 -27.51 7.02
CA ASN A 1491 -20.73 -27.58 7.22
C ASN A 1491 -21.17 -28.79 8.02
N GLY A 1492 -20.26 -29.71 8.31
CA GLY A 1492 -20.61 -30.91 9.07
C GLY A 1492 -20.69 -30.66 10.56
N ILE A 1493 -19.90 -29.72 11.05
CA ILE A 1493 -19.91 -29.44 12.49
C ILE A 1493 -21.20 -28.72 12.87
N HIS A 1494 -21.55 -28.83 14.14
CA HIS A 1494 -22.77 -28.23 14.67
C HIS A 1494 -22.47 -26.93 15.39
N CYS A 1495 -23.49 -26.08 15.50
CA CYS A 1495 -23.38 -24.80 16.17
C CYS A 1495 -24.65 -24.54 16.98
N ASP A 1496 -24.48 -23.84 18.10
CA ASP A 1496 -25.60 -23.45 18.93
C ASP A 1496 -25.18 -22.25 19.78
N VAL A 1497 -26.16 -21.41 20.11
CA VAL A 1497 -25.90 -20.18 20.84
C VAL A 1497 -25.78 -20.51 22.33
N ILE A 1498 -24.57 -20.40 22.87
CA ILE A 1498 -24.38 -20.56 24.30
C ILE A 1498 -25.07 -19.40 25.03
N PRO A 1499 -25.78 -19.65 26.14
CA PRO A 1499 -26.43 -18.55 26.85
C PRO A 1499 -25.41 -17.62 27.53
N THR A 1500 -24.57 -16.98 26.73
CA THR A 1500 -23.58 -16.05 27.24
C THR A 1500 -23.28 -15.00 26.16
N LYS A 1501 -23.28 -13.73 26.54
CA LYS A 1501 -22.96 -12.68 25.60
C LYS A 1501 -21.48 -12.73 25.22
N GLN A 1502 -21.19 -12.41 23.96
CA GLN A 1502 -19.82 -12.49 23.48
C GLN A 1502 -18.96 -11.43 24.15
N VAL A 1503 -17.78 -11.84 24.61
CA VAL A 1503 -16.82 -10.96 25.26
C VAL A 1503 -15.55 -10.93 24.42
N GLN A 1504 -15.02 -9.74 24.22
CA GLN A 1504 -13.81 -9.56 23.42
C GLN A 1504 -12.57 -9.66 24.30
N ARG A 1505 -11.60 -10.45 23.86
CA ARG A 1505 -10.34 -10.63 24.56
C ARG A 1505 -9.21 -9.95 23.81
N ALA A 1506 -8.08 -9.80 24.48
CA ALA A 1506 -6.90 -9.20 23.88
C ALA A 1506 -6.42 -10.05 22.70
N LYS A 1507 -6.59 -9.53 21.49
CA LYS A 1507 -6.24 -10.31 20.30
C LYS A 1507 -4.73 -10.50 20.19
N VAL A 1508 -4.33 -11.70 19.75
CA VAL A 1508 -2.95 -12.07 19.53
C VAL A 1508 -2.82 -12.62 18.12
N ALA A 1509 -1.62 -13.09 17.78
CA ALA A 1509 -1.36 -13.61 16.45
C ALA A 1509 -0.87 -15.06 16.55
N ARG A 1510 -1.38 -15.90 15.66
CA ARG A 1510 -0.91 -17.28 15.55
C ARG A 1510 -0.34 -17.53 14.15
N THR A 1511 0.06 -18.76 13.90
CA THR A 1511 0.67 -19.14 12.63
C THR A 1511 0.03 -20.42 12.12
N PHE A 1512 0.15 -20.63 10.81
CA PHE A 1512 -0.41 -21.81 10.17
C PHE A 1512 0.39 -23.04 10.58
N THR A 1513 -0.25 -23.94 11.31
CA THR A 1513 0.41 -25.14 11.79
C THR A 1513 -0.60 -26.24 12.12
N SER A 1524 15.43 -27.48 -2.80
CA SER A 1524 14.29 -26.77 -3.37
C SER A 1524 13.51 -27.66 -4.34
N ILE A 1525 12.19 -27.54 -4.32
CA ILE A 1525 11.32 -28.33 -5.20
C ILE A 1525 11.60 -28.06 -6.68
N PRO A 1526 11.84 -26.83 -7.15
CA PRO A 1526 12.11 -26.68 -8.60
C PRO A 1526 13.34 -27.42 -9.06
N ALA A 1527 14.34 -27.57 -8.19
CA ALA A 1527 15.60 -28.18 -8.59
C ALA A 1527 15.41 -29.64 -8.99
N VAL A 1528 14.61 -30.40 -8.23
CA VAL A 1528 14.41 -31.80 -8.54
C VAL A 1528 13.68 -31.95 -9.88
N ILE A 1529 12.76 -31.03 -10.18
CA ILE A 1529 12.13 -31.03 -11.50
C ILE A 1529 13.15 -30.64 -12.56
N GLY A 1530 14.04 -29.71 -12.24
CA GLY A 1530 15.13 -29.40 -13.15
C GLY A 1530 16.07 -30.57 -13.35
N TYR A 1531 16.29 -31.35 -12.29
CA TYR A 1531 17.06 -32.59 -12.41
C TYR A 1531 16.36 -33.57 -13.34
N LYS A 1532 15.03 -33.66 -13.25
CA LYS A 1532 14.29 -34.66 -14.01
C LYS A 1532 14.52 -34.49 -15.51
N PHE A 1533 14.51 -33.26 -16.01
CA PHE A 1533 14.69 -32.99 -17.42
C PHE A 1533 16.12 -32.63 -17.79
N ALA A 1534 17.05 -32.67 -16.84
CA ALA A 1534 18.44 -32.33 -17.15
C ALA A 1534 19.05 -33.39 -18.06
N VAL A 1535 19.62 -32.94 -19.18
CA VAL A 1535 20.21 -33.85 -20.15
C VAL A 1535 21.65 -33.43 -20.45
N THR A 1536 21.83 -32.17 -20.83
CA THR A 1536 23.15 -31.68 -21.21
C THR A 1536 24.00 -31.43 -19.97
N VAL A 1537 25.32 -31.40 -20.18
CA VAL A 1537 26.24 -31.15 -19.08
C VAL A 1537 26.05 -29.74 -18.51
N GLU A 1538 25.75 -28.77 -19.38
CA GLU A 1538 25.50 -27.41 -18.92
C GLU A 1538 24.26 -27.35 -18.03
N GLU A 1539 23.17 -27.98 -18.47
CA GLU A 1539 21.95 -28.01 -17.67
C GLU A 1539 22.15 -28.77 -16.36
N MET A 1540 22.91 -29.87 -16.42
CA MET A 1540 23.21 -30.62 -15.20
C MET A 1540 24.01 -29.78 -14.21
N SER A 1541 25.01 -29.05 -14.69
CA SER A 1541 25.79 -28.17 -13.82
C SER A 1541 24.91 -27.06 -13.24
N ASP A 1542 24.03 -26.49 -14.07
CA ASP A 1542 23.17 -25.42 -13.58
C ASP A 1542 22.22 -25.92 -12.50
N VAL A 1543 21.62 -27.09 -12.70
CA VAL A 1543 20.70 -27.61 -11.68
C VAL A 1543 21.46 -28.05 -10.44
N LEU A 1544 22.71 -28.52 -10.60
CA LEU A 1544 23.50 -28.86 -9.43
C LEU A 1544 23.83 -27.62 -8.60
N ASP A 1545 24.21 -26.53 -9.27
CA ASP A 1545 24.51 -25.29 -8.55
C ASP A 1545 23.27 -24.68 -7.92
N THR A 1546 22.12 -24.77 -8.60
CA THR A 1546 20.90 -24.16 -8.10
C THR A 1546 20.45 -24.80 -6.78
N ALA A 1547 20.54 -26.11 -6.68
CA ALA A 1547 20.01 -26.83 -5.53
C ALA A 1547 20.79 -26.48 -4.26
N LYS A 1548 20.05 -26.31 -3.16
CA LYS A 1548 20.69 -26.10 -1.86
C LYS A 1548 21.52 -27.32 -1.46
N PHE A 1549 20.96 -28.52 -1.65
CA PHE A 1549 21.70 -29.75 -1.43
C PHE A 1549 22.30 -30.22 -2.76
N PRO A 1550 23.63 -30.25 -2.90
CA PRO A 1550 24.21 -30.54 -4.22
C PRO A 1550 23.87 -31.92 -4.76
N ASP A 1551 24.19 -32.99 -4.01
CA ASP A 1551 24.10 -34.34 -4.53
C ASP A 1551 22.95 -35.14 -3.94
N SER A 1552 22.07 -34.50 -3.17
CA SER A 1552 20.91 -35.20 -2.60
C SER A 1552 19.73 -35.26 -3.54
N LEU A 1553 19.77 -34.51 -4.65
CA LEU A 1553 18.59 -34.33 -5.51
C LEU A 1553 17.96 -35.66 -5.88
N SER A 1554 18.79 -36.60 -6.36
CA SER A 1554 18.30 -37.92 -6.73
C SER A 1554 17.38 -38.48 -5.66
N VAL A 1555 17.90 -38.62 -4.44
CA VAL A 1555 17.09 -39.18 -3.36
C VAL A 1555 15.81 -38.38 -3.18
N ASP A 1556 15.96 -37.05 -3.11
CA ASP A 1556 14.79 -36.18 -2.96
C ASP A 1556 13.78 -36.45 -4.07
N LEU A 1557 14.26 -36.53 -5.31
CA LEU A 1557 13.37 -36.80 -6.43
C LEU A 1557 12.55 -38.06 -6.17
N LYS A 1558 13.23 -39.15 -5.78
CA LYS A 1558 12.51 -40.38 -5.50
C LYS A 1558 11.46 -40.15 -4.43
N THR A 1559 11.86 -39.51 -3.32
CA THR A 1559 10.90 -39.22 -2.27
C THR A 1559 9.75 -38.39 -2.81
N MET A 1560 10.07 -37.37 -3.61
CA MET A 1560 9.01 -36.55 -4.18
C MET A 1560 8.08 -37.39 -5.04
N LYS A 1561 8.64 -38.33 -5.80
CA LYS A 1561 7.81 -39.23 -6.59
C LYS A 1561 6.83 -39.96 -5.69
N ASP A 1562 7.32 -40.47 -4.55
CA ASP A 1562 6.43 -41.13 -3.60
C ASP A 1562 5.32 -40.19 -3.16
N GLY A 1563 5.68 -38.94 -2.86
CA GLY A 1563 4.66 -37.96 -2.52
C GLY A 1563 3.63 -37.82 -3.62
N VAL A 1564 4.11 -37.74 -4.87
CA VAL A 1564 3.17 -37.68 -5.99
C VAL A 1564 2.27 -38.90 -5.98
N TYR A 1565 2.85 -40.08 -5.75
CA TYR A 1565 2.05 -41.29 -5.73
C TYR A 1565 1.09 -41.29 -4.55
N ARG A 1566 1.44 -40.59 -3.47
CA ARG A 1566 0.48 -40.42 -2.39
C ARG A 1566 -0.67 -39.52 -2.81
N GLU A 1567 -0.38 -38.52 -3.62
CA GLU A 1567 -1.40 -37.58 -4.08
C GLU A 1567 -1.61 -37.68 -5.59
N SER A 1573 5.86 -38.97 -12.91
CA SER A 1573 6.87 -39.73 -13.64
C SER A 1573 6.89 -39.34 -15.11
N LEU A 1574 5.71 -39.34 -15.73
CA LEU A 1574 5.61 -38.95 -17.12
C LEU A 1574 5.92 -37.46 -17.27
N PRO A 1575 6.55 -37.06 -18.39
CA PRO A 1575 6.82 -35.63 -18.59
C PRO A 1575 5.56 -34.77 -18.58
N ASP A 1576 4.47 -35.24 -19.19
CA ASP A 1576 3.25 -34.45 -19.25
C ASP A 1576 2.68 -34.22 -17.85
N VAL A 1577 2.55 -35.29 -17.06
CA VAL A 1577 1.99 -35.15 -15.73
C VAL A 1577 2.92 -34.33 -14.84
N MET A 1578 4.23 -34.47 -15.04
CA MET A 1578 5.17 -33.68 -14.24
C MET A 1578 5.03 -32.19 -14.53
N LYS A 1579 5.00 -31.82 -15.82
CA LYS A 1579 4.84 -30.42 -16.18
C LYS A 1579 3.50 -29.87 -15.70
N ARG A 1580 2.44 -30.67 -15.79
CA ARG A 1580 1.12 -30.16 -15.39
C ARG A 1580 0.99 -30.05 -13.89
N ILE A 1581 1.62 -30.95 -13.12
CA ILE A 1581 1.61 -30.82 -11.66
C ILE A 1581 2.45 -29.62 -11.22
N ALA A 1582 3.64 -29.48 -11.80
CA ALA A 1582 4.53 -28.35 -11.51
C ALA A 1582 4.82 -28.23 -10.01
N ARG A 1592 1.66 -18.18 7.03
CA ARG A 1592 0.37 -17.53 7.27
C ARG A 1592 0.22 -17.15 8.74
N VAL A 1593 0.03 -15.85 8.98
CA VAL A 1593 -0.22 -15.33 10.32
C VAL A 1593 -1.63 -14.75 10.35
N VAL A 1594 -2.41 -15.18 11.34
CA VAL A 1594 -3.79 -14.74 11.49
C VAL A 1594 -3.96 -14.15 12.88
N ILE A 1595 -4.72 -13.05 12.97
CA ILE A 1595 -4.95 -12.35 14.22
C ILE A 1595 -6.13 -12.99 14.92
N VAL A 1596 -5.78 -13.87 15.85
CA VAL A 1596 -6.82 -14.65 16.59
C VAL A 1596 -7.17 -13.90 17.84
N GLN A 1597 -7.99 -14.47 18.69
CA GLN A 1597 -8.28 -13.85 19.99
C GLN A 1597 -7.27 -14.48 20.92
N GLY A 1598 -7.26 -14.10 22.20
CA GLY A 1598 -6.19 -14.60 23.08
C GLY A 1598 -6.21 -16.11 23.27
N ASN A 1599 -7.38 -16.68 23.50
CA ASN A 1599 -7.49 -18.13 23.83
C ASN A 1599 -7.10 -19.06 22.71
N VAL A 1600 -7.35 -18.69 21.46
CA VAL A 1600 -7.20 -19.69 20.37
C VAL A 1600 -5.82 -20.29 20.24
N GLU A 1601 -5.79 -21.57 19.90
CA GLU A 1601 -4.52 -22.30 19.69
C GLU A 1601 -3.89 -21.84 18.38
N GLY A 1602 -2.83 -22.53 17.95
CA GLY A 1602 -2.17 -22.18 16.71
C GLY A 1602 -2.21 -23.30 15.67
N THR A 1603 -3.07 -24.28 15.88
CA THR A 1603 -3.19 -25.40 14.95
C THR A 1603 -3.90 -24.96 13.67
N ALA A 1604 -3.61 -25.67 12.57
CA ALA A 1604 -4.21 -25.34 11.28
C ALA A 1604 -5.72 -25.55 11.28
N GLU A 1605 -6.25 -26.30 12.24
CA GLU A 1605 -7.69 -26.44 12.40
C GLU A 1605 -8.23 -25.60 13.55
N ALA A 1606 -7.39 -25.23 14.50
CA ALA A 1606 -7.83 -24.35 15.59
C ALA A 1606 -8.23 -22.98 15.07
N ILE A 1607 -7.46 -22.46 14.10
CA ILE A 1607 -7.83 -21.17 13.52
C ILE A 1607 -9.13 -21.26 12.74
N CYS A 1608 -9.37 -22.40 12.07
CA CYS A 1608 -10.64 -22.61 11.40
C CYS A 1608 -11.79 -22.66 12.40
N ARG A 1609 -11.57 -23.33 13.54
CA ARG A 1609 -12.60 -23.34 14.58
C ARG A 1609 -12.86 -21.94 15.13
N TYR A 1610 -11.79 -21.14 15.29
CA TYR A 1610 -11.98 -19.77 15.74
C TYR A 1610 -12.75 -18.95 14.71
N TRP A 1611 -12.46 -19.14 13.42
CA TRP A 1611 -13.20 -18.46 12.38
C TRP A 1611 -14.68 -18.86 12.40
N LEU A 1612 -14.95 -20.14 12.65
CA LEU A 1612 -16.32 -20.58 12.87
C LEU A 1612 -16.96 -19.86 14.05
N LYS A 1613 -16.18 -19.68 15.12
CA LYS A 1613 -16.67 -18.94 16.29
C LYS A 1613 -17.01 -17.49 15.92
N SER A 1614 -16.20 -16.88 15.07
CA SER A 1614 -16.27 -15.44 14.82
C SER A 1614 -17.34 -15.06 13.79
N MET A 1615 -18.04 -16.02 13.20
CA MET A 1615 -19.09 -15.67 12.26
C MET A 1615 -20.20 -14.87 12.92
N SER A 1616 -20.57 -15.24 14.15
CA SER A 1616 -21.49 -14.44 14.93
C SER A 1616 -20.73 -13.33 15.64
N LEU A 1617 -21.27 -12.11 15.57
CA LEU A 1617 -20.59 -10.94 16.10
C LEU A 1617 -21.01 -10.57 17.52
N VAL A 1618 -22.18 -11.01 17.97
CA VAL A 1618 -22.70 -10.56 19.26
C VAL A 1618 -23.07 -11.76 20.13
N LYS A 1619 -22.96 -12.96 19.58
CA LYS A 1619 -23.37 -14.18 20.28
C LYS A 1619 -22.29 -15.24 20.18
N THR A 1620 -22.00 -15.89 21.30
CA THR A 1620 -21.07 -17.00 21.31
C THR A 1620 -21.72 -18.25 20.73
N ILE A 1621 -20.92 -19.08 20.06
CA ILE A 1621 -21.38 -20.34 19.51
C ILE A 1621 -20.46 -21.46 19.98
N ARG A 1622 -20.96 -22.68 19.92
CA ARG A 1622 -20.23 -23.86 20.36
C ARG A 1622 -20.18 -24.89 19.24
N VAL A 1623 -19.02 -25.52 19.08
CA VAL A 1623 -18.84 -26.55 18.06
C VAL A 1623 -18.73 -27.92 18.73
#